data_8QAF
# 
_entry.id   8QAF 
# 
_audit_conform.dict_name       mmcif_pdbx.dic 
_audit_conform.dict_version    5.395 
_audit_conform.dict_location   http://mmcif.pdb.org/dictionaries/ascii/mmcif_pdbx.dic 
# 
loop_
_database_2.database_id 
_database_2.database_code 
_database_2.pdbx_database_accession 
_database_2.pdbx_DOI 
PDB   8QAF         pdb_00008qaf 10.2210/pdb8qaf/pdb 
WWPDB D_1292132825 ?            ?                   
# 
loop_
_pdbx_audit_revision_history.ordinal 
_pdbx_audit_revision_history.data_content_type 
_pdbx_audit_revision_history.major_revision 
_pdbx_audit_revision_history.minor_revision 
_pdbx_audit_revision_history.revision_date 
1 'Structure model' 1 0 2024-07-03 
2 'Structure model' 1 1 2024-08-07 
# 
_pdbx_audit_revision_details.ordinal             1 
_pdbx_audit_revision_details.revision_ordinal    1 
_pdbx_audit_revision_details.data_content_type   'Structure model' 
_pdbx_audit_revision_details.provider            repository 
_pdbx_audit_revision_details.type                'Initial release' 
_pdbx_audit_revision_details.description         ? 
_pdbx_audit_revision_details.details             ? 
# 
_pdbx_audit_revision_group.ordinal             1 
_pdbx_audit_revision_group.revision_ordinal    2 
_pdbx_audit_revision_group.data_content_type   'Structure model' 
_pdbx_audit_revision_group.group               'Database references' 
# 
_pdbx_audit_revision_category.ordinal             1 
_pdbx_audit_revision_category.revision_ordinal    2 
_pdbx_audit_revision_category.data_content_type   'Structure model' 
_pdbx_audit_revision_category.category            citation 
# 
loop_
_pdbx_audit_revision_item.ordinal 
_pdbx_audit_revision_item.revision_ordinal 
_pdbx_audit_revision_item.data_content_type 
_pdbx_audit_revision_item.item 
1 2 'Structure model' '_citation.journal_volume' 
2 2 'Structure model' '_citation.page_first'     
3 2 'Structure model' '_citation.page_last'      
# 
_pdbx_database_status.status_code                     REL 
_pdbx_database_status.status_code_sf                  REL 
_pdbx_database_status.status_code_mr                  ? 
_pdbx_database_status.entry_id                        8QAF 
_pdbx_database_status.recvd_initial_deposition_date   2023-08-22 
_pdbx_database_status.SG_entry                        N 
_pdbx_database_status.deposit_site                    PDBE 
_pdbx_database_status.process_site                    PDBE 
_pdbx_database_status.status_code_cs                  ? 
_pdbx_database_status.status_code_nmr_data            ? 
_pdbx_database_status.methods_development_category    ? 
_pdbx_database_status.pdb_format_compatible           Y 
# 
_pdbx_contact_author.id                 2 
_pdbx_contact_author.email              d.n.woolfson@bristol.ac.uk 
_pdbx_contact_author.name_first         Derek 
_pdbx_contact_author.name_last          Woolfson 
_pdbx_contact_author.name_mi            N 
_pdbx_contact_author.role               'principal investigator/group leader' 
_pdbx_contact_author.identifier_ORCID   0000-0002-0394-3202 
# 
loop_
_audit_author.name 
_audit_author.pdbx_ordinal 
_audit_author.identifier_ORCID 
'Albanese, K.I.' 1 0000-0002-2336-1621 
'Petrenas, R.'   2 0000-0002-2997-7187 
'Woolfson, D.N.' 3 0000-0003-2710-6879 
# 
_citation.abstract                  ? 
_citation.abstract_id_CAS           ? 
_citation.book_id_ISBN              ? 
_citation.book_publisher            ? 
_citation.book_publisher_city       ? 
_citation.book_title                ? 
_citation.coordinate_linkage        ? 
_citation.country                   US 
_citation.database_id_Medline       ? 
_citation.details                   ? 
_citation.id                        primary 
_citation.journal_abbrev            Nat.Chem.Biol. 
_citation.journal_id_ASTM           ? 
_citation.journal_id_CSD            ? 
_citation.journal_id_ISSN           1552-4469 
_citation.journal_full              ? 
_citation.journal_issue             ? 
_citation.journal_volume            20 
_citation.language                  ? 
_citation.page_first                991 
_citation.page_last                 999 
_citation.title                     'Rationally seeded computational protein design of &#593;-helical barrels.' 
_citation.year                      2024 
_citation.database_id_CSD           ? 
_citation.pdbx_database_id_DOI      10.1038/s41589-024-01642-0 
_citation.pdbx_database_id_PubMed   38902458 
_citation.pdbx_database_id_patent   ? 
_citation.unpublished_flag          ? 
# 
loop_
_citation_author.citation_id 
_citation_author.name 
_citation_author.ordinal 
_citation_author.identifier_ORCID 
primary 'Albanese, K.I.' 1  ?                   
primary 'Petrenas, R.'   2  ?                   
primary 'Pirro, F.'      3  ?                   
primary 'Naudin, E.A.'   4  0000-0002-1318-3366 
primary 'Borucu, U.'     5  ?                   
primary 'Dawson, W.M.'   6  0000-0003-2710-6879 
primary 'Scott, D.A.'    7  ?                   
primary 'Leggett, G.J.'  8  ?                   
primary 'Weiner, O.D.'   9  0000-0002-1778-6543 
primary 'Oliver, T.A.A.' 10 ?                   
primary 'Woolfson, D.N.' 11 0000-0002-0394-3202 
# 
loop_
_entity.id 
_entity.type 
_entity.src_method 
_entity.pdbx_description 
_entity.formula_weight 
_entity.pdbx_number_of_molecules 
_entity.pdbx_ec 
_entity.pdbx_mutation 
_entity.pdbx_fragment 
_entity.details 
1 polymer man sc-apCC-8 9621.400 1  ? ? ? ? 
2 water   nat water     18.015   14 ? ? ? ? 
# 
_entity_poly.entity_id                      1 
_entity_poly.type                           'polypeptide(L)' 
_entity_poly.nstd_linkage                   no 
_entity_poly.nstd_monomer                   no 
_entity_poly.pdbx_seq_one_letter_code       
;MGSSHHHHHHSSGLVPRGSHMMAIEEIAQAIEEIAKAIKKIAWAIKKIAQQVKDPELKAAIEEIAQAIEEIAKAIKKIAW
AIKKIAK
;
_entity_poly.pdbx_seq_one_letter_code_can   
;MGSSHHHHHHSSGLVPRGSHMMAIEEIAQAIEEIAKAIKKIAWAIKKIAQQVKDPELKAAIEEIAQAIEEIAKAIKKIAW
AIKKIAK
;
_entity_poly.pdbx_strand_id                 A 
_entity_poly.pdbx_target_identifier         ? 
# 
_pdbx_entity_nonpoly.entity_id   2 
_pdbx_entity_nonpoly.name        water 
_pdbx_entity_nonpoly.comp_id     HOH 
# 
loop_
_entity_poly_seq.entity_id 
_entity_poly_seq.num 
_entity_poly_seq.mon_id 
_entity_poly_seq.hetero 
1 1  MET n 
1 2  GLY n 
1 3  SER n 
1 4  SER n 
1 5  HIS n 
1 6  HIS n 
1 7  HIS n 
1 8  HIS n 
1 9  HIS n 
1 10 HIS n 
1 11 SER n 
1 12 SER n 
1 13 GLY n 
1 14 LEU n 
1 15 VAL n 
1 16 PRO n 
1 17 ARG n 
1 18 GLY n 
1 19 SER n 
1 20 HIS n 
1 21 MET n 
1 22 MET n 
1 23 ALA n 
1 24 ILE n 
1 25 GLU n 
1 26 GLU n 
1 27 ILE n 
1 28 ALA n 
1 29 GLN n 
1 30 ALA n 
1 31 ILE n 
1 32 GLU n 
1 33 GLU n 
1 34 ILE n 
1 35 ALA n 
1 36 LYS n 
1 37 ALA n 
1 38 ILE n 
1 39 LYS n 
1 40 LYS n 
1 41 ILE n 
1 42 ALA n 
1 43 TRP n 
1 44 ALA n 
1 45 ILE n 
1 46 LYS n 
1 47 LYS n 
1 48 ILE n 
1 49 ALA n 
1 50 GLN n 
1 51 GLN n 
1 52 VAL n 
1 53 LYS n 
1 54 ASP n 
1 55 PRO n 
1 56 GLU n 
1 57 LEU n 
1 58 LYS n 
1 59 ALA n 
1 60 ALA n 
1 61 ILE n 
1 62 GLU n 
1 63 GLU n 
1 64 ILE n 
1 65 ALA n 
1 66 GLN n 
1 67 ALA n 
1 68 ILE n 
1 69 GLU n 
1 70 GLU n 
1 71 ILE n 
1 72 ALA n 
1 73 LYS n 
1 74 ALA n 
1 75 ILE n 
1 76 LYS n 
1 77 LYS n 
1 78 ILE n 
1 79 ALA n 
1 80 TRP n 
1 81 ALA n 
1 82 ILE n 
1 83 LYS n 
1 84 LYS n 
1 85 ILE n 
1 86 ALA n 
1 87 LYS n 
# 
_entity_src_gen.entity_id                          1 
_entity_src_gen.pdbx_src_id                        1 
_entity_src_gen.pdbx_alt_source_flag               sample 
_entity_src_gen.pdbx_seq_type                      'Biological sequence' 
_entity_src_gen.pdbx_beg_seq_num                   1 
_entity_src_gen.pdbx_end_seq_num                   87 
_entity_src_gen.gene_src_common_name               ? 
_entity_src_gen.gene_src_genus                     ? 
_entity_src_gen.pdbx_gene_src_gene                 ? 
_entity_src_gen.gene_src_species                   ? 
_entity_src_gen.gene_src_strain                    ? 
_entity_src_gen.gene_src_tissue                    ? 
_entity_src_gen.gene_src_tissue_fraction           ? 
_entity_src_gen.gene_src_details                   ? 
_entity_src_gen.pdbx_gene_src_fragment             ? 
_entity_src_gen.pdbx_gene_src_scientific_name      'synthetic construct' 
_entity_src_gen.pdbx_gene_src_ncbi_taxonomy_id     32630 
_entity_src_gen.pdbx_gene_src_variant              ? 
_entity_src_gen.pdbx_gene_src_cell_line            ? 
_entity_src_gen.pdbx_gene_src_atcc                 ? 
_entity_src_gen.pdbx_gene_src_organ                ? 
_entity_src_gen.pdbx_gene_src_organelle            ? 
_entity_src_gen.pdbx_gene_src_cell                 ? 
_entity_src_gen.pdbx_gene_src_cellular_location    ? 
_entity_src_gen.host_org_common_name               ? 
_entity_src_gen.pdbx_host_org_scientific_name      'Escherichia coli' 
_entity_src_gen.pdbx_host_org_ncbi_taxonomy_id     562 
_entity_src_gen.host_org_genus                     ? 
_entity_src_gen.pdbx_host_org_gene                 ? 
_entity_src_gen.pdbx_host_org_organ                ? 
_entity_src_gen.host_org_species                   ? 
_entity_src_gen.pdbx_host_org_tissue               ? 
_entity_src_gen.pdbx_host_org_tissue_fraction      ? 
_entity_src_gen.pdbx_host_org_strain               ? 
_entity_src_gen.pdbx_host_org_variant              ? 
_entity_src_gen.pdbx_host_org_cell_line            ? 
_entity_src_gen.pdbx_host_org_atcc                 ? 
_entity_src_gen.pdbx_host_org_culture_collection   ? 
_entity_src_gen.pdbx_host_org_cell                 ? 
_entity_src_gen.pdbx_host_org_organelle            ? 
_entity_src_gen.pdbx_host_org_cellular_location    ? 
_entity_src_gen.pdbx_host_org_vector_type          ? 
_entity_src_gen.pdbx_host_org_vector               ? 
_entity_src_gen.host_org_details                   ? 
_entity_src_gen.expression_system_id               ? 
_entity_src_gen.plasmid_name                       ? 
_entity_src_gen.plasmid_details                    ? 
_entity_src_gen.pdbx_description                   ? 
# 
loop_
_chem_comp.id 
_chem_comp.type 
_chem_comp.mon_nstd_flag 
_chem_comp.name 
_chem_comp.pdbx_synonyms 
_chem_comp.formula 
_chem_comp.formula_weight 
ALA 'L-peptide linking' y ALANINE         ? 'C3 H7 N O2'     89.093  
ARG 'L-peptide linking' y ARGININE        ? 'C6 H15 N4 O2 1' 175.209 
ASP 'L-peptide linking' y 'ASPARTIC ACID' ? 'C4 H7 N O4'     133.103 
GLN 'L-peptide linking' y GLUTAMINE       ? 'C5 H10 N2 O3'   146.144 
GLU 'L-peptide linking' y 'GLUTAMIC ACID' ? 'C5 H9 N O4'     147.129 
GLY 'peptide linking'   y GLYCINE         ? 'C2 H5 N O2'     75.067  
HIS 'L-peptide linking' y HISTIDINE       ? 'C6 H10 N3 O2 1' 156.162 
HOH non-polymer         . WATER           ? 'H2 O'           18.015  
ILE 'L-peptide linking' y ISOLEUCINE      ? 'C6 H13 N O2'    131.173 
LEU 'L-peptide linking' y LEUCINE         ? 'C6 H13 N O2'    131.173 
LYS 'L-peptide linking' y LYSINE          ? 'C6 H15 N2 O2 1' 147.195 
MET 'L-peptide linking' y METHIONINE      ? 'C5 H11 N O2 S'  149.211 
PRO 'L-peptide linking' y PROLINE         ? 'C5 H9 N O2'     115.130 
SER 'L-peptide linking' y SERINE          ? 'C3 H7 N O3'     105.093 
TRP 'L-peptide linking' y TRYPTOPHAN      ? 'C11 H12 N2 O2'  204.225 
VAL 'L-peptide linking' y VALINE          ? 'C5 H11 N O2'    117.146 
# 
loop_
_pdbx_poly_seq_scheme.asym_id 
_pdbx_poly_seq_scheme.entity_id 
_pdbx_poly_seq_scheme.seq_id 
_pdbx_poly_seq_scheme.mon_id 
_pdbx_poly_seq_scheme.ndb_seq_num 
_pdbx_poly_seq_scheme.pdb_seq_num 
_pdbx_poly_seq_scheme.auth_seq_num 
_pdbx_poly_seq_scheme.pdb_mon_id 
_pdbx_poly_seq_scheme.auth_mon_id 
_pdbx_poly_seq_scheme.pdb_strand_id 
_pdbx_poly_seq_scheme.pdb_ins_code 
_pdbx_poly_seq_scheme.hetero 
A 1 1  MET 1  -20 ?  ?   ?   A . n 
A 1 2  GLY 2  -19 ?  ?   ?   A . n 
A 1 3  SER 3  -18 ?  ?   ?   A . n 
A 1 4  SER 4  -17 ?  ?   ?   A . n 
A 1 5  HIS 5  -16 ?  ?   ?   A . n 
A 1 6  HIS 6  -15 ?  ?   ?   A . n 
A 1 7  HIS 7  -14 ?  ?   ?   A . n 
A 1 8  HIS 8  -13 ?  ?   ?   A . n 
A 1 9  HIS 9  -12 ?  ?   ?   A . n 
A 1 10 HIS 10 -11 ?  ?   ?   A . n 
A 1 11 SER 11 -10 ?  ?   ?   A . n 
A 1 12 SER 12 -9  ?  ?   ?   A . n 
A 1 13 GLY 13 -8  ?  ?   ?   A . n 
A 1 14 LEU 14 -7  ?  ?   ?   A . n 
A 1 15 VAL 15 -6  ?  ?   ?   A . n 
A 1 16 PRO 16 -5  ?  ?   ?   A . n 
A 1 17 ARG 17 -4  ?  ?   ?   A . n 
A 1 18 GLY 18 -3  ?  ?   ?   A . n 
A 1 19 SER 19 -2  ?  ?   ?   A . n 
A 1 20 HIS 20 -1  ?  ?   ?   A . n 
A 1 21 MET 21 0   0  MET GLY A . n 
A 1 22 MET 22 1   1  MET GLY A . n 
A 1 23 ALA 23 2   2  ALA ALA A . n 
A 1 24 ILE 24 3   3  ILE ILE A . n 
A 1 25 GLU 25 4   4  GLU GLU A . n 
A 1 26 GLU 26 5   5  GLU GLU A . n 
A 1 27 ILE 27 6   6  ILE ILE A . n 
A 1 28 ALA 28 7   7  ALA ALA A . n 
A 1 29 GLN 29 8   8  GLN GLN A . n 
A 1 30 ALA 30 9   9  ALA ALA A . n 
A 1 31 ILE 31 10  10 ILE ILE A . n 
A 1 32 GLU 32 11  11 GLU GLU A . n 
A 1 33 GLU 33 12  12 GLU GLU A . n 
A 1 34 ILE 34 13  13 ILE ILE A . n 
A 1 35 ALA 35 14  14 ALA ALA A . n 
A 1 36 LYS 36 15  15 LYS LYS A . n 
A 1 37 ALA 37 16  16 ALA ALA A . n 
A 1 38 ILE 38 17  17 ILE ILE A . n 
A 1 39 LYS 39 18  18 LYS LYS A . n 
A 1 40 LYS 40 19  19 LYS LYS A . n 
A 1 41 ILE 41 20  20 ILE ILE A . n 
A 1 42 ALA 42 21  21 ALA ALA A . n 
A 1 43 TRP 43 22  22 TRP TRP A . n 
A 1 44 ALA 44 23  23 ALA ALA A . n 
A 1 45 ILE 45 24  24 ILE ILE A . n 
A 1 46 LYS 46 25  25 LYS LYS A . n 
A 1 47 LYS 47 26  26 LYS LYS A . n 
A 1 48 ILE 48 27  27 ILE ILE A . n 
A 1 49 ALA 49 28  28 ALA ALA A . n 
A 1 50 GLN 50 29  29 GLN GLN A . n 
A 1 51 GLN 51 30  30 GLN GLY A . n 
A 1 52 VAL 52 31  ?  ?   ?   A . n 
A 1 53 LYS 53 32  ?  ?   ?   A . n 
A 1 54 ASP 54 33  ?  ?   ?   A . n 
A 1 55 PRO 55 34  ?  ?   ?   A . n 
A 1 56 GLU 56 35  ?  ?   ?   A . n 
A 1 57 LEU 57 36  ?  ?   ?   A . n 
A 1 58 LYS 58 37  37 LYS GLY A . n 
A 1 59 ALA 59 38  38 ALA ALA A . n 
A 1 60 ALA 60 39  39 ALA ALA A . n 
A 1 61 ILE 61 40  40 ILE ILE A . n 
A 1 62 GLU 62 41  41 GLU GLU A . n 
A 1 63 GLU 63 42  42 GLU GLU A . n 
A 1 64 ILE 64 43  43 ILE ILE A . n 
A 1 65 ALA 65 44  44 ALA ALA A . n 
A 1 66 GLN 66 45  45 GLN GLN A . n 
A 1 67 ALA 67 46  46 ALA ALA A . n 
A 1 68 ILE 68 47  47 ILE ILE A . n 
A 1 69 GLU 69 48  48 GLU GLU A . n 
A 1 70 GLU 70 49  49 GLU GLU A . n 
A 1 71 ILE 71 50  50 ILE ILE A . n 
A 1 72 ALA 72 51  51 ALA ALA A . n 
A 1 73 LYS 73 52  52 LYS LYS A . n 
A 1 74 ALA 74 53  53 ALA ALA A . n 
A 1 75 ILE 75 54  54 ILE ILE A . n 
A 1 76 LYS 76 55  55 LYS LYS A . n 
A 1 77 LYS 77 56  56 LYS LYS A . n 
A 1 78 ILE 78 57  57 ILE ILE A . n 
A 1 79 ALA 79 58  58 ALA ALA A . n 
A 1 80 TRP 80 59  59 TRP TRP A . n 
A 1 81 ALA 81 60  60 ALA ALA A . n 
A 1 82 ILE 82 61  61 ILE ILE A . n 
A 1 83 LYS 83 62  62 LYS LYS A . n 
A 1 84 LYS 84 63  63 LYS LYS A . n 
A 1 85 ILE 85 64  64 ILE ILE A . n 
A 1 86 ALA 86 65  ?  ?   ?   A . n 
A 1 87 LYS 87 66  ?  ?   ?   A . n 
# 
loop_
_pdbx_nonpoly_scheme.asym_id 
_pdbx_nonpoly_scheme.entity_id 
_pdbx_nonpoly_scheme.mon_id 
_pdbx_nonpoly_scheme.ndb_seq_num 
_pdbx_nonpoly_scheme.pdb_seq_num 
_pdbx_nonpoly_scheme.auth_seq_num 
_pdbx_nonpoly_scheme.pdb_mon_id 
_pdbx_nonpoly_scheme.auth_mon_id 
_pdbx_nonpoly_scheme.pdb_strand_id 
_pdbx_nonpoly_scheme.pdb_ins_code 
B 2 HOH 1  101 18 HOH HOH A . 
B 2 HOH 2  102 21 HOH HOH A . 
B 2 HOH 3  103 2  HOH HOH A . 
B 2 HOH 4  104 7  HOH HOH A . 
B 2 HOH 5  105 11 HOH HOH A . 
B 2 HOH 6  106 19 HOH HOH A . 
B 2 HOH 7  107 10 HOH HOH A . 
B 2 HOH 8  108 1  HOH HOH A . 
B 2 HOH 9  109 20 HOH HOH A . 
B 2 HOH 10 110 24 HOH HOH A . 
B 2 HOH 11 111 12 HOH HOH A . 
B 2 HOH 12 112 23 HOH HOH A . 
B 2 HOH 13 113 6  HOH HOH A . 
B 2 HOH 14 114 14 HOH HOH A . 
# 
loop_
_pdbx_unobs_or_zero_occ_atoms.id 
_pdbx_unobs_or_zero_occ_atoms.PDB_model_num 
_pdbx_unobs_or_zero_occ_atoms.polymer_flag 
_pdbx_unobs_or_zero_occ_atoms.occupancy_flag 
_pdbx_unobs_or_zero_occ_atoms.auth_asym_id 
_pdbx_unobs_or_zero_occ_atoms.auth_comp_id 
_pdbx_unobs_or_zero_occ_atoms.auth_seq_id 
_pdbx_unobs_or_zero_occ_atoms.PDB_ins_code 
_pdbx_unobs_or_zero_occ_atoms.auth_atom_id 
_pdbx_unobs_or_zero_occ_atoms.label_alt_id 
_pdbx_unobs_or_zero_occ_atoms.label_asym_id 
_pdbx_unobs_or_zero_occ_atoms.label_comp_id 
_pdbx_unobs_or_zero_occ_atoms.label_seq_id 
_pdbx_unobs_or_zero_occ_atoms.label_atom_id 
1  1 Y 1 A MET 0  ? CB  ? A MET 21 CB  
2  1 Y 1 A MET 0  ? CG  ? A MET 21 CG  
3  1 Y 1 A MET 0  ? SD  ? A MET 21 SD  
4  1 Y 1 A MET 0  ? CE  ? A MET 21 CE  
5  1 Y 1 A MET 1  ? CB  ? A MET 22 CB  
6  1 Y 1 A MET 1  ? CG  ? A MET 22 CG  
7  1 Y 1 A MET 1  ? SD  ? A MET 22 SD  
8  1 Y 1 A MET 1  ? CE  ? A MET 22 CE  
9  1 Y 1 A GLU 4  ? CG  ? A GLU 25 CG  
10 1 Y 1 A GLU 4  ? CD  ? A GLU 25 CD  
11 1 Y 1 A GLU 4  ? OE1 ? A GLU 25 OE1 
12 1 Y 1 A GLU 4  ? OE2 ? A GLU 25 OE2 
13 1 Y 1 A GLU 5  ? CD  ? A GLU 26 CD  
14 1 Y 1 A GLU 5  ? OE1 ? A GLU 26 OE1 
15 1 Y 1 A GLU 5  ? OE2 ? A GLU 26 OE2 
16 1 Y 1 A GLN 8  ? CG  ? A GLN 29 CG  
17 1 Y 1 A GLN 8  ? CD  ? A GLN 29 CD  
18 1 Y 1 A GLN 8  ? OE1 ? A GLN 29 OE1 
19 1 Y 1 A GLN 8  ? NE2 ? A GLN 29 NE2 
20 1 Y 1 A GLU 11 ? CG  ? A GLU 32 CG  
21 1 Y 1 A GLU 11 ? CD  ? A GLU 32 CD  
22 1 Y 1 A GLU 11 ? OE1 ? A GLU 32 OE1 
23 1 Y 1 A GLU 11 ? OE2 ? A GLU 32 OE2 
24 1 Y 1 A GLU 12 ? CD  ? A GLU 33 CD  
25 1 Y 1 A GLU 12 ? OE1 ? A GLU 33 OE1 
26 1 Y 1 A GLU 12 ? OE2 ? A GLU 33 OE2 
27 1 Y 1 A LYS 15 ? CG  ? A LYS 36 CG  
28 1 Y 1 A LYS 15 ? CD  ? A LYS 36 CD  
29 1 Y 1 A LYS 15 ? CE  ? A LYS 36 CE  
30 1 Y 1 A LYS 15 ? NZ  ? A LYS 36 NZ  
31 1 Y 1 A LYS 18 ? CG  ? A LYS 39 CG  
32 1 Y 1 A LYS 18 ? CD  ? A LYS 39 CD  
33 1 Y 1 A LYS 18 ? CE  ? A LYS 39 CE  
34 1 Y 1 A LYS 18 ? NZ  ? A LYS 39 NZ  
35 1 Y 1 A LYS 19 ? CE  ? A LYS 40 CE  
36 1 Y 1 A LYS 19 ? NZ  ? A LYS 40 NZ  
37 1 Y 1 A LYS 25 ? CE  ? A LYS 46 CE  
38 1 Y 1 A LYS 25 ? NZ  ? A LYS 46 NZ  
39 1 Y 1 A LYS 26 ? CG  ? A LYS 47 CG  
40 1 Y 1 A LYS 26 ? CD  ? A LYS 47 CD  
41 1 Y 1 A LYS 26 ? CE  ? A LYS 47 CE  
42 1 Y 1 A LYS 26 ? NZ  ? A LYS 47 NZ  
43 1 Y 1 A GLN 29 ? CG  ? A GLN 50 CG  
44 1 Y 1 A GLN 29 ? CD  ? A GLN 50 CD  
45 1 Y 1 A GLN 29 ? OE1 ? A GLN 50 OE1 
46 1 Y 1 A GLN 29 ? NE2 ? A GLN 50 NE2 
47 1 Y 1 A GLN 30 ? CB  ? A GLN 51 CB  
48 1 Y 1 A GLN 30 ? CG  ? A GLN 51 CG  
49 1 Y 1 A GLN 30 ? CD  ? A GLN 51 CD  
50 1 Y 1 A GLN 30 ? OE1 ? A GLN 51 OE1 
51 1 Y 1 A GLN 30 ? NE2 ? A GLN 51 NE2 
52 1 Y 1 A LYS 37 ? CB  ? A LYS 58 CB  
53 1 Y 1 A LYS 37 ? CG  ? A LYS 58 CG  
54 1 Y 1 A LYS 37 ? CD  ? A LYS 58 CD  
55 1 Y 1 A LYS 37 ? CE  ? A LYS 58 CE  
56 1 Y 1 A LYS 37 ? NZ  ? A LYS 58 NZ  
57 1 Y 1 A GLU 41 ? CG  ? A GLU 62 CG  
58 1 Y 1 A GLU 41 ? CD  ? A GLU 62 CD  
59 1 Y 1 A GLU 41 ? OE1 ? A GLU 62 OE1 
60 1 Y 1 A GLU 41 ? OE2 ? A GLU 62 OE2 
61 1 Y 1 A GLU 42 ? CG  ? A GLU 63 CG  
62 1 Y 1 A GLU 42 ? CD  ? A GLU 63 CD  
63 1 Y 1 A GLU 42 ? OE1 ? A GLU 63 OE1 
64 1 Y 1 A GLU 42 ? OE2 ? A GLU 63 OE2 
65 1 Y 1 A GLN 45 ? CG  ? A GLN 66 CG  
66 1 Y 1 A GLN 45 ? CD  ? A GLN 66 CD  
67 1 Y 1 A GLN 45 ? OE1 ? A GLN 66 OE1 
68 1 Y 1 A GLN 45 ? NE2 ? A GLN 66 NE2 
69 1 Y 1 A GLU 48 ? CD  ? A GLU 69 CD  
70 1 Y 1 A GLU 48 ? OE1 ? A GLU 69 OE1 
71 1 Y 1 A GLU 48 ? OE2 ? A GLU 69 OE2 
72 1 Y 1 A GLU 49 ? CG  ? A GLU 70 CG  
73 1 Y 1 A GLU 49 ? CD  ? A GLU 70 CD  
74 1 Y 1 A GLU 49 ? OE1 ? A GLU 70 OE1 
75 1 Y 1 A GLU 49 ? OE2 ? A GLU 70 OE2 
76 1 Y 1 A LYS 52 ? CD  ? A LYS 73 CD  
77 1 Y 1 A LYS 52 ? CE  ? A LYS 73 CE  
78 1 Y 1 A LYS 52 ? NZ  ? A LYS 73 NZ  
79 1 Y 1 A LYS 55 ? CD  ? A LYS 76 CD  
80 1 Y 1 A LYS 55 ? CE  ? A LYS 76 CE  
81 1 Y 1 A LYS 55 ? NZ  ? A LYS 76 NZ  
82 1 Y 1 A LYS 56 ? CG  ? A LYS 77 CG  
83 1 Y 1 A LYS 56 ? CD  ? A LYS 77 CD  
84 1 Y 1 A LYS 56 ? CE  ? A LYS 77 CE  
85 1 Y 1 A LYS 56 ? NZ  ? A LYS 77 NZ  
86 1 Y 1 A LYS 62 ? CD  ? A LYS 83 CD  
87 1 Y 1 A LYS 62 ? CE  ? A LYS 83 CE  
88 1 Y 1 A LYS 62 ? NZ  ? A LYS 83 NZ  
89 1 Y 1 A LYS 63 ? CG  ? A LYS 84 CG  
90 1 Y 1 A LYS 63 ? CD  ? A LYS 84 CD  
91 1 Y 1 A LYS 63 ? CE  ? A LYS 84 CE  
92 1 Y 1 A LYS 63 ? NZ  ? A LYS 84 NZ  
# 
loop_
_software.citation_id 
_software.classification 
_software.compiler_name 
_software.compiler_version 
_software.contact_author 
_software.contact_author_email 
_software.date 
_software.description 
_software.dependencies 
_software.hardware 
_software.language 
_software.location 
_software.mods 
_software.name 
_software.os 
_software.os_version 
_software.type 
_software.version 
_software.pdbx_ordinal 
? refinement       ? ? ? ? ? ? ? ? ? ? ? PHENIX      ? ? ? 1.19.2_4158 1 
? 'data reduction' ? ? ? ? ? ? ? ? ? ? ? AutoProcess ? ? ? .           2 
? 'data scaling'   ? ? ? ? ? ? ? ? ? ? ? AutoProcess ? ? ? .           3 
? phasing          ? ? ? ? ? ? ? ? ? ? ? Arcimboldo  ? ? ? .           4 
# 
_cell.angle_alpha                  90.000 
_cell.angle_alpha_esd              ? 
_cell.angle_beta                   90.000 
_cell.angle_beta_esd               ? 
_cell.angle_gamma                  90.000 
_cell.angle_gamma_esd              ? 
_cell.entry_id                     8QAF 
_cell.details                      ? 
_cell.formula_units_Z              ? 
_cell.length_a                     50.002 
_cell.length_a_esd                 ? 
_cell.length_b                     50.002 
_cell.length_b_esd                 ? 
_cell.length_c                     57.249 
_cell.length_c_esd                 ? 
_cell.volume                       143133.950 
_cell.volume_esd                   ? 
_cell.Z_PDB                        8 
_cell.reciprocal_angle_alpha       ? 
_cell.reciprocal_angle_beta        ? 
_cell.reciprocal_angle_gamma       ? 
_cell.reciprocal_angle_alpha_esd   ? 
_cell.reciprocal_angle_beta_esd    ? 
_cell.reciprocal_angle_gamma_esd   ? 
_cell.reciprocal_length_a          ? 
_cell.reciprocal_length_b          ? 
_cell.reciprocal_length_c          ? 
_cell.reciprocal_length_a_esd      ? 
_cell.reciprocal_length_b_esd      ? 
_cell.reciprocal_length_c_esd      ? 
_cell.pdbx_unique_axis             ? 
_cell.pdbx_esd_method              ? 
# 
_symmetry.entry_id                         8QAF 
_symmetry.cell_setting                     ? 
_symmetry.Int_Tables_number                90 
_symmetry.space_group_name_Hall            'P 4ab 2ab' 
_symmetry.space_group_name_H-M             'P 4 21 2' 
_symmetry.pdbx_full_space_group_name_H-M   ? 
# 
_exptl.absorpt_coefficient_mu     ? 
_exptl.absorpt_correction_T_max   ? 
_exptl.absorpt_correction_T_min   ? 
_exptl.absorpt_correction_type    ? 
_exptl.absorpt_process_details    ? 
_exptl.entry_id                   8QAF 
_exptl.crystals_number            1 
_exptl.details                    ? 
_exptl.method                     'X-RAY DIFFRACTION' 
_exptl.method_details             ? 
# 
_exptl_crystal.colour                       ? 
_exptl_crystal.density_diffrn               ? 
_exptl_crystal.density_Matthews             1.86 
_exptl_crystal.density_method               ? 
_exptl_crystal.density_percent_sol          33.86 
_exptl_crystal.description                  ? 
_exptl_crystal.F_000                        ? 
_exptl_crystal.id                           1 
_exptl_crystal.preparation                  ? 
_exptl_crystal.size_max                     ? 
_exptl_crystal.size_mid                     ? 
_exptl_crystal.size_min                     ? 
_exptl_crystal.size_rad                     ? 
_exptl_crystal.colour_lustre                ? 
_exptl_crystal.colour_modifier              ? 
_exptl_crystal.colour_primary               ? 
_exptl_crystal.density_meas                 ? 
_exptl_crystal.density_meas_esd             ? 
_exptl_crystal.density_meas_gt              ? 
_exptl_crystal.density_meas_lt              ? 
_exptl_crystal.density_meas_temp            ? 
_exptl_crystal.density_meas_temp_esd        ? 
_exptl_crystal.density_meas_temp_gt         ? 
_exptl_crystal.density_meas_temp_lt         ? 
_exptl_crystal.pdbx_crystal_image_url       ? 
_exptl_crystal.pdbx_crystal_image_format    ? 
_exptl_crystal.pdbx_mosaicity               ? 
_exptl_crystal.pdbx_mosaicity_esd           ? 
_exptl_crystal.pdbx_mosaic_method           ? 
_exptl_crystal.pdbx_mosaic_block_size       ? 
_exptl_crystal.pdbx_mosaic_block_size_esd   ? 
# 
_exptl_crystal_grow.apparatus       ? 
_exptl_crystal_grow.atmosphere      ? 
_exptl_crystal_grow.crystal_id      1 
_exptl_crystal_grow.details         ? 
_exptl_crystal_grow.method          'VAPOR DIFFUSION, SITTING DROP' 
_exptl_crystal_grow.method_ref      ? 
_exptl_crystal_grow.pH              8.5 
_exptl_crystal_grow.pressure        ? 
_exptl_crystal_grow.pressure_esd    ? 
_exptl_crystal_grow.seeding         ? 
_exptl_crystal_grow.seeding_ref     ? 
_exptl_crystal_grow.temp_details    ? 
_exptl_crystal_grow.temp_esd        ? 
_exptl_crystal_grow.time            ? 
_exptl_crystal_grow.pdbx_details    '0.2 M sodium formate, 0.1 M Bis Tris propane, pH 8.5, 20 % w/v PEG 3350' 
_exptl_crystal_grow.pdbx_pH_range   ? 
_exptl_crystal_grow.temp            293 
# 
_diffrn.ambient_environment              ? 
_diffrn.ambient_temp                     100 
_diffrn.ambient_temp_details             ? 
_diffrn.ambient_temp_esd                 ? 
_diffrn.crystal_id                       1 
_diffrn.crystal_support                  ? 
_diffrn.crystal_treatment                ? 
_diffrn.details                          ? 
_diffrn.id                               1 
_diffrn.ambient_pressure                 ? 
_diffrn.ambient_pressure_esd             ? 
_diffrn.ambient_pressure_gt              ? 
_diffrn.ambient_pressure_lt              ? 
_diffrn.ambient_temp_gt                  ? 
_diffrn.ambient_temp_lt                  ? 
_diffrn.pdbx_serial_crystal_experiment   N 
# 
_diffrn_detector.details                      ? 
_diffrn_detector.detector                     PIXEL 
_diffrn_detector.diffrn_id                    1 
_diffrn_detector.type                         'DECTRIS PILATUS 6M' 
_diffrn_detector.area_resol_mean              ? 
_diffrn_detector.dtime                        ? 
_diffrn_detector.pdbx_frames_total            ? 
_diffrn_detector.pdbx_collection_time_total   ? 
_diffrn_detector.pdbx_collection_date         2023-05-25 
_diffrn_detector.pdbx_frequency               ? 
_diffrn_detector.id                           ? 
_diffrn_detector.number_of_axes               ? 
# 
_diffrn_radiation.collimation                      ? 
_diffrn_radiation.diffrn_id                        1 
_diffrn_radiation.filter_edge                      ? 
_diffrn_radiation.inhomogeneity                    ? 
_diffrn_radiation.monochromator                    ? 
_diffrn_radiation.polarisn_norm                    ? 
_diffrn_radiation.polarisn_ratio                   ? 
_diffrn_radiation.probe                            ? 
_diffrn_radiation.type                             ? 
_diffrn_radiation.xray_symbol                      ? 
_diffrn_radiation.wavelength_id                    1 
_diffrn_radiation.pdbx_monochromatic_or_laue_m_l   M 
_diffrn_radiation.pdbx_wavelength_list             ? 
_diffrn_radiation.pdbx_wavelength                  ? 
_diffrn_radiation.pdbx_diffrn_protocol             'SINGLE WAVELENGTH' 
_diffrn_radiation.pdbx_analyzer                    ? 
_diffrn_radiation.pdbx_scattering_type             x-ray 
# 
_diffrn_radiation_wavelength.id           1 
_diffrn_radiation_wavelength.wavelength   0.999 
_diffrn_radiation_wavelength.wt           1.0 
# 
_diffrn_source.current                     ? 
_diffrn_source.details                     ? 
_diffrn_source.diffrn_id                   1 
_diffrn_source.power                       ? 
_diffrn_source.size                        ? 
_diffrn_source.source                      SYNCHROTRON 
_diffrn_source.target                      ? 
_diffrn_source.type                        'DIAMOND BEAMLINE I24' 
_diffrn_source.voltage                     ? 
_diffrn_source.take-off_angle              ? 
_diffrn_source.pdbx_wavelength_list        0.999 
_diffrn_source.pdbx_wavelength             ? 
_diffrn_source.pdbx_synchrotron_beamline   I24 
_diffrn_source.pdbx_synchrotron_site       Diamond 
# 
_reflns.B_iso_Wilson_estimate                          35.05 
_reflns.entry_id                                       8QAF 
_reflns.data_reduction_details                         ? 
_reflns.data_reduction_method                          ? 
_reflns.d_resolution_high                              2.0 
_reflns.d_resolution_low                               37.66 
_reflns.details                                        ? 
_reflns.limit_h_max                                    ? 
_reflns.limit_h_min                                    ? 
_reflns.limit_k_max                                    ? 
_reflns.limit_k_min                                    ? 
_reflns.limit_l_max                                    ? 
_reflns.limit_l_min                                    ? 
_reflns.number_all                                     ? 
_reflns.number_obs                                     5290 
_reflns.observed_criterion                             ? 
_reflns.observed_criterion_F_max                       ? 
_reflns.observed_criterion_F_min                       ? 
_reflns.observed_criterion_I_max                       ? 
_reflns.observed_criterion_I_min                       ? 
_reflns.observed_criterion_sigma_F                     ? 
_reflns.observed_criterion_sigma_I                     ? 
_reflns.percent_possible_obs                           99.62 
_reflns.R_free_details                                 ? 
_reflns.Rmerge_F_all                                   ? 
_reflns.Rmerge_F_obs                                   ? 
_reflns.Friedel_coverage                               ? 
_reflns.number_gt                                      ? 
_reflns.threshold_expression                           ? 
_reflns.pdbx_redundancy                                2.0 
_reflns.pdbx_netI_over_av_sigmaI                       ? 
_reflns.pdbx_netI_over_sigmaI                          15.06 
_reflns.pdbx_res_netI_over_av_sigmaI_2                 ? 
_reflns.pdbx_res_netI_over_sigmaI_2                    ? 
_reflns.pdbx_chi_squared                               ? 
_reflns.pdbx_scaling_rejects                           ? 
_reflns.pdbx_d_res_high_opt                            ? 
_reflns.pdbx_d_res_low_opt                             ? 
_reflns.pdbx_d_res_opt_method                          ? 
_reflns.phase_calculation_details                      ? 
_reflns.pdbx_Rrim_I_all                                0.01668 
_reflns.pdbx_Rpim_I_all                                0.01179 
_reflns.pdbx_d_opt                                     ? 
_reflns.pdbx_number_measured_all                       ? 
_reflns.pdbx_diffrn_id                                 1 
_reflns.pdbx_ordinal                                   1 
_reflns.pdbx_CC_half                                   0.934 
_reflns.pdbx_CC_star                                   0.997 
_reflns.pdbx_R_split                                   ? 
_reflns.pdbx_Rmerge_I_obs                              0.01179 
_reflns.pdbx_Rmerge_I_all                              ? 
_reflns.pdbx_Rsym_value                                ? 
_reflns.pdbx_CC_split_method                           ? 
_reflns.pdbx_aniso_diffraction_limit_axis_1_ortho[1]   ? 
_reflns.pdbx_aniso_diffraction_limit_axis_1_ortho[2]   ? 
_reflns.pdbx_aniso_diffraction_limit_axis_1_ortho[3]   ? 
_reflns.pdbx_aniso_diffraction_limit_axis_2_ortho[1]   ? 
_reflns.pdbx_aniso_diffraction_limit_axis_2_ortho[2]   ? 
_reflns.pdbx_aniso_diffraction_limit_axis_2_ortho[3]   ? 
_reflns.pdbx_aniso_diffraction_limit_axis_3_ortho[1]   ? 
_reflns.pdbx_aniso_diffraction_limit_axis_3_ortho[2]   ? 
_reflns.pdbx_aniso_diffraction_limit_axis_3_ortho[3]   ? 
_reflns.pdbx_aniso_diffraction_limit_1                 ? 
_reflns.pdbx_aniso_diffraction_limit_2                 ? 
_reflns.pdbx_aniso_diffraction_limit_3                 ? 
_reflns.pdbx_aniso_B_tensor_eigenvector_1_ortho[1]     ? 
_reflns.pdbx_aniso_B_tensor_eigenvector_1_ortho[2]     ? 
_reflns.pdbx_aniso_B_tensor_eigenvector_1_ortho[3]     ? 
_reflns.pdbx_aniso_B_tensor_eigenvector_2_ortho[1]     ? 
_reflns.pdbx_aniso_B_tensor_eigenvector_2_ortho[2]     ? 
_reflns.pdbx_aniso_B_tensor_eigenvector_2_ortho[3]     ? 
_reflns.pdbx_aniso_B_tensor_eigenvector_3_ortho[1]     ? 
_reflns.pdbx_aniso_B_tensor_eigenvector_3_ortho[2]     ? 
_reflns.pdbx_aniso_B_tensor_eigenvector_3_ortho[3]     ? 
_reflns.pdbx_aniso_B_tensor_eigenvalue_1               ? 
_reflns.pdbx_aniso_B_tensor_eigenvalue_2               ? 
_reflns.pdbx_aniso_B_tensor_eigenvalue_3               ? 
_reflns.pdbx_orthogonalization_convention              ? 
_reflns.pdbx_percent_possible_ellipsoidal              ? 
_reflns.pdbx_percent_possible_spherical                ? 
_reflns.pdbx_percent_possible_ellipsoidal_anomalous    ? 
_reflns.pdbx_percent_possible_spherical_anomalous      ? 
_reflns.pdbx_redundancy_anomalous                      ? 
_reflns.pdbx_CC_half_anomalous                         ? 
_reflns.pdbx_absDiff_over_sigma_anomalous              ? 
_reflns.pdbx_percent_possible_anomalous                ? 
_reflns.pdbx_observed_signal_threshold                 ? 
_reflns.pdbx_signal_type                               ? 
_reflns.pdbx_signal_details                            ? 
_reflns.pdbx_signal_software_id                        ? 
# 
_reflns_shell.d_res_high                                    2.0 
_reflns_shell.d_res_low                                     2.07 
_reflns_shell.meanI_over_sigI_all                           ? 
_reflns_shell.meanI_over_sigI_obs                           5.24 
_reflns_shell.number_measured_all                           ? 
_reflns_shell.number_measured_obs                           ? 
_reflns_shell.number_possible                               ? 
_reflns_shell.number_unique_all                             ? 
_reflns_shell.number_unique_obs                             504 
_reflns_shell.percent_possible_obs                          ? 
_reflns_shell.Rmerge_F_all                                  ? 
_reflns_shell.Rmerge_F_obs                                  ? 
_reflns_shell.meanI_over_sigI_gt                            ? 
_reflns_shell.meanI_over_uI_all                             ? 
_reflns_shell.meanI_over_uI_gt                              ? 
_reflns_shell.number_measured_gt                            ? 
_reflns_shell.number_unique_gt                              ? 
_reflns_shell.percent_possible_gt                           ? 
_reflns_shell.Rmerge_F_gt                                   ? 
_reflns_shell.Rmerge_I_gt                                   ? 
_reflns_shell.pdbx_redundancy                               ? 
_reflns_shell.pdbx_chi_squared                              ? 
_reflns_shell.pdbx_netI_over_sigmaI_all                     ? 
_reflns_shell.pdbx_netI_over_sigmaI_obs                     ? 
_reflns_shell.pdbx_Rrim_I_all                               0.1305 
_reflns_shell.pdbx_Rpim_I_all                               0.09224 
_reflns_shell.pdbx_rejects                                  ? 
_reflns_shell.pdbx_ordinal                                  1 
_reflns_shell.pdbx_diffrn_id                                1 
_reflns_shell.pdbx_CC_half                                  0.976 
_reflns_shell.pdbx_CC_star                                  0.994 
_reflns_shell.pdbx_R_split                                  ? 
_reflns_shell.percent_possible_all                          100 
_reflns_shell.Rmerge_I_all                                  ? 
_reflns_shell.Rmerge_I_obs                                  0.09224 
_reflns_shell.pdbx_Rsym_value                               ? 
_reflns_shell.pdbx_percent_possible_ellipsoidal             ? 
_reflns_shell.pdbx_percent_possible_spherical               ? 
_reflns_shell.pdbx_percent_possible_ellipsoidal_anomalous   ? 
_reflns_shell.pdbx_percent_possible_spherical_anomalous     ? 
_reflns_shell.pdbx_redundancy_anomalous                     ? 
_reflns_shell.pdbx_CC_half_anomalous                        ? 
_reflns_shell.pdbx_absDiff_over_sigma_anomalous             ? 
_reflns_shell.pdbx_percent_possible_anomalous               ? 
# 
_refine.aniso_B[1][1]                            ? 
_refine.aniso_B[1][2]                            ? 
_refine.aniso_B[1][3]                            ? 
_refine.aniso_B[2][2]                            ? 
_refine.aniso_B[2][3]                            ? 
_refine.aniso_B[3][3]                            ? 
_refine.B_iso_max                                ? 
_refine.B_iso_mean                               41.25 
_refine.B_iso_min                                ? 
_refine.correlation_coeff_Fo_to_Fc               ? 
_refine.correlation_coeff_Fo_to_Fc_free          ? 
_refine.details                                  ? 
_refine.diff_density_max                         ? 
_refine.diff_density_max_esd                     ? 
_refine.diff_density_min                         ? 
_refine.diff_density_min_esd                     ? 
_refine.diff_density_rms                         ? 
_refine.diff_density_rms_esd                     ? 
_refine.entry_id                                 8QAF 
_refine.pdbx_refine_id                           'X-RAY DIFFRACTION' 
_refine.ls_abs_structure_details                 ? 
_refine.ls_abs_structure_Flack                   ? 
_refine.ls_abs_structure_Flack_esd               ? 
_refine.ls_abs_structure_Rogers                  ? 
_refine.ls_abs_structure_Rogers_esd              ? 
_refine.ls_d_res_high                            2.00 
_refine.ls_d_res_low                             37.66 
_refine.ls_extinction_coef                       ? 
_refine.ls_extinction_coef_esd                   ? 
_refine.ls_extinction_expression                 ? 
_refine.ls_extinction_method                     ? 
_refine.ls_goodness_of_fit_all                   ? 
_refine.ls_goodness_of_fit_all_esd               ? 
_refine.ls_goodness_of_fit_obs                   ? 
_refine.ls_goodness_of_fit_obs_esd               ? 
_refine.ls_hydrogen_treatment                    ? 
_refine.ls_matrix_type                           ? 
_refine.ls_number_constraints                    ? 
_refine.ls_number_parameters                     ? 
_refine.ls_number_reflns_all                     ? 
_refine.ls_number_reflns_obs                     5271 
_refine.ls_number_reflns_R_free                  248 
_refine.ls_number_reflns_R_work                  5023 
_refine.ls_number_restraints                     ? 
_refine.ls_percent_reflns_obs                    99.64 
_refine.ls_percent_reflns_R_free                 4.70 
_refine.ls_R_factor_all                          ? 
_refine.ls_R_factor_obs                          0.2492 
_refine.ls_R_factor_R_free                       0.2524 
_refine.ls_R_factor_R_free_error                 ? 
_refine.ls_R_factor_R_free_error_details         ? 
_refine.ls_R_factor_R_work                       0.2489 
_refine.ls_R_Fsqd_factor_obs                     ? 
_refine.ls_R_I_factor_obs                        ? 
_refine.ls_redundancy_reflns_all                 ? 
_refine.ls_redundancy_reflns_obs                 ? 
_refine.ls_restrained_S_all                      ? 
_refine.ls_restrained_S_obs                      ? 
_refine.ls_shift_over_esd_max                    ? 
_refine.ls_shift_over_esd_mean                   ? 
_refine.ls_structure_factor_coef                 ? 
_refine.ls_weighting_details                     ? 
_refine.ls_weighting_scheme                      ? 
_refine.ls_wR_factor_all                         ? 
_refine.ls_wR_factor_obs                         ? 
_refine.ls_wR_factor_R_free                      ? 
_refine.ls_wR_factor_R_work                      ? 
_refine.occupancy_max                            ? 
_refine.occupancy_min                            ? 
_refine.solvent_model_details                    'FLAT BULK SOLVENT MODEL' 
_refine.solvent_model_param_bsol                 ? 
_refine.solvent_model_param_ksol                 ? 
_refine.pdbx_R_complete                          ? 
_refine.ls_R_factor_gt                           ? 
_refine.ls_goodness_of_fit_gt                    ? 
_refine.ls_goodness_of_fit_ref                   ? 
_refine.ls_shift_over_su_max                     ? 
_refine.ls_shift_over_su_max_lt                  ? 
_refine.ls_shift_over_su_mean                    ? 
_refine.ls_shift_over_su_mean_lt                 ? 
_refine.pdbx_ls_sigma_I                          ? 
_refine.pdbx_ls_sigma_F                          1.36 
_refine.pdbx_ls_sigma_Fsqd                       ? 
_refine.pdbx_data_cutoff_high_absF               ? 
_refine.pdbx_data_cutoff_high_rms_absF           ? 
_refine.pdbx_data_cutoff_low_absF                ? 
_refine.pdbx_isotropic_thermal_model             ? 
_refine.pdbx_ls_cross_valid_method               'FREE R-VALUE' 
_refine.pdbx_method_to_determine_struct          'AB INITIO PHASING' 
_refine.pdbx_starting_model                      ? 
_refine.pdbx_stereochemistry_target_values       'GeoStd + Monomer Library + CDL v1.2' 
_refine.pdbx_R_Free_selection_details            ? 
_refine.pdbx_stereochem_target_val_spec_case     ? 
_refine.pdbx_overall_ESU_R                       ? 
_refine.pdbx_overall_ESU_R_Free                  ? 
_refine.pdbx_solvent_vdw_probe_radii             1.1100 
_refine.pdbx_solvent_ion_probe_radii             ? 
_refine.pdbx_solvent_shrinkage_radii             0.9000 
_refine.pdbx_real_space_R                        ? 
_refine.pdbx_density_correlation                 ? 
_refine.pdbx_pd_number_of_powder_patterns        ? 
_refine.pdbx_pd_number_of_points                 ? 
_refine.pdbx_pd_meas_number_of_points            ? 
_refine.pdbx_pd_proc_ls_prof_R_factor            ? 
_refine.pdbx_pd_proc_ls_prof_wR_factor           ? 
_refine.pdbx_pd_Marquardt_correlation_coeff      ? 
_refine.pdbx_pd_Fsqrd_R_factor                   ? 
_refine.pdbx_pd_ls_matrix_band_width             ? 
_refine.pdbx_overall_phase_error                 22.6291 
_refine.pdbx_overall_SU_R_free_Cruickshank_DPI   ? 
_refine.pdbx_overall_SU_R_free_Blow_DPI          ? 
_refine.pdbx_overall_SU_R_Blow_DPI               ? 
_refine.pdbx_TLS_residual_ADP_flag               ? 
_refine.pdbx_diffrn_id                           1 
_refine.overall_SU_B                             ? 
_refine.overall_SU_ML                            0.2803 
_refine.overall_SU_R_Cruickshank_DPI             ? 
_refine.overall_SU_R_free                        ? 
_refine.overall_FOM_free_R_set                   ? 
_refine.overall_FOM_work_R_set                   ? 
_refine.pdbx_average_fsc_overall                 ? 
_refine.pdbx_average_fsc_work                    ? 
_refine.pdbx_average_fsc_free                    ? 
# 
_refine_hist.pdbx_refine_id                   'X-RAY DIFFRACTION' 
_refine_hist.cycle_id                         LAST 
_refine_hist.details                          ? 
_refine_hist.d_res_high                       2.00 
_refine_hist.d_res_low                        37.66 
_refine_hist.number_atoms_solvent             14 
_refine_hist.number_atoms_total               381 
_refine_hist.number_reflns_all                ? 
_refine_hist.number_reflns_obs                ? 
_refine_hist.number_reflns_R_free             ? 
_refine_hist.number_reflns_R_work             ? 
_refine_hist.R_factor_all                     ? 
_refine_hist.R_factor_obs                     ? 
_refine_hist.R_factor_R_free                  ? 
_refine_hist.R_factor_R_work                  ? 
_refine_hist.pdbx_number_residues_total       ? 
_refine_hist.pdbx_B_iso_mean_ligand           ? 
_refine_hist.pdbx_B_iso_mean_solvent          ? 
_refine_hist.pdbx_number_atoms_protein        367 
_refine_hist.pdbx_number_atoms_nucleic_acid   0 
_refine_hist.pdbx_number_atoms_ligand         0 
_refine_hist.pdbx_number_atoms_lipid          ? 
_refine_hist.pdbx_number_atoms_carb           ? 
_refine_hist.pdbx_pseudo_atom_details         ? 
# 
loop_
_refine_ls_restr.pdbx_refine_id 
_refine_ls_restr.criterion 
_refine_ls_restr.dev_ideal 
_refine_ls_restr.dev_ideal_target 
_refine_ls_restr.number 
_refine_ls_restr.rejects 
_refine_ls_restr.type 
_refine_ls_restr.weight 
_refine_ls_restr.pdbx_restraint_function 
'X-RAY DIFFRACTION' ? 0.0063 ? 375 ? f_bond_d           ? ? 
'X-RAY DIFFRACTION' ? 0.5725 ? 515 ? f_angle_d          ? ? 
'X-RAY DIFFRACTION' ? 0.0442 ? 73  ? f_chiral_restr     ? ? 
'X-RAY DIFFRACTION' ? 0.0035 ? 60  ? f_plane_restr      ? ? 
'X-RAY DIFFRACTION' ? 3.2786 ? 59  ? f_dihedral_angle_d ? ? 
# 
loop_
_refine_ls_shell.pdbx_refine_id 
_refine_ls_shell.d_res_high 
_refine_ls_shell.d_res_low 
_refine_ls_shell.number_reflns_all 
_refine_ls_shell.number_reflns_obs 
_refine_ls_shell.number_reflns_R_free 
_refine_ls_shell.number_reflns_R_work 
_refine_ls_shell.percent_reflns_obs 
_refine_ls_shell.percent_reflns_R_free 
_refine_ls_shell.R_factor_all 
_refine_ls_shell.R_factor_obs 
_refine_ls_shell.R_factor_R_free_error 
_refine_ls_shell.R_factor_R_work 
_refine_ls_shell.redundancy_reflns_all 
_refine_ls_shell.redundancy_reflns_obs 
_refine_ls_shell.wR_factor_all 
_refine_ls_shell.wR_factor_obs 
_refine_ls_shell.wR_factor_R_free 
_refine_ls_shell.wR_factor_R_work 
_refine_ls_shell.pdbx_R_complete 
_refine_ls_shell.pdbx_total_number_of_bins_used 
_refine_ls_shell.pdbx_phase_error 
_refine_ls_shell.pdbx_fsc_work 
_refine_ls_shell.pdbx_fsc_free 
_refine_ls_shell.R_factor_R_free 
'X-RAY DIFFRACTION' 2.00 2.52  . . 122 2443 99.88 . . . . 0.2113 . . . . . . . . . . . 0.3434 
'X-RAY DIFFRACTION' 2.52 37.66 . . 126 2580 99.41 . . . . 0.2589 . . . . . . . . . . . 0.2322 
# 
_struct.entry_id                     8QAF 
_struct.title                        
'X-ray crystal structure of a de novo designed single-chain antiparallel 8-helix coiled-coil alpha-helical barrel, sc-apCC-8' 
_struct.pdbx_model_details           ? 
_struct.pdbx_formula_weight          ? 
_struct.pdbx_formula_weight_method   ? 
_struct.pdbx_model_type_details      ? 
_struct.pdbx_CASP_flag               N 
# 
_struct_keywords.entry_id        8QAF 
_struct_keywords.text            'coiled coil, 8-helix anti-parallel alpha-helical barrel, de novo protein design, DE NOVO PROTEIN' 
_struct_keywords.pdbx_keywords   'DE NOVO PROTEIN' 
# 
loop_
_struct_asym.id 
_struct_asym.pdbx_blank_PDB_chainid_flag 
_struct_asym.pdbx_modified 
_struct_asym.entity_id 
_struct_asym.details 
A N N 1 ? 
B N N 2 ? 
# 
_struct_ref.id                         1 
_struct_ref.db_name                    PDB 
_struct_ref.db_code                    8QAF 
_struct_ref.pdbx_db_accession          8QAF 
_struct_ref.pdbx_db_isoform            ? 
_struct_ref.entity_id                  1 
_struct_ref.pdbx_seq_one_letter_code   ? 
_struct_ref.pdbx_align_begin           1 
# 
_struct_ref_seq.align_id                      1 
_struct_ref_seq.ref_id                        1 
_struct_ref_seq.pdbx_PDB_id_code              8QAF 
_struct_ref_seq.pdbx_strand_id                A 
_struct_ref_seq.seq_align_beg                 1 
_struct_ref_seq.pdbx_seq_align_beg_ins_code   ? 
_struct_ref_seq.seq_align_end                 87 
_struct_ref_seq.pdbx_seq_align_end_ins_code   ? 
_struct_ref_seq.pdbx_db_accession             8QAF 
_struct_ref_seq.db_align_beg                  -20 
_struct_ref_seq.pdbx_db_align_beg_ins_code    ? 
_struct_ref_seq.db_align_end                  66 
_struct_ref_seq.pdbx_db_align_end_ins_code    ? 
_struct_ref_seq.pdbx_auth_seq_align_beg       -20 
_struct_ref_seq.pdbx_auth_seq_align_end       66 
# 
_pdbx_struct_assembly.id                   1 
_pdbx_struct_assembly.details              author_and_software_defined_assembly 
_pdbx_struct_assembly.method_details       PISA 
_pdbx_struct_assembly.oligomeric_details   tetrameric 
_pdbx_struct_assembly.oligomeric_count     4 
# 
loop_
_pdbx_struct_assembly_prop.biol_id 
_pdbx_struct_assembly_prop.type 
_pdbx_struct_assembly_prop.value 
_pdbx_struct_assembly_prop.details 
1 'ABSA (A^2)' 4360  ? 
1 MORE         -68   ? 
1 'SSA (A^2)'  11080 ? 
# 
_pdbx_struct_assembly_gen.assembly_id       1 
_pdbx_struct_assembly_gen.oper_expression   1,2,3,4 
_pdbx_struct_assembly_gen.asym_id_list      A,B 
# 
loop_
_pdbx_struct_assembly_auth_evidence.id 
_pdbx_struct_assembly_auth_evidence.assembly_id 
_pdbx_struct_assembly_auth_evidence.experimental_support 
_pdbx_struct_assembly_auth_evidence.details 
1 1 'gel filtration'             monomer 
2 1 'equilibrium centrifugation' monomer 
3 1 SAXS                         monomer 
# 
loop_
_pdbx_struct_oper_list.id 
_pdbx_struct_oper_list.type 
_pdbx_struct_oper_list.name 
_pdbx_struct_oper_list.symmetry_operation 
_pdbx_struct_oper_list.matrix[1][1] 
_pdbx_struct_oper_list.matrix[1][2] 
_pdbx_struct_oper_list.matrix[1][3] 
_pdbx_struct_oper_list.vector[1] 
_pdbx_struct_oper_list.matrix[2][1] 
_pdbx_struct_oper_list.matrix[2][2] 
_pdbx_struct_oper_list.matrix[2][3] 
_pdbx_struct_oper_list.vector[2] 
_pdbx_struct_oper_list.matrix[3][1] 
_pdbx_struct_oper_list.matrix[3][2] 
_pdbx_struct_oper_list.matrix[3][3] 
_pdbx_struct_oper_list.vector[3] 
1 'identity operation'         1_555 x,y,z          1.0000000000 0.0000000000  0.0000000000  0.0000000000  0.0000000000  1.0000000000  0.0000000000  0.0000000000  0.0000000000  0.0000000000  1.0000000000  0.0000000000  
2 'crystal symmetry operation' 2_765 -x+2,-y+1,z    0.1642380770 0.5770181314  -0.8000474549 -5.7762124834 0.5770181314  -0.7140190391 -0.3965184584 19.0106080786 -0.8000474549 -0.3965184584 -0.4502190379 5.3054090859  
3 'crystal symmetry operation' 3_645 -y+3/2,x-1/2,z 0.5821190385 -0.2357909258 -0.7781645484 3.0986204585  0.8128090572  0.1429904804  0.5647080299  8.9956114027  -0.0218829065 -0.9612264883 0.2748904811  10.9970511782 
4 'crystal symmetry operation' 4_565 y+1/2,-x+3/2,z 0.5821190385 0.8128090572  -0.0218829065 -8.8748329419 -0.2357909258 0.1429904804  -0.9612264883 10.0149966759 -0.7781645484 0.5647080299  0.2748904811  -5.6916420922 
# 
loop_
_struct_conf.conf_type_id 
_struct_conf.id 
_struct_conf.pdbx_PDB_helix_id 
_struct_conf.beg_label_comp_id 
_struct_conf.beg_label_asym_id 
_struct_conf.beg_label_seq_id 
_struct_conf.pdbx_beg_PDB_ins_code 
_struct_conf.end_label_comp_id 
_struct_conf.end_label_asym_id 
_struct_conf.end_label_seq_id 
_struct_conf.pdbx_end_PDB_ins_code 
_struct_conf.beg_auth_comp_id 
_struct_conf.beg_auth_asym_id 
_struct_conf.beg_auth_seq_id 
_struct_conf.end_auth_comp_id 
_struct_conf.end_auth_asym_id 
_struct_conf.end_auth_seq_id 
_struct_conf.pdbx_PDB_helix_class 
_struct_conf.details 
_struct_conf.pdbx_PDB_helix_length 
HELX_P HELX_P1 AA1 MET A 21 ? GLN A 51 ? MET A 0  GLN A 30 1 ? 31 
HELX_P HELX_P2 AA2 ALA A 59 ? ILE A 85 ? ALA A 38 ILE A 64 1 ? 27 
# 
_struct_conf_type.id          HELX_P 
_struct_conf_type.criteria    ? 
_struct_conf_type.reference   ? 
# 
_pdbx_refine_tls.id               1 
_pdbx_refine_tls.pdbx_refine_id   'X-RAY DIFFRACTION' 
_pdbx_refine_tls.details          ? 
_pdbx_refine_tls.method           refined 
_pdbx_refine_tls.origin_x         -0.1733766283 
_pdbx_refine_tls.origin_y         -0.0701771930 
_pdbx_refine_tls.origin_z         0.0925785434 
_pdbx_refine_tls.T[1][1]          0.403244601428 
_pdbx_refine_tls.T[1][1]_esd      ? 
_pdbx_refine_tls.T[1][2]          0.084550527410 
_pdbx_refine_tls.T[1][2]_esd      ? 
_pdbx_refine_tls.T[1][3]          -0.091346100502 
_pdbx_refine_tls.T[1][3]_esd      ? 
_pdbx_refine_tls.T[2][2]          0.201208326231 
_pdbx_refine_tls.T[2][2]_esd      ? 
_pdbx_refine_tls.T[2][3]          -0.067976637291 
_pdbx_refine_tls.T[2][3]_esd      ? 
_pdbx_refine_tls.T[3][3]          0.287755747037 
_pdbx_refine_tls.T[3][3]_esd      ? 
_pdbx_refine_tls.L[1][1]          6.99915694622 
_pdbx_refine_tls.L[1][1]_esd      ? 
_pdbx_refine_tls.L[1][2]          0.76762064363 
_pdbx_refine_tls.L[1][2]_esd      ? 
_pdbx_refine_tls.L[1][3]          -0.26204716642 
_pdbx_refine_tls.L[1][3]_esd      ? 
_pdbx_refine_tls.L[2][2]          3.47183980486 
_pdbx_refine_tls.L[2][2]_esd      ? 
_pdbx_refine_tls.L[2][3]          -0.25944769863 
_pdbx_refine_tls.L[2][3]_esd      ? 
_pdbx_refine_tls.L[3][3]          3.27399391159 
_pdbx_refine_tls.L[3][3]_esd      ? 
_pdbx_refine_tls.S[1][1]          0.269849357026 
_pdbx_refine_tls.S[1][1]_esd      ? 
_pdbx_refine_tls.S[1][2]          0.317515216862 
_pdbx_refine_tls.S[1][2]_esd      ? 
_pdbx_refine_tls.S[1][3]          -0.303626352333 
_pdbx_refine_tls.S[1][3]_esd      ? 
_pdbx_refine_tls.S[2][1]          0.036490157793 
_pdbx_refine_tls.S[2][1]_esd      ? 
_pdbx_refine_tls.S[2][2]          -0.025532517847 
_pdbx_refine_tls.S[2][2]_esd      ? 
_pdbx_refine_tls.S[2][3]          -0.005292805454 
_pdbx_refine_tls.S[2][3]_esd      ? 
_pdbx_refine_tls.S[3][1]          0.376118825626 
_pdbx_refine_tls.S[3][1]_esd      ? 
_pdbx_refine_tls.S[3][2]          0.045897004738 
_pdbx_refine_tls.S[3][2]_esd      ? 
_pdbx_refine_tls.S[3][3]          -0.198181885990 
_pdbx_refine_tls.S[3][3]_esd      ? 
# 
_pdbx_refine_tls_group.id                  1 
_pdbx_refine_tls_group.pdbx_refine_id      'X-RAY DIFFRACTION' 
_pdbx_refine_tls_group.refine_tls_id       1 
_pdbx_refine_tls_group.beg_label_asym_id   A 
_pdbx_refine_tls_group.beg_label_seq_id    1 
_pdbx_refine_tls_group.beg_auth_asym_id    A 
_pdbx_refine_tls_group.beg_auth_seq_id     0 
_pdbx_refine_tls_group.beg_PDB_ins_code    ? 
_pdbx_refine_tls_group.end_label_asym_id   A 
_pdbx_refine_tls_group.end_label_seq_id    59 
_pdbx_refine_tls_group.end_auth_asym_id    A 
_pdbx_refine_tls_group.end_auth_seq_id     64 
_pdbx_refine_tls_group.end_PDB_ins_code    ? 
_pdbx_refine_tls_group.selection           ? 
_pdbx_refine_tls_group.selection_details   
;(chain 'A' and resid 0 through 64)
;
# 
loop_
_pdbx_unobs_or_zero_occ_residues.id 
_pdbx_unobs_or_zero_occ_residues.PDB_model_num 
_pdbx_unobs_or_zero_occ_residues.polymer_flag 
_pdbx_unobs_or_zero_occ_residues.occupancy_flag 
_pdbx_unobs_or_zero_occ_residues.auth_asym_id 
_pdbx_unobs_or_zero_occ_residues.auth_comp_id 
_pdbx_unobs_or_zero_occ_residues.auth_seq_id 
_pdbx_unobs_or_zero_occ_residues.PDB_ins_code 
_pdbx_unobs_or_zero_occ_residues.label_asym_id 
_pdbx_unobs_or_zero_occ_residues.label_comp_id 
_pdbx_unobs_or_zero_occ_residues.label_seq_id 
1  1 Y 1 A MET -20 ? A MET 1  
2  1 Y 1 A GLY -19 ? A GLY 2  
3  1 Y 1 A SER -18 ? A SER 3  
4  1 Y 1 A SER -17 ? A SER 4  
5  1 Y 1 A HIS -16 ? A HIS 5  
6  1 Y 1 A HIS -15 ? A HIS 6  
7  1 Y 1 A HIS -14 ? A HIS 7  
8  1 Y 1 A HIS -13 ? A HIS 8  
9  1 Y 1 A HIS -12 ? A HIS 9  
10 1 Y 1 A HIS -11 ? A HIS 10 
11 1 Y 1 A SER -10 ? A SER 11 
12 1 Y 1 A SER -9  ? A SER 12 
13 1 Y 1 A GLY -8  ? A GLY 13 
14 1 Y 1 A LEU -7  ? A LEU 14 
15 1 Y 1 A VAL -6  ? A VAL 15 
16 1 Y 1 A PRO -5  ? A PRO 16 
17 1 Y 1 A ARG -4  ? A ARG 17 
18 1 Y 1 A GLY -3  ? A GLY 18 
19 1 Y 1 A SER -2  ? A SER 19 
20 1 Y 1 A HIS -1  ? A HIS 20 
21 1 Y 1 A VAL 31  ? A VAL 52 
22 1 Y 1 A LYS 32  ? A LYS 53 
23 1 Y 1 A ASP 33  ? A ASP 54 
24 1 Y 1 A PRO 34  ? A PRO 55 
25 1 Y 1 A GLU 35  ? A GLU 56 
26 1 Y 1 A LEU 36  ? A LEU 57 
27 1 Y 1 A ALA 65  ? A ALA 86 
28 1 Y 1 A LYS 66  ? A LYS 87 
# 
loop_
_chem_comp_atom.comp_id 
_chem_comp_atom.atom_id 
_chem_comp_atom.type_symbol 
_chem_comp_atom.pdbx_aromatic_flag 
_chem_comp_atom.pdbx_stereo_config 
_chem_comp_atom.pdbx_ordinal 
ALA N    N N N 1   
ALA CA   C N S 2   
ALA C    C N N 3   
ALA O    O N N 4   
ALA CB   C N N 5   
ALA OXT  O N N 6   
ALA H    H N N 7   
ALA H2   H N N 8   
ALA HA   H N N 9   
ALA HB1  H N N 10  
ALA HB2  H N N 11  
ALA HB3  H N N 12  
ALA HXT  H N N 13  
ARG N    N N N 14  
ARG CA   C N S 15  
ARG C    C N N 16  
ARG O    O N N 17  
ARG CB   C N N 18  
ARG CG   C N N 19  
ARG CD   C N N 20  
ARG NE   N N N 21  
ARG CZ   C N N 22  
ARG NH1  N N N 23  
ARG NH2  N N N 24  
ARG OXT  O N N 25  
ARG H    H N N 26  
ARG H2   H N N 27  
ARG HA   H N N 28  
ARG HB2  H N N 29  
ARG HB3  H N N 30  
ARG HG2  H N N 31  
ARG HG3  H N N 32  
ARG HD2  H N N 33  
ARG HD3  H N N 34  
ARG HE   H N N 35  
ARG HH11 H N N 36  
ARG HH12 H N N 37  
ARG HH21 H N N 38  
ARG HH22 H N N 39  
ARG HXT  H N N 40  
ASP N    N N N 41  
ASP CA   C N S 42  
ASP C    C N N 43  
ASP O    O N N 44  
ASP CB   C N N 45  
ASP CG   C N N 46  
ASP OD1  O N N 47  
ASP OD2  O N N 48  
ASP OXT  O N N 49  
ASP H    H N N 50  
ASP H2   H N N 51  
ASP HA   H N N 52  
ASP HB2  H N N 53  
ASP HB3  H N N 54  
ASP HD2  H N N 55  
ASP HXT  H N N 56  
GLN N    N N N 57  
GLN CA   C N S 58  
GLN C    C N N 59  
GLN O    O N N 60  
GLN CB   C N N 61  
GLN CG   C N N 62  
GLN CD   C N N 63  
GLN OE1  O N N 64  
GLN NE2  N N N 65  
GLN OXT  O N N 66  
GLN H    H N N 67  
GLN H2   H N N 68  
GLN HA   H N N 69  
GLN HB2  H N N 70  
GLN HB3  H N N 71  
GLN HG2  H N N 72  
GLN HG3  H N N 73  
GLN HE21 H N N 74  
GLN HE22 H N N 75  
GLN HXT  H N N 76  
GLU N    N N N 77  
GLU CA   C N S 78  
GLU C    C N N 79  
GLU O    O N N 80  
GLU CB   C N N 81  
GLU CG   C N N 82  
GLU CD   C N N 83  
GLU OE1  O N N 84  
GLU OE2  O N N 85  
GLU OXT  O N N 86  
GLU H    H N N 87  
GLU H2   H N N 88  
GLU HA   H N N 89  
GLU HB2  H N N 90  
GLU HB3  H N N 91  
GLU HG2  H N N 92  
GLU HG3  H N N 93  
GLU HE2  H N N 94  
GLU HXT  H N N 95  
GLY N    N N N 96  
GLY CA   C N N 97  
GLY C    C N N 98  
GLY O    O N N 99  
GLY OXT  O N N 100 
GLY H    H N N 101 
GLY H2   H N N 102 
GLY HA2  H N N 103 
GLY HA3  H N N 104 
GLY HXT  H N N 105 
HIS N    N N N 106 
HIS CA   C N S 107 
HIS C    C N N 108 
HIS O    O N N 109 
HIS CB   C N N 110 
HIS CG   C Y N 111 
HIS ND1  N Y N 112 
HIS CD2  C Y N 113 
HIS CE1  C Y N 114 
HIS NE2  N Y N 115 
HIS OXT  O N N 116 
HIS H    H N N 117 
HIS H2   H N N 118 
HIS HA   H N N 119 
HIS HB2  H N N 120 
HIS HB3  H N N 121 
HIS HD1  H N N 122 
HIS HD2  H N N 123 
HIS HE1  H N N 124 
HIS HE2  H N N 125 
HIS HXT  H N N 126 
HOH O    O N N 127 
HOH H1   H N N 128 
HOH H2   H N N 129 
ILE N    N N N 130 
ILE CA   C N S 131 
ILE C    C N N 132 
ILE O    O N N 133 
ILE CB   C N S 134 
ILE CG1  C N N 135 
ILE CG2  C N N 136 
ILE CD1  C N N 137 
ILE OXT  O N N 138 
ILE H    H N N 139 
ILE H2   H N N 140 
ILE HA   H N N 141 
ILE HB   H N N 142 
ILE HG12 H N N 143 
ILE HG13 H N N 144 
ILE HG21 H N N 145 
ILE HG22 H N N 146 
ILE HG23 H N N 147 
ILE HD11 H N N 148 
ILE HD12 H N N 149 
ILE HD13 H N N 150 
ILE HXT  H N N 151 
LEU N    N N N 152 
LEU CA   C N S 153 
LEU C    C N N 154 
LEU O    O N N 155 
LEU CB   C N N 156 
LEU CG   C N N 157 
LEU CD1  C N N 158 
LEU CD2  C N N 159 
LEU OXT  O N N 160 
LEU H    H N N 161 
LEU H2   H N N 162 
LEU HA   H N N 163 
LEU HB2  H N N 164 
LEU HB3  H N N 165 
LEU HG   H N N 166 
LEU HD11 H N N 167 
LEU HD12 H N N 168 
LEU HD13 H N N 169 
LEU HD21 H N N 170 
LEU HD22 H N N 171 
LEU HD23 H N N 172 
LEU HXT  H N N 173 
LYS N    N N N 174 
LYS CA   C N S 175 
LYS C    C N N 176 
LYS O    O N N 177 
LYS CB   C N N 178 
LYS CG   C N N 179 
LYS CD   C N N 180 
LYS CE   C N N 181 
LYS NZ   N N N 182 
LYS OXT  O N N 183 
LYS H    H N N 184 
LYS H2   H N N 185 
LYS HA   H N N 186 
LYS HB2  H N N 187 
LYS HB3  H N N 188 
LYS HG2  H N N 189 
LYS HG3  H N N 190 
LYS HD2  H N N 191 
LYS HD3  H N N 192 
LYS HE2  H N N 193 
LYS HE3  H N N 194 
LYS HZ1  H N N 195 
LYS HZ2  H N N 196 
LYS HZ3  H N N 197 
LYS HXT  H N N 198 
MET N    N N N 199 
MET CA   C N S 200 
MET C    C N N 201 
MET O    O N N 202 
MET CB   C N N 203 
MET CG   C N N 204 
MET SD   S N N 205 
MET CE   C N N 206 
MET OXT  O N N 207 
MET H    H N N 208 
MET H2   H N N 209 
MET HA   H N N 210 
MET HB2  H N N 211 
MET HB3  H N N 212 
MET HG2  H N N 213 
MET HG3  H N N 214 
MET HE1  H N N 215 
MET HE2  H N N 216 
MET HE3  H N N 217 
MET HXT  H N N 218 
PRO N    N N N 219 
PRO CA   C N S 220 
PRO C    C N N 221 
PRO O    O N N 222 
PRO CB   C N N 223 
PRO CG   C N N 224 
PRO CD   C N N 225 
PRO OXT  O N N 226 
PRO H    H N N 227 
PRO HA   H N N 228 
PRO HB2  H N N 229 
PRO HB3  H N N 230 
PRO HG2  H N N 231 
PRO HG3  H N N 232 
PRO HD2  H N N 233 
PRO HD3  H N N 234 
PRO HXT  H N N 235 
SER N    N N N 236 
SER CA   C N S 237 
SER C    C N N 238 
SER O    O N N 239 
SER CB   C N N 240 
SER OG   O N N 241 
SER OXT  O N N 242 
SER H    H N N 243 
SER H2   H N N 244 
SER HA   H N N 245 
SER HB2  H N N 246 
SER HB3  H N N 247 
SER HG   H N N 248 
SER HXT  H N N 249 
TRP N    N N N 250 
TRP CA   C N S 251 
TRP C    C N N 252 
TRP O    O N N 253 
TRP CB   C N N 254 
TRP CG   C Y N 255 
TRP CD1  C Y N 256 
TRP CD2  C Y N 257 
TRP NE1  N Y N 258 
TRP CE2  C Y N 259 
TRP CE3  C Y N 260 
TRP CZ2  C Y N 261 
TRP CZ3  C Y N 262 
TRP CH2  C Y N 263 
TRP OXT  O N N 264 
TRP H    H N N 265 
TRP H2   H N N 266 
TRP HA   H N N 267 
TRP HB2  H N N 268 
TRP HB3  H N N 269 
TRP HD1  H N N 270 
TRP HE1  H N N 271 
TRP HE3  H N N 272 
TRP HZ2  H N N 273 
TRP HZ3  H N N 274 
TRP HH2  H N N 275 
TRP HXT  H N N 276 
VAL N    N N N 277 
VAL CA   C N S 278 
VAL C    C N N 279 
VAL O    O N N 280 
VAL CB   C N N 281 
VAL CG1  C N N 282 
VAL CG2  C N N 283 
VAL OXT  O N N 284 
VAL H    H N N 285 
VAL H2   H N N 286 
VAL HA   H N N 287 
VAL HB   H N N 288 
VAL HG11 H N N 289 
VAL HG12 H N N 290 
VAL HG13 H N N 291 
VAL HG21 H N N 292 
VAL HG22 H N N 293 
VAL HG23 H N N 294 
VAL HXT  H N N 295 
# 
loop_
_chem_comp_bond.comp_id 
_chem_comp_bond.atom_id_1 
_chem_comp_bond.atom_id_2 
_chem_comp_bond.value_order 
_chem_comp_bond.pdbx_aromatic_flag 
_chem_comp_bond.pdbx_stereo_config 
_chem_comp_bond.pdbx_ordinal 
ALA N   CA   sing N N 1   
ALA N   H    sing N N 2   
ALA N   H2   sing N N 3   
ALA CA  C    sing N N 4   
ALA CA  CB   sing N N 5   
ALA CA  HA   sing N N 6   
ALA C   O    doub N N 7   
ALA C   OXT  sing N N 8   
ALA CB  HB1  sing N N 9   
ALA CB  HB2  sing N N 10  
ALA CB  HB3  sing N N 11  
ALA OXT HXT  sing N N 12  
ARG N   CA   sing N N 13  
ARG N   H    sing N N 14  
ARG N   H2   sing N N 15  
ARG CA  C    sing N N 16  
ARG CA  CB   sing N N 17  
ARG CA  HA   sing N N 18  
ARG C   O    doub N N 19  
ARG C   OXT  sing N N 20  
ARG CB  CG   sing N N 21  
ARG CB  HB2  sing N N 22  
ARG CB  HB3  sing N N 23  
ARG CG  CD   sing N N 24  
ARG CG  HG2  sing N N 25  
ARG CG  HG3  sing N N 26  
ARG CD  NE   sing N N 27  
ARG CD  HD2  sing N N 28  
ARG CD  HD3  sing N N 29  
ARG NE  CZ   sing N N 30  
ARG NE  HE   sing N N 31  
ARG CZ  NH1  sing N N 32  
ARG CZ  NH2  doub N N 33  
ARG NH1 HH11 sing N N 34  
ARG NH1 HH12 sing N N 35  
ARG NH2 HH21 sing N N 36  
ARG NH2 HH22 sing N N 37  
ARG OXT HXT  sing N N 38  
ASP N   CA   sing N N 39  
ASP N   H    sing N N 40  
ASP N   H2   sing N N 41  
ASP CA  C    sing N N 42  
ASP CA  CB   sing N N 43  
ASP CA  HA   sing N N 44  
ASP C   O    doub N N 45  
ASP C   OXT  sing N N 46  
ASP CB  CG   sing N N 47  
ASP CB  HB2  sing N N 48  
ASP CB  HB3  sing N N 49  
ASP CG  OD1  doub N N 50  
ASP CG  OD2  sing N N 51  
ASP OD2 HD2  sing N N 52  
ASP OXT HXT  sing N N 53  
GLN N   CA   sing N N 54  
GLN N   H    sing N N 55  
GLN N   H2   sing N N 56  
GLN CA  C    sing N N 57  
GLN CA  CB   sing N N 58  
GLN CA  HA   sing N N 59  
GLN C   O    doub N N 60  
GLN C   OXT  sing N N 61  
GLN CB  CG   sing N N 62  
GLN CB  HB2  sing N N 63  
GLN CB  HB3  sing N N 64  
GLN CG  CD   sing N N 65  
GLN CG  HG2  sing N N 66  
GLN CG  HG3  sing N N 67  
GLN CD  OE1  doub N N 68  
GLN CD  NE2  sing N N 69  
GLN NE2 HE21 sing N N 70  
GLN NE2 HE22 sing N N 71  
GLN OXT HXT  sing N N 72  
GLU N   CA   sing N N 73  
GLU N   H    sing N N 74  
GLU N   H2   sing N N 75  
GLU CA  C    sing N N 76  
GLU CA  CB   sing N N 77  
GLU CA  HA   sing N N 78  
GLU C   O    doub N N 79  
GLU C   OXT  sing N N 80  
GLU CB  CG   sing N N 81  
GLU CB  HB2  sing N N 82  
GLU CB  HB3  sing N N 83  
GLU CG  CD   sing N N 84  
GLU CG  HG2  sing N N 85  
GLU CG  HG3  sing N N 86  
GLU CD  OE1  doub N N 87  
GLU CD  OE2  sing N N 88  
GLU OE2 HE2  sing N N 89  
GLU OXT HXT  sing N N 90  
GLY N   CA   sing N N 91  
GLY N   H    sing N N 92  
GLY N   H2   sing N N 93  
GLY CA  C    sing N N 94  
GLY CA  HA2  sing N N 95  
GLY CA  HA3  sing N N 96  
GLY C   O    doub N N 97  
GLY C   OXT  sing N N 98  
GLY OXT HXT  sing N N 99  
HIS N   CA   sing N N 100 
HIS N   H    sing N N 101 
HIS N   H2   sing N N 102 
HIS CA  C    sing N N 103 
HIS CA  CB   sing N N 104 
HIS CA  HA   sing N N 105 
HIS C   O    doub N N 106 
HIS C   OXT  sing N N 107 
HIS CB  CG   sing N N 108 
HIS CB  HB2  sing N N 109 
HIS CB  HB3  sing N N 110 
HIS CG  ND1  sing Y N 111 
HIS CG  CD2  doub Y N 112 
HIS ND1 CE1  doub Y N 113 
HIS ND1 HD1  sing N N 114 
HIS CD2 NE2  sing Y N 115 
HIS CD2 HD2  sing N N 116 
HIS CE1 NE2  sing Y N 117 
HIS CE1 HE1  sing N N 118 
HIS NE2 HE2  sing N N 119 
HIS OXT HXT  sing N N 120 
HOH O   H1   sing N N 121 
HOH O   H2   sing N N 122 
ILE N   CA   sing N N 123 
ILE N   H    sing N N 124 
ILE N   H2   sing N N 125 
ILE CA  C    sing N N 126 
ILE CA  CB   sing N N 127 
ILE CA  HA   sing N N 128 
ILE C   O    doub N N 129 
ILE C   OXT  sing N N 130 
ILE CB  CG1  sing N N 131 
ILE CB  CG2  sing N N 132 
ILE CB  HB   sing N N 133 
ILE CG1 CD1  sing N N 134 
ILE CG1 HG12 sing N N 135 
ILE CG1 HG13 sing N N 136 
ILE CG2 HG21 sing N N 137 
ILE CG2 HG22 sing N N 138 
ILE CG2 HG23 sing N N 139 
ILE CD1 HD11 sing N N 140 
ILE CD1 HD12 sing N N 141 
ILE CD1 HD13 sing N N 142 
ILE OXT HXT  sing N N 143 
LEU N   CA   sing N N 144 
LEU N   H    sing N N 145 
LEU N   H2   sing N N 146 
LEU CA  C    sing N N 147 
LEU CA  CB   sing N N 148 
LEU CA  HA   sing N N 149 
LEU C   O    doub N N 150 
LEU C   OXT  sing N N 151 
LEU CB  CG   sing N N 152 
LEU CB  HB2  sing N N 153 
LEU CB  HB3  sing N N 154 
LEU CG  CD1  sing N N 155 
LEU CG  CD2  sing N N 156 
LEU CG  HG   sing N N 157 
LEU CD1 HD11 sing N N 158 
LEU CD1 HD12 sing N N 159 
LEU CD1 HD13 sing N N 160 
LEU CD2 HD21 sing N N 161 
LEU CD2 HD22 sing N N 162 
LEU CD2 HD23 sing N N 163 
LEU OXT HXT  sing N N 164 
LYS N   CA   sing N N 165 
LYS N   H    sing N N 166 
LYS N   H2   sing N N 167 
LYS CA  C    sing N N 168 
LYS CA  CB   sing N N 169 
LYS CA  HA   sing N N 170 
LYS C   O    doub N N 171 
LYS C   OXT  sing N N 172 
LYS CB  CG   sing N N 173 
LYS CB  HB2  sing N N 174 
LYS CB  HB3  sing N N 175 
LYS CG  CD   sing N N 176 
LYS CG  HG2  sing N N 177 
LYS CG  HG3  sing N N 178 
LYS CD  CE   sing N N 179 
LYS CD  HD2  sing N N 180 
LYS CD  HD3  sing N N 181 
LYS CE  NZ   sing N N 182 
LYS CE  HE2  sing N N 183 
LYS CE  HE3  sing N N 184 
LYS NZ  HZ1  sing N N 185 
LYS NZ  HZ2  sing N N 186 
LYS NZ  HZ3  sing N N 187 
LYS OXT HXT  sing N N 188 
MET N   CA   sing N N 189 
MET N   H    sing N N 190 
MET N   H2   sing N N 191 
MET CA  C    sing N N 192 
MET CA  CB   sing N N 193 
MET CA  HA   sing N N 194 
MET C   O    doub N N 195 
MET C   OXT  sing N N 196 
MET CB  CG   sing N N 197 
MET CB  HB2  sing N N 198 
MET CB  HB3  sing N N 199 
MET CG  SD   sing N N 200 
MET CG  HG2  sing N N 201 
MET CG  HG3  sing N N 202 
MET SD  CE   sing N N 203 
MET CE  HE1  sing N N 204 
MET CE  HE2  sing N N 205 
MET CE  HE3  sing N N 206 
MET OXT HXT  sing N N 207 
PRO N   CA   sing N N 208 
PRO N   CD   sing N N 209 
PRO N   H    sing N N 210 
PRO CA  C    sing N N 211 
PRO CA  CB   sing N N 212 
PRO CA  HA   sing N N 213 
PRO C   O    doub N N 214 
PRO C   OXT  sing N N 215 
PRO CB  CG   sing N N 216 
PRO CB  HB2  sing N N 217 
PRO CB  HB3  sing N N 218 
PRO CG  CD   sing N N 219 
PRO CG  HG2  sing N N 220 
PRO CG  HG3  sing N N 221 
PRO CD  HD2  sing N N 222 
PRO CD  HD3  sing N N 223 
PRO OXT HXT  sing N N 224 
SER N   CA   sing N N 225 
SER N   H    sing N N 226 
SER N   H2   sing N N 227 
SER CA  C    sing N N 228 
SER CA  CB   sing N N 229 
SER CA  HA   sing N N 230 
SER C   O    doub N N 231 
SER C   OXT  sing N N 232 
SER CB  OG   sing N N 233 
SER CB  HB2  sing N N 234 
SER CB  HB3  sing N N 235 
SER OG  HG   sing N N 236 
SER OXT HXT  sing N N 237 
TRP N   CA   sing N N 238 
TRP N   H    sing N N 239 
TRP N   H2   sing N N 240 
TRP CA  C    sing N N 241 
TRP CA  CB   sing N N 242 
TRP CA  HA   sing N N 243 
TRP C   O    doub N N 244 
TRP C   OXT  sing N N 245 
TRP CB  CG   sing N N 246 
TRP CB  HB2  sing N N 247 
TRP CB  HB3  sing N N 248 
TRP CG  CD1  doub Y N 249 
TRP CG  CD2  sing Y N 250 
TRP CD1 NE1  sing Y N 251 
TRP CD1 HD1  sing N N 252 
TRP CD2 CE2  doub Y N 253 
TRP CD2 CE3  sing Y N 254 
TRP NE1 CE2  sing Y N 255 
TRP NE1 HE1  sing N N 256 
TRP CE2 CZ2  sing Y N 257 
TRP CE3 CZ3  doub Y N 258 
TRP CE3 HE3  sing N N 259 
TRP CZ2 CH2  doub Y N 260 
TRP CZ2 HZ2  sing N N 261 
TRP CZ3 CH2  sing Y N 262 
TRP CZ3 HZ3  sing N N 263 
TRP CH2 HH2  sing N N 264 
TRP OXT HXT  sing N N 265 
VAL N   CA   sing N N 266 
VAL N   H    sing N N 267 
VAL N   H2   sing N N 268 
VAL CA  C    sing N N 269 
VAL CA  CB   sing N N 270 
VAL CA  HA   sing N N 271 
VAL C   O    doub N N 272 
VAL C   OXT  sing N N 273 
VAL CB  CG1  sing N N 274 
VAL CB  CG2  sing N N 275 
VAL CB  HB   sing N N 276 
VAL CG1 HG11 sing N N 277 
VAL CG1 HG12 sing N N 278 
VAL CG1 HG13 sing N N 279 
VAL CG2 HG21 sing N N 280 
VAL CG2 HG22 sing N N 281 
VAL CG2 HG23 sing N N 282 
VAL OXT HXT  sing N N 283 
# 
_pdbx_audit_support.funding_organization   'Max Planck Bristol Centre for Minimal Biology - University of Bristol' 
_pdbx_audit_support.country                'United Kingdom' 
_pdbx_audit_support.grant_number           ? 
_pdbx_audit_support.ordinal                1 
# 
_atom_sites.entry_id                    8QAF 
_atom_sites.Cartn_transf_matrix[1][1]   ? 
_atom_sites.Cartn_transf_matrix[1][2]   ? 
_atom_sites.Cartn_transf_matrix[1][3]   ? 
_atom_sites.Cartn_transf_matrix[2][1]   ? 
_atom_sites.Cartn_transf_matrix[2][2]   ? 
_atom_sites.Cartn_transf_matrix[2][3]   ? 
_atom_sites.Cartn_transf_matrix[3][1]   ? 
_atom_sites.Cartn_transf_matrix[3][2]   ? 
_atom_sites.Cartn_transf_matrix[3][3]   ? 
_atom_sites.Cartn_transf_vector[1]      ? 
_atom_sites.Cartn_transf_vector[2]      ? 
_atom_sites.Cartn_transf_vector[3]      ? 
_atom_sites.Cartn_transform_axes        ? 
_atom_sites.fract_transf_matrix[1][1]   0.00629037 
_atom_sites.fract_transf_matrix[1][2]   0.00982793 
_atom_sites.fract_transf_matrix[1][3]   0.01624202 
_atom_sites.fract_transf_matrix[2][1]   -0.01129455 
_atom_sites.fract_transf_matrix[2][2]   0.01569017 
_atom_sites.fract_transf_matrix[2][3]   -0.00511974 
_atom_sites.fract_transf_matrix[3][1]   -0.01332751 
_atom_sites.fract_transf_matrix[3][2]   -0.00660536 
_atom_sites.fract_transf_matrix[3][3]   0.00915847 
_atom_sites.fract_transf_vector[1]      0.881655 
_atom_sites.fract_transf_vector[2]      0.331816 
_atom_sites.fract_transf_vector[3]      0.218403 
_atom_sites.solution_primary            ? 
_atom_sites.solution_secondary          ? 
_atom_sites.solution_hydrogens          ? 
_atom_sites.special_details             ? 
# 
loop_
_atom_type.symbol 
C 
N 
O 
# 
loop_
_atom_site.group_PDB 
_atom_site.id 
_atom_site.type_symbol 
_atom_site.label_atom_id 
_atom_site.label_alt_id 
_atom_site.label_comp_id 
_atom_site.label_asym_id 
_atom_site.label_entity_id 
_atom_site.label_seq_id 
_atom_site.pdbx_PDB_ins_code 
_atom_site.Cartn_x 
_atom_site.Cartn_y 
_atom_site.Cartn_z 
_atom_site.occupancy 
_atom_site.B_iso_or_equiv 
_atom_site.pdbx_formal_charge 
_atom_site.auth_seq_id 
_atom_site.auth_comp_id 
_atom_site.auth_asym_id 
_atom_site.auth_atom_id 
_atom_site.pdbx_PDB_model_num 
ATOM   1   N N   . MET A 1 21 ? -23.79779 -5.15238  5.13390   1.000 81.83174 ? 0   MET A N   1 
ATOM   2   C CA  . MET A 1 21 ? -23.07191 -6.34536  4.73856   1.000 68.40552 ? 0   MET A CA  1 
ATOM   3   C C   . MET A 1 21 ? -22.21377 -6.13468  3.50708   1.000 63.99656 ? 0   MET A C   1 
ATOM   4   O O   . MET A 1 21 ? -20.98402 -6.17071  3.57850   1.000 59.66285 ? 0   MET A O   1 
ATOM   5   N N   . MET A 1 22 ? -22.87158 -5.91257  2.36744   1.000 65.67901 ? 1   MET A N   1 
ATOM   6   C CA  . MET A 1 22 ? -22.14188 -5.69437  1.13236   1.000 62.55497 ? 1   MET A CA  1 
ATOM   7   C C   . MET A 1 22 ? -21.34403 -4.40545  1.12532   1.000 54.48229 ? 1   MET A C   1 
ATOM   8   O O   . MET A 1 22 ? -20.32386 -4.31008  0.43823   1.000 56.88683 ? 1   MET A O   1 
ATOM   9   N N   . ALA A 1 23 ? -21.79287 -3.39698  1.87752   1.000 55.31900 ? 2   ALA A N   1 
ATOM   10  C CA  . ALA A 1 23 ? -21.06601 -2.13060  1.91122   1.000 54.51656 ? 2   ALA A CA  1 
ATOM   11  C C   . ALA A 1 23 ? -19.70204 -2.28649  2.57818   1.000 52.55638 ? 2   ALA A C   1 
ATOM   12  O O   . ALA A 1 23 ? -18.70161 -1.73951  2.09713   1.000 47.56532 ? 2   ALA A O   1 
ATOM   13  C CB  . ALA A 1 23 ? -21.90020 -1.06588  2.62411   1.000 56.64617 ? 2   ALA A CB  1 
ATOM   14  N N   . ILE A 1 24 ? -19.63395 -3.02723  3.68513   1.000 54.16180 ? 3   ILE A N   1 
ATOM   15  C CA  . ILE A 1 24 ? -18.35316 -3.18303  4.36820   1.000 51.81077 ? 3   ILE A CA  1 
ATOM   16  C C   . ILE A 1 24 ? -17.39971 -4.02066  3.52196   1.000 46.26868 ? 3   ILE A C   1 
ATOM   17  O O   . ILE A 1 24 ? -16.18848 -3.75974  3.48290   1.000 44.87628 ? 3   ILE A O   1 
ATOM   18  C CB  . ILE A 1 24 ? -18.56350 -3.78434  5.76949   1.000 55.96572 ? 3   ILE A CB  1 
ATOM   19  C CG1 . ILE A 1 24 ? -18.99516 -2.69461  6.74917   1.000 63.30055 ? 3   ILE A CG1 1 
ATOM   20  C CG2 . ILE A 1 24 ? -17.28886 -4.43506  6.27841   1.000 52.62091 ? 3   ILE A CG2 1 
ATOM   21  C CD1 . ILE A 1 24 ? -19.34033 -3.22641  8.12178   1.000 70.99838 ? 3   ILE A CD1 1 
ATOM   22  N N   . GLU A 1 25 ? -17.93461 -5.02064  2.81289   1.000 52.63941 ? 4   GLU A N   1 
ATOM   23  C CA  . GLU A 1 25 ? -17.12220 -5.80013  1.88155   1.000 49.62066 ? 4   GLU A CA  1 
ATOM   24  C C   . GLU A 1 25 ? -16.60984 -4.93359  0.73548   1.000 46.13502 ? 4   GLU A C   1 
ATOM   25  O O   . GLU A 1 25 ? -15.46751 -5.09394  0.28995   1.000 42.39111 ? 4   GLU A O   1 
ATOM   26  C CB  . GLU A 1 25 ? -17.93024 -6.98048  1.34149   1.000 56.12607 ? 4   GLU A CB  1 
ATOM   27  N N   . GLU A 1 26 ? -17.43595 -4.00321  0.24503   1.000 48.57936 ? 5   GLU A N   1 
ATOM   28  C CA  . GLU A 1 26 ? -16.95894 -3.08850  -0.78936  1.000 43.70020 ? 5   GLU A CA  1 
ATOM   29  C C   . GLU A 1 26 ? -15.82225 -2.21932  -0.26668  1.000 37.42930 ? 5   GLU A C   1 
ATOM   30  O O   . GLU A 1 26 ? -14.85118 -1.95317  -0.98555  1.000 37.94049 ? 5   GLU A O   1 
ATOM   31  C CB  . GLU A 1 26 ? -18.10641 -2.21875  -1.30605  1.000 43.97513 ? 5   GLU A CB  1 
ATOM   32  C CG  . GLU A 1 26 ? -19.02816 -2.93435  -2.28941  1.000 48.45032 ? 5   GLU A CG  1 
ATOM   33  N N   . ILE A 1 27 ? -15.92790 -1.75615  0.97946   1.000 36.89697 ? 6   ILE A N   1 
ATOM   34  C CA  . ILE A 1 27 ? -14.86380 -0.93428  1.54516   1.000 34.61481 ? 6   ILE A CA  1 
ATOM   35  C C   . ILE A 1 27 ? -13.56222 -1.72569  1.61947   1.000 33.23920 ? 6   ILE A C   1 
ATOM   36  O O   . ILE A 1 27 ? -12.48958 -1.20860  1.29171   1.000 32.85173 ? 6   ILE A O   1 
ATOM   37  C CB  . ILE A 1 27 ? -15.27787 -0.38767  2.92516   1.000 35.54806 ? 6   ILE A CB  1 
ATOM   38  C CG1 . ILE A 1 27 ? -16.35235 0.69832   2.77622   1.000 36.33750 ? 6   ILE A CG1 1 
ATOM   39  C CG2 . ILE A 1 27 ? -14.06148 0.17783   3.67682   1.000 33.36038 ? 6   ILE A CG2 1 
ATOM   40  C CD1 . ILE A 1 27 ? -17.21701 0.86702   4.01726   1.000 38.08850 ? 6   ILE A CD1 1 
ATOM   41  N N   . ALA A 1 28 ? -13.63359 -2.99195  2.04775   1.000 34.37307 ? 7   ALA A N   1 
ATOM   42  C CA  . ALA A 1 28 ? -12.41420 -3.79371  2.16540   1.000 38.36804 ? 7   ALA A CA  1 
ATOM   43  C C   . ALA A 1 28 ? -11.76269 -4.01166  0.80350   1.000 33.19231 ? 7   ALA A C   1 
ATOM   44  O O   . ALA A 1 28 ? -10.53328 -3.89969  0.66753   1.000 32.17274 ? 7   ALA A O   1 
ATOM   45  C CB  . ALA A 1 28 ? -12.72205 -5.14035  2.83456   1.000 35.62953 ? 7   ALA A CB  1 
ATOM   46  N N   . GLN A 1 29 ? -12.57591 -4.32025  -0.21651  1.000 38.39410 ? 8   GLN A N   1 
ATOM   47  C CA  . GLN A 1 29 ? -12.06631 -4.49349  -1.57522  1.000 35.36593 ? 8   GLN A CA  1 
ATOM   48  C C   . GLN A 1 29 ? -11.39886 -3.22353  -2.08807  1.000 36.96117 ? 8   GLN A C   1 
ATOM   49  O O   . GLN A 1 29 ? -10.35497 -3.28558  -2.74975  1.000 34.80138 ? 8   GLN A O   1 
ATOM   50  C CB  . GLN A 1 29 ? -13.20451 -4.90635  -2.52034  1.000 37.66721 ? 8   GLN A CB  1 
ATOM   51  N N   . ALA A 1 30 ? -11.99713 -2.06162  -1.81029  1.000 35.06566 ? 9   ALA A N   1 
ATOM   52  C CA  . ALA A 1 30 ? -11.39197 -0.80103  -2.22754  1.000 34.31477 ? 9   ALA A CA  1 
ATOM   53  C C   . ALA A 1 30 ? -10.06945 -0.55795  -1.50960  1.000 32.17558 ? 9   ALA A C   1 
ATOM   54  O O   . ALA A 1 30 ? -9.11039  -0.05901  -2.11241  1.000 28.84462 ? 9   ALA A O   1 
ATOM   55  C CB  . ALA A 1 30 ? -12.35809 0.35969   -1.96823  1.000 33.62714 ? 9   ALA A CB  1 
ATOM   56  N N   . ILE A 1 31 ? -10.01205 -0.87320  -0.21539  1.000 28.81313 ? 10  ILE A N   1 
ATOM   57  C CA  . ILE A 1 31 ? -8.77524  -0.68983  0.53858   1.000 31.35533 ? 10  ILE A CA  1 
ATOM   58  C C   . ILE A 1 31 ? -7.69303  -1.63768  0.03238   1.000 31.47179 ? 10  ILE A C   1 
ATOM   59  O O   . ILE A 1 31 ? -6.51070  -1.27402  -0.01048  1.000 28.70702 ? 10  ILE A O   1 
ATOM   60  C CB  . ILE A 1 31 ? -9.04381  -0.85827  2.04850   1.000 28.71739 ? 10  ILE A CB  1 
ATOM   61  C CG1 . ILE A 1 31 ? -9.93067  0.30280   2.51589   1.000 31.48187 ? 10  ILE A CG1 1 
ATOM   62  C CG2 . ILE A 1 31 ? -7.74285  -0.84143  2.86570   1.000 30.42441 ? 10  ILE A CG2 1 
ATOM   63  C CD1 . ILE A 1 31 ? -10.38259 0.21285   3.93115   1.000 33.71599 ? 10  ILE A CD1 1 
ATOM   64  N N   . GLU A 1 32 ? -8.07282  -2.86151  -0.36877  1.000 29.04590 ? 11  GLU A N   1 
ATOM   65  C CA  . GLU A 1 32 ? -7.09823  -3.74643  -1.00447  1.000 31.08028 ? 11  GLU A CA  1 
ATOM   66  C C   . GLU A 1 32 ? -6.52653  -3.12353  -2.27362  1.000 31.71142 ? 11  GLU A C   1 
ATOM   67  O O   . GLU A 1 32 ? -5.32594  -3.24559  -2.54207  1.000 29.98706 ? 11  GLU A O   1 
ATOM   68  C CB  . GLU A 1 32 ? -7.72550  -5.12263  -1.32287  1.000 31.99007 ? 11  GLU A CB  1 
ATOM   69  N N   . GLU A 1 33 ? -7.37218  -2.47872  -3.09034  1.000 30.44964 ? 12  GLU A N   1 
ATOM   70  C CA  . GLU A 1 33 ? -6.86685  -1.85295  -4.30784  1.000 31.65690 ? 12  GLU A CA  1 
ATOM   71  C C   . GLU A 1 33 ? -5.91282  -0.70714  -3.98345  1.000 28.86185 ? 12  GLU A C   1 
ATOM   72  O O   . GLU A 1 33 ? -4.93783  -0.47295  -4.71377  1.000 29.43818 ? 12  GLU A O   1 
ATOM   73  C CB  . GLU A 1 33 ? -8.02565  -1.34201  -5.16575  1.000 38.49701 ? 12  GLU A CB  1 
ATOM   74  C CG  . GLU A 1 33 ? -8.84194  -2.44850  -5.80725  1.000 43.12675 ? 12  GLU A CG  1 
ATOM   75  N N   . ILE A 1 34 ? -6.20784  0.04795   -2.91902  1.000 27.98282 ? 13  ILE A N   1 
ATOM   76  C CA  . ILE A 1 34 ? -5.32855  1.13289   -2.50168  1.000 27.44361 ? 13  ILE A CA  1 
ATOM   77  C C   . ILE A 1 34 ? -3.96482  0.59218   -2.08748  1.000 28.48963 ? 13  ILE A C   1 
ATOM   78  O O   . ILE A 1 34 ? -2.92545  1.17746   -2.42099  1.000 29.24878 ? 13  ILE A O   1 
ATOM   79  C CB  . ILE A 1 34 ? -5.98311  1.93928   -1.36228  1.000 28.18752 ? 13  ILE A CB  1 
ATOM   80  C CG1 . ILE A 1 34 ? -7.11647  2.80858   -1.92411  1.000 26.52581 ? 13  ILE A CG1 1 
ATOM   81  C CG2 . ILE A 1 34 ? -4.94890  2.79942   -0.66656  1.000 25.15684 ? 13  ILE A CG2 1 
ATOM   82  C CD1 . ILE A 1 34 ? -8.02179  3.42723   -0.87002  1.000 27.58309 ? 13  ILE A CD1 1 
ATOM   83  N N   . ALA A 1 35 ? -3.93891  -0.53195  -1.35527  1.000 29.28230 ? 14  ALA A N   1 
ATOM   84  C CA  . ALA A 1 35 ? -2.64991  -1.10663  -0.95380  1.000 32.52436 ? 14  ALA A CA  1 
ATOM   85  C C   . ALA A 1 35 ? -1.83315  -1.55202  -2.16329  1.000 31.04406 ? 14  ALA A C   1 
ATOM   86  O O   . ALA A 1 35 ? -0.60772  -1.37200  -2.20021  1.000 30.27749 ? 14  ALA A O   1 
ATOM   87  C CB  . ALA A 1 35 ? -2.86010  -2.28204  0.00725   1.000 29.65302 ? 14  ALA A CB  1 
ATOM   88  N N   . LYS A 1 36 ? -2.48951  -2.14868  -3.15959  1.000 28.34485 ? 15  LYS A N   1 
ATOM   89  C CA  . LYS A 1 36 ? -1.78831  -2.52711  -4.38226  1.000 31.72187 ? 15  LYS A CA  1 
ATOM   90  C C   . LYS A 1 36 ? -1.21911  -1.31090  -5.10685  1.000 33.79477 ? 15  LYS A C   1 
ATOM   91  O O   . LYS A 1 36 ? -0.10360  -1.36030  -5.63648  1.000 31.16879 ? 15  LYS A O   1 
ATOM   92  C CB  . LYS A 1 36 ? -2.72600  -3.31636  -5.30083  1.000 34.02795 ? 15  LYS A CB  1 
ATOM   93  N N   . ALA A 1 37 ? -1.97492  -0.21530  -5.17086  1.000 30.36863 ? 16  ALA A N   1 
ATOM   94  C CA  . ALA A 1 37 ? -1.45377  0.97011   -5.84538  1.000 33.14964 ? 16  ALA A CA  1 
ATOM   95  C C   . ALA A 1 37 ? -0.32519  1.62513   -5.04785  1.000 29.40864 ? 16  ALA A C   1 
ATOM   96  O O   . ALA A 1 37 ? 0.62505   2.15128   -5.63542  1.000 30.04865 ? 16  ALA A O   1 
ATOM   97  C CB  . ALA A 1 37 ? -2.59161  1.96485   -6.10390  1.000 31.98594 ? 16  ALA A CB  1 
ATOM   98  N N   . ILE A 1 38 ? -0.39400  1.59035   -3.71796  1.000 26.41486 ? 17  ILE A N   1 
ATOM   99  C CA  A ILE A 1 38 ? 0.69891   2.15079   -2.93093  0.646 31.41486 ? 17  ILE A CA  1 
ATOM   100 C CA  B ILE A 1 38 ? 0.69009   2.13383   -2.90200  0.354 31.41014 ? 17  ILE A CA  1 
ATOM   101 C C   . ILE A 1 38 ? 1.96341   1.31385   -3.08974  1.000 31.64728 ? 17  ILE A C   1 
ATOM   102 O O   . ILE A 1 38 ? 3.07571   1.85903   -3.11391  1.000 32.65764 ? 17  ILE A O   1 
ATOM   103 C CB  A ILE A 1 38 ? 0.26625   2.29009   -1.46292  0.646 28.12551 ? 17  ILE A CB  1 
ATOM   104 C CB  B ILE A 1 38 ? 0.26571   2.19905   -1.42234  0.354 28.51028 ? 17  ILE A CB  1 
ATOM   105 C CG1 A ILE A 1 38 ? -0.78709  3.39052   -1.36144  0.646 29.92750 ? 17  ILE A CG1 1 
ATOM   106 C CG1 B ILE A 1 38 ? -0.84056  3.23711   -1.23226  0.354 29.86609 ? 17  ILE A CG1 1 
ATOM   107 C CG2 A ILE A 1 38 ? 1.45343   2.62522   -0.55004  0.646 31.56885 ? 17  ILE A CG2 1 
ATOM   108 C CG2 B ILE A 1 38 ? 1.45011   2.55210   -0.52296  0.354 31.36451 ? 17  ILE A CG2 1 
ATOM   109 C CD1 A ILE A 1 38 ? -1.40688  3.48026   -0.03141  0.646 27.54939 ? 17  ILE A CD1 1 
ATOM   110 C CD1 B ILE A 1 38 ? -0.40043  4.64418   -1.54357  0.354 28.09974 ? 17  ILE A CD1 1 
ATOM   111 N N   . LYS A 1 39 ? 1.82861   -0.00808  -3.23483  1.000 29.83316 ? 18  LYS A N   1 
ATOM   112 C CA  . LYS A 1 39 ? 3.02618   -0.80652  -3.48892  1.000 28.85063 ? 18  LYS A CA  1 
ATOM   113 C C   . LYS A 1 39 ? 3.62473   -0.45812  -4.84663  1.000 35.08604 ? 18  LYS A C   1 
ATOM   114 O O   . LYS A 1 39 ? 4.85152   -0.44007  -5.00635  1.000 33.30111 ? 18  LYS A O   1 
ATOM   115 C CB  . LYS A 1 39 ? 2.69976   -2.30000  -3.38625  1.000 35.90653 ? 18  LYS A CB  1 
ATOM   116 N N   . LYS A 1 40 ? 2.77507   -0.16398  -5.83725  1.000 35.29326 ? 19  LYS A N   1 
ATOM   117 C CA  . LYS A 1 40 ? 3.28134   0.24930   -7.14209  1.000 34.87516 ? 19  LYS A CA  1 
ATOM   118 C C   . LYS A 1 40 ? 4.02508   1.57932   -7.04826  1.000 32.94412 ? 19  LYS A C   1 
ATOM   119 O O   . LYS A 1 40 ? 5.02244   1.78928   -7.74784  1.000 33.67614 ? 19  LYS A O   1 
ATOM   120 C CB  . LYS A 1 40 ? 2.13688   0.36109   -8.15390  1.000 38.51727 ? 19  LYS A CB  1 
ATOM   121 C CG  . LYS A 1 40 ? 1.69843   -0.95062  -8.76927  1.000 39.92530 ? 19  LYS A CG  1 
ATOM   122 C CD  . LYS A 1 40 ? 0.48674   -0.77963  -9.67794  1.000 49.86497 ? 19  LYS A CD  1 
ATOM   123 N N   . ILE A 1 41 ? 3.53784   2.49695   -6.20714  1.000 34.08171 ? 20  ILE A N   1 
ATOM   124 C CA  . ILE A 1 41 ? 4.23873   3.75945   -5.98921  1.000 33.49022 ? 20  ILE A CA  1 
ATOM   125 C C   . ILE A 1 41 ? 5.60465   3.51244   -5.35221  1.000 34.92676 ? 20  ILE A C   1 
ATOM   126 O O   . ILE A 1 41 ? 6.59872   4.13233   -5.74091  1.000 35.71048 ? 20  ILE A O   1 
ATOM   127 C CB  . ILE A 1 41 ? 3.37465   4.71915   -5.14149  1.000 32.13469 ? 20  ILE A CB  1 
ATOM   128 C CG1 . ILE A 1 41 ? 2.17546   5.21550   -5.96447  1.000 29.35116 ? 20  ILE A CG1 1 
ATOM   129 C CG2 . ILE A 1 41 ? 4.18016   5.91804   -4.68919  1.000 33.57446 ? 20  ILE A CG2 1 
ATOM   130 C CD1 . ILE A 1 41 ? 1.07171   5.91907   -5.16549  1.000 29.20972 ? 20  ILE A CD1 1 
ATOM   131 N N   . ALA A 1 42 ? 5.68047   2.60386   -4.36482  1.000 30.71590 ? 21  ALA A N   1 
ATOM   132 C CA  . ALA A 1 42 ? 6.96536   2.33347   -3.71896  1.000 36.56606 ? 21  ALA A CA  1 
ATOM   133 C C   . ALA A 1 42 ? 8.00040   1.83539   -4.72222  1.000 36.37058 ? 21  ALA A C   1 
ATOM   134 O O   . ALA A 1 42 ? 9.16702   2.24446   -4.66708  1.000 39.05755 ? 21  ALA A O   1 
ATOM   135 C CB  . ALA A 1 42 ? 6.80698   1.31949   -2.57404  1.000 34.21796 ? 21  ALA A CB  1 
ATOM   136 N N   . TRP A 1 43 ? 7.60239   0.94304   -5.64351  1.000 32.55941 ? 22  TRP A N   1 
ATOM   137 C CA  . TRP A 1 43 ? 8.54913   0.44689   -6.64134  1.000 40.67630 ? 22  TRP A CA  1 
ATOM   138 C C   . TRP A 1 43 ? 9.03454   1.57134   -7.54661  1.000 43.38846 ? 22  TRP A C   1 
ATOM   139 O O   . TRP A 1 43 ? 10.21364  1.61718   -7.91491  1.000 43.07210 ? 22  TRP A O   1 
ATOM   140 C CB  . TRP A 1 43 ? 7.92190   -0.65774  -7.50088  1.000 40.38725 ? 22  TRP A CB  1 
ATOM   141 C CG  . TRP A 1 43 ? 7.91979   -2.02625  -6.91072  1.000 46.72575 ? 22  TRP A CG  1 
ATOM   142 C CD1 . TRP A 1 43 ? 6.83019   -2.74225  -6.51896  1.000 54.42882 ? 22  TRP A CD1 1 
ATOM   143 C CD2 . TRP A 1 43 ? 9.06260   -2.86492  -6.66443  1.000 46.72066 ? 22  TRP A CD2 1 
ATOM   144 N NE1 . TRP A 1 43 ? 7.21628   -3.97840  -6.04745  1.000 55.33937 ? 22  TRP A NE1 1 
ATOM   145 C CE2 . TRP A 1 43 ? 8.58202   -4.07421  -6.11791  1.000 53.01690 ? 22  TRP A CE2 1 
ATOM   146 C CE3 . TRP A 1 43 ? 10.44045  -2.70850  -6.85261  1.000 50.17888 ? 22  TRP A CE3 1 
ATOM   147 C CZ2 . TRP A 1 43 ? 9.43185   -5.12873  -5.75974  1.000 51.55799 ? 22  TRP A CZ2 1 
ATOM   148 C CZ3 . TRP A 1 43 ? 11.28911  -3.75855  -6.49325  1.000 51.38851 ? 22  TRP A CZ3 1 
ATOM   149 C CH2 . TRP A 1 43 ? 10.77874  -4.94952  -5.95013  1.000 51.34156 ? 22  TRP A CH2 1 
ATOM   150 N N   . ALA A 1 44 ? 8.13299   2.47871   -7.92910  1.000 35.76941 ? 23  ALA A N   1 
ATOM   151 C CA  . ALA A 1 44 ? 8.51636   3.56998   -8.81949  1.000 38.49986 ? 23  ALA A CA  1 
ATOM   152 C C   . ALA A 1 44 ? 9.49638   4.52064   -8.14355  1.000 38.45852 ? 23  ALA A C   1 
ATOM   153 O O   . ALA A 1 44 ? 10.44018  5.00386   -8.77881  1.000 42.93234 ? 23  ALA A O   1 
ATOM   154 C CB  . ALA A 1 44 ? 7.27232   4.32677   -9.28203  1.000 38.95447 ? 23  ALA A CB  1 
ATOM   155 N N   . ILE A 1 45 ? 9.27972   4.80918   -6.86030  1.000 38.37525 ? 24  ILE A N   1 
ATOM   156 C CA  . ILE A 1 45 ? 10.21586  5.65073   -6.12614  1.000 42.40068 ? 24  ILE A CA  1 
ATOM   157 C C   . ILE A 1 45 ? 11.56685  4.95362   -5.97486  1.000 43.35892 ? 24  ILE A C   1 
ATOM   158 O O   . ILE A 1 45 ? 12.61316  5.61115   -6.00832  1.000 44.71022 ? 24  ILE A O   1 
ATOM   159 C CB  . ILE A 1 45 ? 9.59519   6.05195   -4.77457  1.000 37.68111 ? 24  ILE A CB  1 
ATOM   160 C CG1 . ILE A 1 45 ? 8.40361   6.97649   -5.03127  1.000 39.54816 ? 24  ILE A CG1 1 
ATOM   161 C CG2 . ILE A 1 45 ? 10.61426  6.75408   -3.88698  1.000 37.38927 ? 24  ILE A CG2 1 
ATOM   162 C CD1 . ILE A 1 45 ? 7.59102   7.27247   -3.81134  1.000 39.96833 ? 24  ILE A CD1 1 
ATOM   163 N N   . LYS A 1 46 ? 11.57539  3.62123   -5.82923  1.000 43.63083 ? 25  LYS A N   1 
ATOM   164 C CA  . LYS A 1 46 ? 12.83321  2.87457   -5.87543  1.000 46.58301 ? 25  LYS A CA  1 
ATOM   165 C C   . LYS A 1 46 ? 13.58808  3.13666   -7.17088  1.000 50.00422 ? 25  LYS A C   1 
ATOM   166 O O   . LYS A 1 46 ? 14.81187  3.32375   -7.16042  1.000 54.00263 ? 25  LYS A O   1 
ATOM   167 C CB  . LYS A 1 46 ? 12.57628  1.37332   -5.73620  1.000 45.80067 ? 25  LYS A CB  1 
ATOM   168 C CG  . LYS A 1 46 ? 12.16275  0.91651   -4.35600  1.000 40.20838 ? 25  LYS A CG  1 
ATOM   169 C CD  . LYS A 1 46 ? 12.51131  -0.57007  -4.18828  1.000 45.83859 ? 25  LYS A CD  1 
ATOM   170 N N   . LYS A 1 47 ? 12.88500  3.12108   -8.30533  1.000 47.38126 ? 26  LYS A N   1 
ATOM   171 C CA  . LYS A 1 47 ? 13.57018  3.34185   -9.57500  1.000 51.18390 ? 26  LYS A CA  1 
ATOM   172 C C   . LYS A 1 47 ? 14.03175  4.78580   -9.71043  1.000 52.66546 ? 26  LYS A C   1 
ATOM   173 O O   . LYS A 1 47 ? 15.05662  5.04918   -10.34815 1.000 53.89360 ? 26  LYS A O   1 
ATOM   174 C CB  . LYS A 1 47 ? 12.66670  2.95579   -10.74708 1.000 51.62121 ? 26  LYS A CB  1 
ATOM   175 N N   . ILE A 1 48 ? 13.29808  5.72955   -9.11737  1.000 49.19560 ? 27  ILE A N   1 
ATOM   176 C CA  . ILE A 1 48 ? 13.76410  7.11262   -9.09545  1.000 52.02180 ? 27  ILE A CA  1 
ATOM   177 C C   . ILE A 1 48 ? 15.04357  7.22883   -8.27244  1.000 52.20215 ? 27  ILE A C   1 
ATOM   178 O O   . ILE A 1 48 ? 15.98807  7.92296   -8.66742  1.000 58.60703 ? 27  ILE A O   1 
ATOM   179 C CB  . ILE A 1 48 ? 12.65395  8.04486   -8.56854  1.000 52.97793 ? 27  ILE A CB  1 
ATOM   180 C CG1 . ILE A 1 48 ? 11.48590  8.09267   -9.56013  1.000 45.98930 ? 27  ILE A CG1 1 
ATOM   181 C CG2 . ILE A 1 48 ? 13.19476  9.45631   -8.34076  1.000 46.87092 ? 27  ILE A CG2 1 
ATOM   182 C CD1 . ILE A 1 48 ? 10.25075  8.82274   -9.02613  1.000 50.97142 ? 27  ILE A CD1 1 
ATOM   183 N N   . ALA A 1 49 ? 15.10517  6.53604   -7.12867  0.879 46.61864 ? 28  ALA A N   1 
ATOM   184 C CA  . ALA A 1 49 ? 16.30323  6.58141   -6.29348  0.879 52.77508 ? 28  ALA A CA  1 
ATOM   185 C C   . ALA A 1 49 ? 17.51241  6.00515   -7.01653  0.879 58.21939 ? 28  ALA A C   1 
ATOM   186 O O   . ALA A 1 49 ? 18.64886  6.43504   -6.77732  0.879 56.21357 ? 28  ALA A O   1 
ATOM   187 C CB  . ALA A 1 49 ? 16.06356  5.82790   -4.98595  0.879 49.54708 ? 28  ALA A CB  1 
ATOM   188 N N   . GLN A 1 50 ? 17.29109  5.03604   -7.90392  0.819 52.80127 ? 29  GLN A N   1 
ATOM   189 C CA  . GLN A 1 50 ? 18.39446  4.49405   -8.68492  0.794 56.68014 ? 29  GLN A CA  1 
ATOM   190 C C   . GLN A 1 50 ? 18.89995  5.51014   -9.70297  0.784 59.10474 ? 29  GLN A C   1 
ATOM   191 O O   . GLN A 1 50 ? 20.11242  5.64016   -9.90857  0.418 62.13710 ? 29  GLN A O   1 
ATOM   192 C CB  . GLN A 1 50 ? 17.95493  3.20286   -9.37447  1.000 59.05187 ? 29  GLN A CB  1 
ATOM   193 N N   . GLN A 1 51 ? 17.99088  6.23689   -10.34627 1.000 57.98585 ? 30  GLN A N   1 
ATOM   194 C CA  . GLN A 1 51 ? 18.36801  7.24461   -11.32267 1.000 64.29229 ? 30  GLN A CA  1 
ATOM   195 C C   . GLN A 1 51 ? 19.05735  8.44944   -10.70924 1.000 70.06394 ? 30  GLN A C   1 
ATOM   196 O O   . GLN A 1 51 ? 18.72675  8.86296   -9.59396  1.000 68.32995 ? 30  GLN A O   1 
ATOM   197 N N   . LYS A 1 58 ? 20.08337  9.91266   -3.34560  1.000 64.35376 ? 37  LYS A N   1 
ATOM   198 C CA  . LYS A 1 58 ? 19.14000  8.82608   -3.53472  1.000 58.17842 ? 37  LYS A CA  1 
ATOM   199 C C   . LYS A 1 58 ? 18.92882  8.00073   -2.27879  1.000 54.70859 ? 37  LYS A C   1 
ATOM   200 O O   . LYS A 1 58 ? 17.96151  7.24622   -2.17835  1.000 51.47489 ? 37  LYS A O   1 
ATOM   201 N N   . ALA A 1 59 ? 19.84490  8.14820   -1.31649  1.000 56.01258 ? 38  ALA A N   1 
ATOM   202 C CA  . ALA A 1 59 ? 19.72649  7.41868   -0.05593  1.000 52.67402 ? 38  ALA A CA  1 
ATOM   203 C C   . ALA A 1 59 ? 18.46144  7.81235   0.70080   1.000 51.37353 ? 38  ALA A C   1 
ATOM   204 O O   . ALA A 1 59 ? 17.79341  6.95916   1.29763   1.000 50.34890 ? 38  ALA A O   1 
ATOM   205 C CB  . ALA A 1 59 ? 20.96399  7.66179   0.80704   1.000 60.95527 ? 38  ALA A CB  1 
ATOM   206 N N   . ALA A 1 60 ? 18.11625  9.10021   0.69049   1.000 46.71552 ? 39  ALA A N   1 
ATOM   207 C CA  . ALA A 1 60 ? 16.89098  9.53338   1.35240   1.000 46.56585 ? 39  ALA A CA  1 
ATOM   208 C C   . ALA A 1 60 ? 15.65726  9.06974   0.58280   1.000 48.23297 ? 39  ALA A C   1 
ATOM   209 O O   . ALA A 1 60 ? 14.64872  8.68561   1.18565   1.000 45.82818 ? 39  ALA A O   1 
ATOM   210 C CB  . ALA A 1 60 ? 16.89049  11.05284  1.50800   1.000 48.52155 ? 39  ALA A CB  1 
ATOM   211 N N   . ILE A 1 61 ? 15.71617  9.10654   -0.74843  1.000 45.97955 ? 40  ILE A N   1 
ATOM   212 C CA  . ILE A 1 61 ? 14.57929  8.67057   -1.55534  1.000 45.54351 ? 40  ILE A CA  1 
ATOM   213 C C   . ILE A 1 61 ? 14.33485  7.17739   -1.36950  1.000 43.55869 ? 40  ILE A C   1 
ATOM   214 O O   . ILE A 1 61 ? 13.18850  6.71350   -1.35643  1.000 42.11384 ? 40  ILE A O   1 
ATOM   215 C CB  . ILE A 1 61 ? 14.81520  9.03023   -3.03430  1.000 46.03099 ? 40  ILE A CB  1 
ATOM   216 C CG1 . ILE A 1 61 ? 14.92347  10.54558  -3.20582  1.000 53.05909 ? 40  ILE A CG1 1 
ATOM   217 C CG2 . ILE A 1 61 ? 13.69757  8.47423   -3.91493  1.000 44.17461 ? 40  ILE A CG2 1 
ATOM   218 C CD1 . ILE A 1 61 ? 15.18568  10.98003  -4.63867  1.000 54.01250 ? 40  ILE A CD1 1 
ATOM   219 N N   . GLU A 1 62 ? 15.40483  6.39861   -1.22946  1.000 42.88815 ? 41  GLU A N   1 
ATOM   220 C CA  . GLU A 1 62 ? 15.23981  4.97630   -0.96509  1.000 44.17959 ? 41  GLU A CA  1 
ATOM   221 C C   . GLU A 1 62 ? 14.55271  4.74175   0.37533   1.000 45.72072 ? 41  GLU A C   1 
ATOM   222 O O   . GLU A 1 62 ? 13.74958  3.81059   0.51443   1.000 44.02491 ? 41  GLU A O   1 
ATOM   223 C CB  . GLU A 1 62 ? 16.59947  4.28045   -1.00934  1.000 46.68172 ? 41  GLU A CB  1 
ATOM   224 N N   . GLU A 1 63 ? 14.86240  5.56667   1.38142   1.000 41.51823 ? 42  GLU A N   1 
ATOM   225 C CA  . GLU A 1 63 ? 14.17873  5.43018   2.66372   1.000 41.06062 ? 42  GLU A CA  1 
ATOM   226 C C   . GLU A 1 63 ? 12.68455  5.69475   2.51312   1.000 38.57485 ? 42  GLU A C   1 
ATOM   227 O O   . GLU A 1 63 ? 11.85819  5.01633   3.13348   1.000 36.67654 ? 42  GLU A O   1 
ATOM   228 C CB  . GLU A 1 63 ? 14.78875  6.37993   3.69818   1.000 47.20032 ? 42  GLU A CB  1 
ATOM   229 N N   . ILE A 1 64 ? 12.31972  6.67892   1.69176   1.000 33.58868 ? 43  ILE A N   1 
ATOM   230 C CA  . ILE A 1 64 ? 10.90539  6.95514   1.46068   1.000 37.68662 ? 43  ILE A CA  1 
ATOM   231 C C   . ILE A 1 64 ? 10.22904  5.76125   0.79828   1.000 34.31449 ? 43  ILE A C   1 
ATOM   232 O O   . ILE A 1 64 ? 9.11525   5.37679   1.17558   1.000 33.93215 ? 43  ILE A O   1 
ATOM   233 C CB  . ILE A 1 64 ? 10.74260  8.23750   0.62478   1.000 35.99024 ? 43  ILE A CB  1 
ATOM   234 C CG1 . ILE A 1 64 ? 11.31064  9.42967   1.40049   1.000 37.71059 ? 43  ILE A CG1 1 
ATOM   235 C CG2 . ILE A 1 64 ? 9.27470   8.45239   0.26731   1.000 31.07071 ? 43  ILE A CG2 1 
ATOM   236 C CD1 . ILE A 1 64 ? 11.40866  10.69510  0.60934   1.000 38.88123 ? 43  ILE A CD1 1 
ATOM   237 N N   . ALA A 1 65 ? 10.88794  5.15125   -0.19607  1.000 33.18299 ? 44  ALA A N   1 
ATOM   238 C CA  . ALA A 1 65 ? 10.27807  4.02220   -0.89951  1.000 38.25210 ? 44  ALA A CA  1 
ATOM   239 C C   . ALA A 1 65 ? 10.06909  2.82976   0.02953   1.000 35.32784 ? 44  ALA A C   1 
ATOM   240 O O   . ALA A 1 65 ? 9.04997   2.13487   -0.06205  1.000 33.17828 ? 44  ALA A O   1 
ATOM   241 C CB  . ALA A 1 65 ? 11.13576  3.60522   -2.10575  1.000 38.72307 ? 44  ALA A CB  1 
ATOM   242 N N   . GLN A 1 66 ? 11.02018  2.57361   0.93036   1.000 37.68230 ? 45  GLN A N   1 
ATOM   243 C CA  . GLN A 1 66 ? 10.86669  1.45400   1.85827   1.000 33.88627 ? 45  GLN A CA  1 
ATOM   244 C C   . GLN A 1 66 ? 9.75688   1.72429   2.87796   1.000 34.74052 ? 45  GLN A C   1 
ATOM   245 O O   . GLN A 1 66 ? 9.01745   0.81058   3.26498   1.000 34.90065 ? 45  GLN A O   1 
ATOM   246 C CB  . GLN A 1 66 ? 12.20279  1.16829   2.56046   1.000 39.50024 ? 45  GLN A CB  1 
ATOM   247 N N   . ALA A 1 67 ? 9.61832   2.96941   3.31807   1.000 31.66981 ? 46  ALA A N   1 
ATOM   248 C CA  . ALA A 1 67 ? 8.51272   3.31992   4.20251   1.000 36.47302 ? 46  ALA A CA  1 
ATOM   249 C C   . ALA A 1 67 ? 7.16750   3.18780   3.49554   1.000 32.42531 ? 46  ALA A C   1 
ATOM   250 O O   . ALA A 1 67 ? 6.17532   2.76620   4.10369   1.000 29.10551 ? 46  ALA A O   1 
ATOM   251 C CB  . ALA A 1 67 ? 8.69792   4.74539   4.72066   1.000 36.08865 ? 46  ALA A CB  1 
ATOM   252 N N   . ILE A 1 68 ? 7.10245   3.58715   2.22430   1.000 29.53986 ? 47  ILE A N   1 
ATOM   253 C CA  . ILE A 1 68 ? 5.84477   3.48888   1.49166   1.000 30.49261 ? 47  ILE A CA  1 
ATOM   254 C C   . ILE A 1 68 ? 5.44845   2.03000   1.30606   1.000 33.82960 ? 47  ILE A C   1 
ATOM   255 O O   . ILE A 1 68 ? 4.26419   1.68292   1.38464   1.000 29.33849 ? 47  ILE A O   1 
ATOM   256 C CB  . ILE A 1 68 ? 5.96035   4.25444   0.16259   1.000 30.86997 ? 47  ILE A CB  1 
ATOM   257 C CG1 . ILE A 1 68 ? 5.97122   5.75397   0.47004   1.000 33.30634 ? 47  ILE A CG1 1 
ATOM   258 C CG2 . ILE A 1 68 ? 4.80419   3.91820   -0.79011  1.000 28.61728 ? 47  ILE A CG2 1 
ATOM   259 C CD1 . ILE A 1 68 ? 6.30755   6.60319   -0.70371  1.000 38.31593 ? 47  ILE A CD1 1 
ATOM   260 N N   . GLU A 1 69 ? 6.43325   1.14282   1.10002   1.000 31.05700 ? 48  GLU A N   1 
ATOM   261 C CA  . GLU A 1 69 ? 6.14108   -0.28655  1.03254   1.000 34.43612 ? 48  GLU A CA  1 
ATOM   262 C C   . GLU A 1 69 ? 5.55168   -0.81460  2.33827   1.000 35.21283 ? 48  GLU A C   1 
ATOM   263 O O   . GLU A 1 69 ? 4.66244   -1.67924  2.31797   1.000 30.93863 ? 48  GLU A O   1 
ATOM   264 C CB  . GLU A 1 69 ? 7.40895   -1.07794  0.67840   1.000 35.29023 ? 48  GLU A CB  1 
ATOM   265 C CG  . GLU A 1 69 ? 7.12907   -2.53175  0.43291   1.000 44.90148 ? 48  GLU A CG  1 
ATOM   266 N N   . GLU A 1 70 ? 6.06498   -0.35267  3.48592   1.000 29.49215 ? 49  GLU A N   1 
ATOM   267 C CA  . GLU A 1 70 ? 5.50801   -0.78819  4.76896   1.000 33.40947 ? 49  GLU A CA  1 
ATOM   268 C C   . GLU A 1 70 ? 4.07292   -0.28675  4.95126   1.000 29.36689 ? 49  GLU A C   1 
ATOM   269 O O   . GLU A 1 70 ? 3.23209   -0.98586  5.53385   1.000 29.07940 ? 49  GLU A O   1 
ATOM   270 C CB  . GLU A 1 70 ? 6.38795   -0.29908  5.92758   1.000 34.66737 ? 49  GLU A CB  1 
ATOM   271 N N   . ILE A 1 71 ? 3.77887   0.92056   4.46482   1.000 27.57138 ? 50  ILE A N   1 
ATOM   272 C CA  . ILE A 1 71 ? 2.41447   1.44654   4.54315   1.000 30.34170 ? 50  ILE A CA  1 
ATOM   273 C C   . ILE A 1 71 ? 1.46781   0.58513   3.70477   1.000 30.49035 ? 50  ILE A C   1 
ATOM   274 O O   . ILE A 1 71 ? 0.34268   0.27956   4.12486   1.000 28.07134 ? 50  ILE A O   1 
ATOM   275 C CB  . ILE A 1 71 ? 2.38871   2.92528   4.09831   1.000 29.96335 ? 50  ILE A CB  1 
ATOM   276 C CG1 . ILE A 1 71 ? 3.05197   3.82041   5.14250   1.000 29.54593 ? 50  ILE A CG1 1 
ATOM   277 C CG2 . ILE A 1 71 ? 0.95285   3.41732   3.83427   1.000 27.77495 ? 50  ILE A CG2 1 
ATOM   278 C CD1 . ILE A 1 71 ? 3.33969   5.21655   4.61314   1.000 30.05620 ? 50  ILE A CD1 1 
ATOM   279 N N   . ALA A 1 72 ? 1.90782   0.17999   2.50582   1.000 27.87887 ? 51  ALA A N   1 
ATOM   280 C CA  . ALA A 1 72 ? 1.07955   -0.69521  1.67188   1.000 30.42842 ? 51  ALA A CA  1 
ATOM   281 C C   . ALA A 1 72 ? 0.78718   -2.02106  2.36853   1.000 34.83843 ? 51  ALA A C   1 
ATOM   282 O O   . ALA A 1 72 ? -0.34379  -2.52967  2.31536   1.000 28.75278 ? 51  ALA A O   1 
ATOM   283 C CB  . ALA A 1 72 ? 1.76392   -0.94948  0.32289   1.000 31.14552 ? 51  ALA A CB  1 
ATOM   284 N N   . LYS A 1 73 ? 1.80269   -2.60469  3.01108   1.000 29.85991 ? 52  LYS A N   1 
ATOM   285 C CA  . LYS A 1 73 ? 1.60763   -3.83241  3.77615   1.000 36.93645 ? 52  LYS A CA  1 
ATOM   286 C C   . LYS A 1 73 ? 0.59090   -3.65003  4.89931   1.000 30.58089 ? 52  LYS A C   1 
ATOM   287 O O   . LYS A 1 73 ? -0.24994  -4.52970  5.13665   1.000 30.02458 ? 52  LYS A O   1 
ATOM   288 C CB  . LYS A 1 73 ? 2.94734   -4.30075  4.34852   1.000 35.29264 ? 52  LYS A CB  1 
ATOM   289 C CG  . LYS A 1 73 ? 3.83699   -4.95937  3.31246   1.000 46.44320 ? 52  LYS A CG  1 
ATOM   290 N N   . ALA A 1 74 ? 0.66625   -2.53076  5.61736   1.000 29.47176 ? 53  ALA A N   1 
ATOM   291 C CA  . ALA A 1 74 ? -0.26001  -2.28453  6.72143   1.000 33.97502 ? 53  ALA A CA  1 
ATOM   292 C C   . ALA A 1 74 ? -1.67652  -2.01948  6.22424   1.000 28.83870 ? 53  ALA A C   1 
ATOM   293 O O   . ALA A 1 74 ? -2.65349  -2.39199  6.88613   1.000 29.16055 ? 53  ALA A O   1 
ATOM   294 C CB  . ALA A 1 74 ? 0.22123   -1.09712  7.55940   1.000 31.60722 ? 53  ALA A CB  1 
ATOM   295 N N   . ILE A 1 75 ? -1.80872  -1.32883  5.09410   1.000 27.50365 ? 54  ILE A N   1 
ATOM   296 C CA  . ILE A 1 75 ? -3.13483  -1.05500  4.54629   1.000 29.37453 ? 54  ILE A CA  1 
ATOM   297 C C   . ILE A 1 75 ? -3.79855  -2.34709  4.09150   1.000 27.67909 ? 54  ILE A C   1 
ATOM   298 O O   . ILE A 1 75 ? -5.01147  -2.52903  4.25538   1.000 28.22816 ? 54  ILE A O   1 
ATOM   299 C CB  . ILE A 1 75 ? -3.02556  -0.00881  3.41857   1.000 27.58972 ? 54  ILE A CB  1 
ATOM   300 C CG1 . ILE A 1 75 ? -2.71740  1.34524   4.04648   1.000 30.61910 ? 54  ILE A CG1 1 
ATOM   301 C CG2 . ILE A 1 75 ? -4.33228  0.10384   2.58128   1.000 30.08920 ? 54  ILE A CG2 1 
ATOM   302 C CD1 . ILE A 1 75 ? -2.44264  2.43677   3.06615   1.000 36.81137 ? 54  ILE A CD1 1 
ATOM   303 N N   . LYS A 1 76 ? -3.01580  -3.29252  3.55570   1.000 26.56504 ? 55  LYS A N   1 
ATOM   304 C CA  . LYS A 1 76 ? -3.60267  -4.58379  3.21133   1.000 28.17075 ? 55  LYS A CA  1 
ATOM   305 C C   . LYS A 1 76 ? -4.07670  -5.32530  4.45861   1.000 31.49106 ? 55  LYS A C   1 
ATOM   306 O O   . LYS A 1 76 ? -5.12003  -5.99467  4.42962   1.000 32.98163 ? 55  LYS A O   1 
ATOM   307 C CB  . LYS A 1 76 ? -2.59906  -5.42105  2.40980   1.000 29.00347 ? 55  LYS A CB  1 
ATOM   308 C CG  . LYS A 1 76 ? -3.11885  -6.81943  2.02748   1.000 38.13294 ? 55  LYS A CG  1 
ATOM   309 N N   . LYS A 1 77 ? -3.33293  -5.21950  5.57113   1.000 30.01743 ? 56  LYS A N   1 
ATOM   310 C CA  . LYS A 1 77 ? -3.79011  -5.83158  6.81923   1.000 34.26504 ? 56  LYS A CA  1 
ATOM   311 C C   . LYS A 1 77 ? -5.10431  -5.21593  7.28722   1.000 32.76279 ? 56  LYS A C   1 
ATOM   312 O O   . LYS A 1 77 ? -5.96735  -5.91336  7.83640   1.000 33.72753 ? 56  LYS A O   1 
ATOM   313 C CB  . LYS A 1 77 ? -2.72346  -5.68286  7.91149   1.000 35.65786 ? 56  LYS A CB  1 
ATOM   314 N N   . ILE A 1 78 ? -5.26267  -3.90301  7.09768   1.000 32.59500 ? 57  ILE A N   1 
ATOM   315 C CA  . ILE A 1 78 ? -6.50615  -3.23897  7.47564   1.000 31.32302 ? 57  ILE A CA  1 
ATOM   316 C C   . ILE A 1 78 ? -7.66855  -3.75551  6.63355   1.000 31.38071 ? 57  ILE A C   1 
ATOM   317 O O   . ILE A 1 78 ? -8.76343  -4.00719  7.14811   1.000 32.37496 ? 57  ILE A O   1 
ATOM   318 C CB  . ILE A 1 78 ? -6.34910  -1.71013  7.35153   1.000 30.74873 ? 57  ILE A CB  1 
ATOM   319 C CG1 . ILE A 1 78 ? -5.49827  -1.17026  8.50528   1.000 29.74731 ? 57  ILE A CG1 1 
ATOM   320 C CG2 . ILE A 1 78 ? -7.71370  -1.03013  7.34879   1.000 31.39311 ? 57  ILE A CG2 1 
ATOM   321 C CD1 . ILE A 1 78 ? -4.95289  0.26615   8.25897   1.000 31.32932 ? 57  ILE A CD1 1 
ATOM   322 N N   . ALA A 1 79 ? -7.44718  -3.93120  5.32824   1.000 31.81689 ? 58  ALA A N   1 
ATOM   323 C CA  . ALA A 1 79 ? -8.51056  -4.45413  4.47070   1.000 32.68553 ? 58  ALA A CA  1 
ATOM   324 C C   . ALA A 1 79 ? -8.99259  -5.82327  4.94433   1.000 34.83262 ? 58  ALA A C   1 
ATOM   325 O O   . ALA A 1 79 ? -10.19767 -6.09565  4.95765   1.000 34.85890 ? 58  ALA A O   1 
ATOM   326 C CB  . ALA A 1 79 ? -8.03047  -4.52055  3.01929   1.000 33.12088 ? 58  ALA A CB  1 
ATOM   327 N N   . TRP A 1 80 ? -8.07152  -6.70255  5.34051   1.000 35.21249 ? 59  TRP A N   1 
ATOM   328 C CA  . TRP A 1 80 ? -8.48654  -8.02499  5.78737   1.000 40.07462 ? 59  TRP A CA  1 
ATOM   329 C C   . TRP A 1 80 ? -9.23645  -7.95692  7.11445   1.000 45.13768 ? 59  TRP A C   1 
ATOM   330 O O   . TRP A 1 80 ? -10.21387 -8.68340  7.31919   1.000 43.35859 ? 59  TRP A O   1 
ATOM   331 C CB  . TRP A 1 80 ? -7.26913  -8.94843  5.86615   1.000 41.21422 ? 59  TRP A CB  1 
ATOM   332 C CG  . TRP A 1 80 ? -7.02859  -9.57664  4.53197   1.000 55.93056 ? 59  TRP A CG  1 
ATOM   333 C CD1 . TRP A 1 80 ? -6.13163  -9.17882  3.57737   1.000 58.87418 ? 59  TRP A CD1 1 
ATOM   334 C CD2 . TRP A 1 80 ? -7.75690  -10.67165 3.96718   1.000 57.36377 ? 59  TRP A CD2 1 
ATOM   335 N NE1 . TRP A 1 80 ? -6.23619  -9.98672  2.46574   1.000 63.43050 ? 59  TRP A NE1 1 
ATOM   336 C CE2 . TRP A 1 80 ? -7.22975  -10.90720 2.67922   1.000 62.40843 ? 59  TRP A CE2 1 
ATOM   337 C CE3 . TRP A 1 80 ? -8.79906  -11.48028 4.42969   1.000 53.10061 ? 59  TRP A CE3 1 
ATOM   338 C CZ2 . TRP A 1 80 ? -7.70483  -11.92540 1.85330   1.000 66.99251 ? 59  TRP A CZ2 1 
ATOM   339 C CZ3 . TRP A 1 80 ? -9.26814  -12.49176 3.61048   1.000 61.96451 ? 59  TRP A CZ3 1 
ATOM   340 C CH2 . TRP A 1 80 ? -8.72189  -12.70394 2.33536   1.000 64.03396 ? 59  TRP A CH2 1 
ATOM   341 N N   . ALA A 1 81 ? -8.82450  -7.06913  8.01748   1.000 42.32793 ? 60  ALA A N   1 
ATOM   342 C CA  . ALA A 1 81 ? -9.53400  -6.96419  9.28922   1.000 46.37164 ? 60  ALA A CA  1 
ATOM   343 C C   . ALA A 1 81 ? -10.94372 -6.41601  9.08884   1.000 42.28028 ? 60  ALA A C   1 
ATOM   344 O O   . ALA A 1 81 ? -11.88542 -6.84566  9.76539   1.000 47.29678 ? 60  ALA A O   1 
ATOM   345 C CB  . ALA A 1 81 ? -8.73881  -6.09246  10.26359  1.000 43.85284 ? 60  ALA A CB  1 
ATOM   346 N N   . ILE A 1 82 ? -11.11191 -5.48035  8.15247   1.000 39.14909 ? 61  ILE A N   1 
ATOM   347 C CA  . ILE A 1 82 ? -12.44908 -4.99138  7.83258   1.000 44.73516 ? 61  ILE A CA  1 
ATOM   348 C C   . ILE A 1 82 ? -13.29533 -6.11510  7.24391   1.000 47.23458 ? 61  ILE A C   1 
ATOM   349 O O   . ILE A 1 82 ? -14.49927 -6.21330  7.51451   1.000 51.24453 ? 61  ILE A O   1 
ATOM   350 C CB  . ILE A 1 82 ? -12.34810 -3.76600  6.90164   1.000 42.99888 ? 61  ILE A CB  1 
ATOM   351 C CG1 . ILE A 1 82 ? -11.82334 -2.57495  7.71167   1.000 38.25674 ? 61  ILE A CG1 1 
ATOM   352 C CG2 . ILE A 1 82 ? -13.69963 -3.42181  6.27332   1.000 42.09569 ? 61  ILE A CG2 1 
ATOM   353 C CD1 . ILE A 1 82 ? -11.31717 -1.42227  6.88620   1.000 40.15553 ? 61  ILE A CD1 1 
ATOM   354 N N   . LYS A 1 83 ? -12.67511 -7.00012  6.45853   1.000 45.44817 ? 62  LYS A N   1 
ATOM   355 C CA  . LYS A 1 83 ? -13.38939 -8.17786  5.96777   1.000 51.41576 ? 62  LYS A CA  1 
ATOM   356 C C   . LYS A 1 83 ? -13.89162 -9.03481  7.12087   1.000 58.58245 ? 62  LYS A C   1 
ATOM   357 O O   . LYS A 1 83 ? -15.02050 -9.54050  7.08266   1.000 60.69807 ? 62  LYS A O   1 
ATOM   358 C CB  . LYS A 1 83 ? -12.48689 -9.00906  5.05751   1.000 51.66646 ? 62  LYS A CB  1 
ATOM   359 C CG  . LYS A 1 83 ? -12.50782 -8.58849  3.60240   1.000 51.61781 ? 62  LYS A CG  1 
ATOM   360 N N   . LYS A 1 84 ? -13.06348 -9.21684  8.15441   1.000 56.10439 ? 63  LYS A N   1 
ATOM   361 C CA  . LYS A 1 84 ? -13.47629 -10.03947 9.28799   1.000 61.57775 ? 63  LYS A CA  1 
ATOM   362 C C   . LYS A 1 84 ? -14.62149 -9.39192  10.05319  1.000 63.85219 ? 63  LYS A C   1 
ATOM   363 O O   . LYS A 1 84 ? -15.46543 -10.09688 10.61669  1.000 69.30496 ? 63  LYS A O   1 
ATOM   364 C CB  . LYS A 1 84 ? -12.28859 -10.29897 10.21746  1.000 60.49833 ? 63  LYS A CB  1 
ATOM   365 N N   . ILE A 1 85 ? -14.67405 -8.06442  10.07301  1.000 62.91089 ? 64  ILE A N   1 
ATOM   366 C CA  . ILE A 1 85 ? -15.77797 -7.34619  10.69168  1.000 68.15560 ? 64  ILE A CA  1 
ATOM   367 C C   . ILE A 1 85 ? -17.06077 -7.57556  9.90163   1.000 71.56416 ? 64  ILE A C   1 
ATOM   368 O O   . ILE A 1 85 ? -17.80510 -8.51671  10.17470  1.000 81.16374 ? 64  ILE A O   1 
ATOM   369 C CB  . ILE A 1 85 ? -15.47246 -5.85015  10.80183  1.000 61.77297 ? 64  ILE A CB  1 
ATOM   370 C CG1 . ILE A 1 85 ? -14.35979 -5.61029  11.82162  1.000 59.80234 ? 64  ILE A CG1 1 
ATOM   371 C CG2 . ILE A 1 85 ? -16.72540 -5.07514  11.17948  1.000 67.16958 ? 64  ILE A CG2 1 
ATOM   372 C CD1 . ILE A 1 85 ? -13.46445 -4.44891  11.46480  1.000 55.16635 ? 64  ILE A CD1 1 
HETATM 373 O O   . HOH B 2 .  ? 0.14305   -7.06430  4.72627   1.000 39.26570 ? 101 HOH A O   1 
HETATM 374 O O   . HOH B 2 .  ? 1.03035   -3.47200  -6.75135  1.000 41.03559 ? 102 HOH A O   1 
HETATM 375 O O   . HOH B 2 .  ? -4.77150  -0.84815  -7.37298  1.000 43.52919 ? 103 HOH A O   1 
HETATM 376 O O   . HOH B 2 .  ? -3.86151  -5.44060  -1.74004  1.000 41.22800 ? 104 HOH A O   1 
HETATM 377 O O   . HOH B 2 .  ? -5.35492  -8.26583  9.14516   1.000 47.31772 ? 105 HOH A O   1 
HETATM 378 O O   . HOH B 2 .  ? 3.64757   -2.66767  7.74423   1.000 43.76117 ? 106 HOH A O   1 
HETATM 379 O O   . HOH B 2 .  ? -15.07222 -1.90859  -3.80739  1.000 46.34817 ? 107 HOH A O   1 
HETATM 380 O O   . HOH B 2 .  ? 5.70424   0.49628   -10.21282 1.000 47.40147 ? 108 HOH A O   1 
HETATM 381 O O   . HOH B 2 .  ? 12.61235  3.59472   5.69917   1.000 49.93070 ? 109 HOH A O   1 
HETATM 382 O O   . HOH B 2 .  ? 0.92528   -4.67016  0.47051   1.000 50.77847 ? 110 HOH A O   1 
HETATM 383 O O   . HOH B 2 .  ? -1.09369  -5.37421  -1.91905  1.000 46.34517 ? 111 HOH A O   1 
HETATM 384 O O   . HOH B 2 .  ? 2.16078   -3.79826  9.21059   1.000 58.79559 ? 112 HOH A O   1 
HETATM 385 O O   . HOH B 2 .  ? -3.78207  -9.69110  7.56128   1.000 50.57604 ? 113 HOH A O   1 
HETATM 386 O O   . HOH B 2 .  ? -7.13087  -0.68921  -8.98776  1.000 55.12760 ? 114 HOH A O   1 
# 
loop_
_atom_site_anisotrop.id 
_atom_site_anisotrop.type_symbol 
_atom_site_anisotrop.pdbx_label_atom_id 
_atom_site_anisotrop.pdbx_label_alt_id 
_atom_site_anisotrop.pdbx_label_comp_id 
_atom_site_anisotrop.pdbx_label_asym_id 
_atom_site_anisotrop.pdbx_label_seq_id 
_atom_site_anisotrop.pdbx_PDB_ins_code 
_atom_site_anisotrop.U[1][1] 
_atom_site_anisotrop.U[2][2] 
_atom_site_anisotrop.U[3][3] 
_atom_site_anisotrop.U[1][2] 
_atom_site_anisotrop.U[1][3] 
_atom_site_anisotrop.U[2][3] 
_atom_site_anisotrop.pdbx_auth_seq_id 
_atom_site_anisotrop.pdbx_auth_comp_id 
_atom_site_anisotrop.pdbx_auth_asym_id 
_atom_site_anisotrop.pdbx_auth_atom_id 
1   N N   . MET A 21 ? 0.84543 1.01359 1.25021 -0.21169 -0.00917 0.06513  0  MET A N   
2   C CA  . MET A 21 ? 0.70550 0.81442 1.07917 -0.22704 -0.03400 0.06052  0  MET A CA  
3   C C   . MET A 21 ? 0.66715 0.75180 1.01263 -0.20623 -0.06312 0.03985  0  MET A C   
4   O O   . MET A 21 ? 0.64686 0.68062 0.93944 -0.19166 -0.06633 0.03437  0  MET A O   
5   N N   . MET A 22 ? 0.66226 0.78935 1.04389 -0.20540 -0.08454 0.02953  1  MET A N   
6   C CA  . MET A 22 ? 0.63625 0.75086 0.98969 -0.18753 -0.11139 0.01128  1  MET A CA  
7   C C   . MET A 22 ? 0.54524 0.65764 0.86720 -0.15174 -0.10073 0.01272  1  MET A C   
8   O O   . MET A 22 ? 0.59918 0.68236 0.87990 -0.13637 -0.11505 0.00085  1  MET A O   
9   N N   . ALA A 23 ? 0.53809 0.68160 0.88218 -0.13866 -0.07421 0.02552  2  ALA A N   
10  C CA  . ALA A 23 ? 0.53738 0.67522 0.85878 -0.10648 -0.06285 0.02547  2  ALA A CA  
11  C C   . ALA A 23 ? 0.55351 0.63022 0.81317 -0.10008 -0.05382 0.02063  2  ALA A C   
12  O O   . ALA A 23 ? 0.50842 0.56338 0.73546 -0.07965 -0.06066 0.01405  2  ALA A O   
13  C CB  . ALA A 23 ? 0.53499 0.71687 0.90044 -0.09480 -0.03432 0.03521  2  ALA A CB  
14  N N   . ILE A 24 ? 0.58709 0.63923 0.83158 -0.11791 -0.03905 0.02655  3  ILE A N   
15  C CA  . ILE A 24 ? 0.59318 0.59377 0.78163 -0.11170 -0.03297 0.02529  3  ILE A CA  
16  C C   . ILE A 24 ? 0.54753 0.50453 0.70593 -0.11162 -0.06027 0.01495  3  ILE A C   
17  O O   . ILE A 24 ? 0.55363 0.47913 0.67234 -0.09480 -0.06295 0.00879  3  ILE A O   
18  C CB  . ILE A 24 ? 0.65206 0.64348 0.83090 -0.13151 -0.01176 0.03975  3  ILE A CB  
19  C CG1 . ILE A 24 ? 0.73062 0.75700 0.91752 -0.12284 0.02099  0.04194  3  ILE A CG1 
20  C CG2 . ILE A 24 ? 0.64601 0.58191 0.77143 -0.13175 -0.01731 0.04303  3  ILE A CG2 
21  C CD1 . ILE A 24 ? 0.83022 0.86128 1.00612 -0.14419 0.04479  0.05727  3  ILE A CD1 
22  N N   . GLU A 25 ? 0.62085 0.57795 0.80126 -0.13060 -0.08023 0.01001  4  GLU A N   
23  C CA  . GLU A 25 ? 0.60268 0.52267 0.76001 -0.12964 -0.10514 -0.00691 4  GLU A CA  
24  C C   . GLU A 25 ? 0.55764 0.49478 0.70050 -0.10579 -0.11716 -0.02016 4  GLU A C   
25  O O   . GLU A 25 ? 0.53276 0.43771 0.64019 -0.09321 -0.12604 -0.03220 4  GLU A O   
26  C CB  . GLU A 25 ? 0.67412 0.59484 0.86359 -0.15739 -0.12326 -0.01472 4  GLU A CB  
27  N N   . GLU A 26 ? 0.56091 0.55126 0.73362 -0.09875 -0.11700 -0.01545 5  GLU A N   
28  C CA  . GLU A 26 ? 0.49738 0.50630 0.65672 -0.07600 -0.12684 -0.02002 5  GLU A CA  
29  C C   . GLU A 26 ? 0.43742 0.42036 0.56436 -0.05351 -0.11012 -0.01602 5  GLU A C   
30  O O   . GLU A 26 ? 0.45770 0.42862 0.55525 -0.03879 -0.11856 -0.02336 5  GLU A O   
31  C CB  . GLU A 26 ? 0.46485 0.53651 0.66949 -0.07128 -0.12971 -0.00860 5  GLU A CB  
32  C CG  . GLU A 26 ? 0.50061 0.60868 0.73160 -0.09038 -0.15608 -0.01648 5  GLU A CG  
33  N N   . ILE A 27 ? 0.43062 0.40851 0.56279 -0.05204 -0.08572 -0.00595 6  ILE A N   
34  C CA  . ILE A 27 ? 0.41910 0.37387 0.52222 -0.03413 -0.07082 -0.00578 6  ILE A CA  
35  C C   . ILE A 27 ? 0.43208 0.33975 0.49110 -0.03423 -0.07945 -0.01440 6  ILE A C   
36  O O   . ILE A 27 ? 0.43968 0.33399 0.47456 -0.01798 -0.08100 -0.01930 6  ILE A O   
37  C CB  . ILE A 27 ? 0.42508 0.38665 0.53893 -0.03597 -0.04289 0.00112  6  ILE A CB  
38  C CG1 . ILE A 27 ? 0.40337 0.41111 0.56619 -0.02651 -0.03111 0.00706  6  ILE A CG1 
39  C CG2 . ILE A 27 ? 0.41980 0.35156 0.49618 -0.02424 -0.03040 -0.00351 6  ILE A CG2 
40  C CD1 . ILE A 27 ? 0.41125 0.43865 0.59728 -0.03525 -0.00383 0.01045  6  ILE A CD1 
41  N N   . ALA A 28 ? 0.45673 0.33923 0.51006 -0.05231 -0.08485 -0.01456 7  ALA A N   
42  C CA  . ALA A 28 ? 0.53371 0.37058 0.55353 -0.04996 -0.09321 -0.02052 7  ALA A CA  
43  C C   . ALA A 28 ? 0.47369 0.30511 0.48235 -0.03969 -0.11214 -0.03819 7  ALA A C   
44  O O   . ALA A 28 ? 0.47637 0.28728 0.45877 -0.02487 -0.11363 -0.04451 7  ALA A O   
45  C CB  . ALA A 28 ? 0.50669 0.31556 0.53151 -0.07154 -0.09608 -0.01314 7  ALA A CB  
46  N N   . GLN A 29 ? 0.52512 0.38014 0.55354 -0.04830 -0.12648 -0.04735 8  GLN A N   
47  C CA  . GLN A 29 ? 0.49010 0.34989 0.50375 -0.04036 -0.14353 -0.06677 8  GLN A CA  
48  C C   . GLN A 29 ? 0.50839 0.38996 0.50601 -0.01815 -0.13821 -0.06236 8  GLN A C   
49  O O   . GLN A 29 ? 0.49292 0.36447 0.46490 -0.00639 -0.14312 -0.07457 8  GLN A O   
50  C CB  . GLN A 29 ? 0.50029 0.39326 0.53763 -0.05615 -0.16072 -0.07660 8  GLN A CB  
51  N N   . ALA A 30 ? 0.46782 0.37974 0.48478 -0.01224 -0.12692 -0.04479 9  ALA A N   
52  C CA  . ALA A 30 ? 0.45576 0.38326 0.46479 0.00750  -0.12049 -0.03664 9  ALA A CA  
53  C C   . ALA A 30 ? 0.44845 0.34159 0.43248 0.01783  -0.10826 -0.03828 9  ALA A C   
54  O O   . ALA A 30 ? 0.41163 0.30580 0.37855 0.03099  -0.10862 -0.04003 9  ALA A O   
55  C CB  . ALA A 30 ? 0.42409 0.38471 0.46887 0.01244  -0.10949 -0.01802 9  ALA A CB  
56  N N   . ILE A 31 ? 0.41484 0.28280 0.39712 0.01089  -0.09747 -0.03588 10 ILE A N   
57  C CA  . ILE A 31 ? 0.46384 0.30470 0.42281 0.01873  -0.08914 -0.03710 10 ILE A CA  
58  C C   . ILE A 31 ? 0.48084 0.29745 0.41748 0.02276  -0.10191 -0.04971 10 ILE A C   
59  O O   . ILE A 31 ? 0.45343 0.26252 0.37479 0.03489  -0.09948 -0.05266 10 ILE A O   
60  C CB  . ILE A 31 ? 0.43534 0.26249 0.39330 0.00846  -0.07638 -0.02987 10 ILE A CB  
61  C CG1 . ILE A 31 ? 0.45360 0.30747 0.43509 0.00941  -0.05877 -0.02314 10 ILE A CG1 
62  C CG2 . ILE A 31 ? 0.47400 0.27690 0.40509 0.01405  -0.07292 -0.03094 10 ILE A CG2 
63  C CD1 . ILE A 31 ? 0.48320 0.33486 0.46298 -0.00201 -0.04278 -0.01854 10 ILE A CD1 
64  N N   . GLU A 32 ? 0.45318 0.25787 0.39257 0.01261  -0.11496 -0.05917 11 GLU A N   
65  C CA  . GLU A 32 ? 0.49120 0.27397 0.41573 0.01907  -0.12576 -0.07641 11 GLU A CA  
66  C C   . GLU A 32 ? 0.49438 0.30336 0.40713 0.03268  -0.12812 -0.08640 11 GLU A C   
67  O O   . GLU A 32 ? 0.48060 0.27977 0.37901 0.04509  -0.12748 -0.09575 11 GLU A O   
68  C CB  . GLU A 32 ? 0.50524 0.26943 0.44081 0.00425  -0.13902 -0.08958 11 GLU A CB  
69  N N   . GLU A 33 ? 0.46339 0.30995 0.38360 0.03049  -0.13108 -0.08242 12 GLU A N   
70  C CA  . GLU A 33 ? 0.47345 0.35007 0.37930 0.04191  -0.13306 -0.08571 12 GLU A CA  
71  C C   . GLU A 33 ? 0.43883 0.31720 0.34059 0.05562  -0.11874 -0.07149 12 GLU A C   
72  O O   . GLU A 33 ? 0.44788 0.33671 0.33393 0.06593  -0.11684 -0.07630 12 GLU A O   
73  C CB  . GLU A 33 ? 0.54170 0.46228 0.45873 0.03673  -0.14136 -0.07693 12 GLU A CB  
74  C CG  . GLU A 33 ? 0.59714 0.52576 0.51572 0.02161  -0.15906 -0.09659 12 GLU A CG  
75  N N   . ILE A 34 ? 0.42476 0.29617 0.34230 0.05452  -0.10742 -0.05557 13 ILE A N   
76  C CA  . ILE A 34 ? 0.41854 0.28773 0.33646 0.06415  -0.09417 -0.04604 13 ILE A CA  
77  C C   . ILE A 34 ? 0.44527 0.29054 0.34666 0.06913  -0.09356 -0.05713 13 ILE A C   
78  O O   . ILE A 34 ? 0.45382 0.30680 0.35070 0.07812  -0.08818 -0.05610 13 ILE A O   
79  C CB  . ILE A 34 ? 0.42269 0.28752 0.36079 0.06031  -0.08155 -0.03461 13 ILE A CB  
80  C CG1 . ILE A 34 ? 0.38293 0.27758 0.34735 0.06200  -0.07979 -0.02002 13 ILE A CG1 
81  C CG2 . ILE A 34 ? 0.38881 0.24188 0.32515 0.06597  -0.06934 -0.03323 13 ILE A CG2 
82  C CD1 . ILE A 34 ? 0.38763 0.28165 0.37875 0.05859  -0.06617 -0.01371 13 ILE A CD1 
83  N N   . ALA A 35 ? 0.46607 0.28393 0.36260 0.06330  -0.09931 -0.06506 14 ALA A N   
84  C CA  . ALA A 35 ? 0.51718 0.31452 0.40408 0.07041  -0.10123 -0.07239 14 ALA A CA  
85  C C   . ALA A 35 ? 0.49802 0.30426 0.37726 0.08117  -0.10576 -0.08812 14 ALA A C   
86  O O   . ALA A 35 ? 0.48796 0.29720 0.36524 0.09171  -0.10190 -0.09111 14 ALA A O   
87  C CB  . ALA A 35 ? 0.49139 0.25703 0.37825 0.06262  -0.10806 -0.07201 14 ALA A CB  
88  N N   . LYS A 36 ? 0.46227 0.27685 0.33785 0.07781  -0.11351 -0.10058 15 LYS A N   
89  C CA  . LYS A 36 ? 0.50393 0.33360 0.36774 0.08719  -0.11536 -0.12012 15 LYS A CA  
90  C C   . LYS A 36 ? 0.52017 0.38690 0.37698 0.09495  -0.10532 -0.10968 15 LYS A C   
91  O O   . LYS A 36 ? 0.48528 0.36346 0.33553 0.10564  -0.09969 -0.11940 15 LYS A O   
92  C CB  . LYS A 36 ? 0.53266 0.36932 0.39092 0.07844  -0.12667 -0.13835 15 LYS A CB  
93  N N   . ALA A 37 ? 0.46815 0.35519 0.33053 0.09001  -0.10199 -0.08850 16 ALA A N   
94  C CA  . ALA A 37 ? 0.49350 0.41182 0.35423 0.09622  -0.09228 -0.07283 16 ALA A CA  
95  C C   . ALA A 37 ? 0.44619 0.35301 0.31820 0.10127  -0.08082 -0.06531 16 ALA A C   
96  O O   . ALA A 37 ? 0.44787 0.37568 0.31815 0.10736  -0.07234 -0.06121 16 ALA A O   
97  C CB  . ALA A 37 ? 0.46788 0.40738 0.34006 0.09145  -0.09274 -0.04922 16 ALA A CB  
98  N N   . ILE A 38 ? 0.41423 0.29222 0.29719 0.09714  -0.08049 -0.06372 17 ILE A N   
99  C CA  A ILE A 38 ? 0.47677 0.34786 0.36898 0.09962  -0.07285 -0.06035 17 ILE A CA  
100 C CA  B ILE A 38 ? 0.47695 0.34733 0.36916 0.09950  -0.07301 -0.06050 17 ILE A CA  
101 C C   . ILE A 38 ? 0.48138 0.35201 0.36907 0.10879  -0.07538 -0.07521 17 ILE A C   
102 O O   . ILE A 38 ? 0.48655 0.37114 0.38314 0.11313  -0.06822 -0.07274 17 ILE A O   
103 C CB  A ILE A 38 ? 0.44101 0.28782 0.33981 0.09152  -0.07271 -0.05696 17 ILE A CB  
104 C CB  B ILE A 38 ? 0.44663 0.29196 0.34467 0.09147  -0.07342 -0.05772 17 ILE A CB  
105 C CG1 A ILE A 38 ? 0.45729 0.31000 0.36982 0.08594  -0.06478 -0.04378 17 ILE A CG1 
106 C CG1 B ILE A 38 ? 0.45803 0.30766 0.36909 0.08521  -0.06588 -0.04517 17 ILE A CG1 
107 C CG2 A ILE A 38 ? 0.48468 0.32619 0.38861 0.09200  -0.06976 -0.05863 17 ILE A CG2 
108 C CG2 B ILE A 38 ? 0.48265 0.32316 0.38590 0.09204  -0.07037 -0.05911 17 ILE A CG2 
109 C CD1 A ILE A 38 ? 0.43181 0.26678 0.34816 0.07763  -0.06164 -0.04445 17 ILE A CD1 
110 C CD1 B ILE A 38 ? 0.42548 0.28867 0.35351 0.08734  -0.05436 -0.03376 17 ILE A CD1 
111 N N   . LYS A 39 ? 0.46611 0.32165 0.34578 0.11209  -0.08490 -0.09127 18 LYS A N   
112 C CA  . LYS A 39 ? 0.45246 0.30856 0.33518 0.12454  -0.08574 -0.10700 18 LYS A CA  
113 C C   . LYS A 39 ? 0.52102 0.41454 0.39756 0.13189  -0.07587 -0.11369 18 LYS A C   
114 O O   . LYS A 39 ? 0.48981 0.39920 0.37629 0.14165  -0.06896 -0.11886 18 LYS A O   
115 C CB  . LYS A 39 ? 0.55218 0.37816 0.43395 0.12691  -0.09712 -0.12380 18 LYS A CB  
116 N N   . LYS A 40 ? 0.52223 0.43591 0.38284 0.12681  -0.07504 -0.11175 19 LYS A N   
117 C CA  . LYS A 40 ? 0.50688 0.46298 0.35524 0.13159  -0.06489 -0.11313 19 LYS A CA  
118 C C   . LYS A 40 ? 0.47073 0.44783 0.33318 0.13065  -0.05184 -0.08891 19 LYS A C   
119 O O   . LYS A 40 ? 0.46952 0.47800 0.33203 0.13657  -0.04006 -0.09041 19 LYS A O   
120 C CB  . LYS A 40 ? 0.55287 0.53118 0.37943 0.12454  -0.07017 -0.11047 19 LYS A CB  
121 C CG  . LYS A 40 ? 0.57797 0.55189 0.38710 0.12481  -0.08011 -0.14270 19 LYS A CG  
122 C CD  . LYS A 40 ? 0.70145 0.70294 0.49026 0.11479  -0.08937 -0.13865 19 LYS A CD  
123 N N   . ILE A 41 ? 0.48560 0.44667 0.36269 0.12225  -0.05222 -0.06794 20 ILE A N   
124 C CA  . ILE A 41 ? 0.46750 0.44012 0.36486 0.11894  -0.04044 -0.04810 20 ILE A CA  
125 C C   . ILE A 41 ? 0.48076 0.45180 0.39450 0.12351  -0.03757 -0.05886 20 ILE A C   
126 O O   . ILE A 41 ? 0.47719 0.47497 0.40467 0.12390  -0.02598 -0.05144 20 ILE A O   
127 C CB  . ILE A 41 ? 0.45246 0.40312 0.36540 0.10964  -0.04093 -0.03092 20 ILE A CB  
128 C CG1 . ILE A 41 ? 0.41454 0.37887 0.32181 0.10745  -0.04203 -0.01301 20 ILE A CG1 
129 C CG2 . ILE A 41 ? 0.46125 0.41361 0.40080 0.10432  -0.02987 -0.01796 20 ILE A CG2 
130 C CD1 . ILE A 41 ? 0.41381 0.35616 0.33987 0.10175  -0.04293 -0.00110 20 ILE A CD1 
131 N N   . ALA A 42 ? 0.43617 0.37927 0.35162 0.12646  -0.04869 -0.07345 21 ALA A N   
132 C CA  . ALA A 42 ? 0.50297 0.44908 0.43729 0.13208  -0.04971 -0.08063 21 ALA A CA  
133 C C   . ALA A 42 ? 0.48829 0.46631 0.42730 0.14502  -0.04135 -0.09293 21 ALA A C   
134 O O   . ALA A 42 ? 0.50640 0.50924 0.46837 0.14704  -0.03395 -0.09025 21 ALA A O   
135 C CB  . ALA A 42 ? 0.48465 0.39755 0.41793 0.13452  -0.06513 -0.08902 21 ALA A CB  
136 N N   . TRP A 43 ? 0.44558 0.42643 0.36510 0.15310  -0.04158 -0.10929 22 TRP A N   
137 C CA  . TRP A 43 ? 0.53639 0.55071 0.45841 0.16627  -0.03027 -0.12662 22 TRP A CA  
138 C C   . TRP A 43 ? 0.55535 0.61624 0.47699 0.16090  -0.01211 -0.11023 22 TRP A C   
139 O O   . TRP A 43 ? 0.53395 0.62914 0.47345 0.16809  0.00093  -0.11479 22 TRP A O   
140 C CB  . TRP A 43 ? 0.54278 0.55143 0.44033 0.17309  -0.03333 -0.15247 22 TRP A CB  
141 C CG  . TRP A 43 ? 0.63239 0.60198 0.54099 0.18349  -0.04588 -0.17448 22 TRP A CG  
142 C CD1 . TRP A 43 ? 0.74696 0.67571 0.64538 0.17779  -0.06064 -0.18005 22 TRP A CD1 
143 C CD2 . TRP A 43 ? 0.62314 0.59096 0.56107 0.20178  -0.04460 -0.19131 22 TRP A CD2 
144 N NE1 . TRP A 43 ? 0.76194 0.65985 0.68086 0.18939  -0.06843 -0.19643 22 TRP A NE1 
145 C CE2 . TRP A 43 ? 0.71621 0.63735 0.66084 0.20451  -0.05934 -0.20200 22 TRP A CE2 
146 C CE3 . TRP A 43 ? 0.64592 0.64989 0.61077 0.21454  -0.03199 -0.19483 22 TRP A CE3 
147 C CZ2 . TRP A 43 ? 0.69048 0.59989 0.66861 0.21489  -0.06159 -0.20797 22 TRP A CZ2 
148 C CZ3 . TRP A 43 ? 0.65371 0.64647 0.65235 0.23367  -0.03565 -0.21085 22 TRP A CZ3 
149 C CH2 . TRP A 43 ? 0.66727 0.61173 0.67176 0.23017  -0.05051 -0.21250 22 TRP A CH2 
150 N N   . ALA A 44 ? 0.46302 0.52779 0.36826 0.14856  -0.01053 -0.08851 23 ALA A N   
151 C CA  . ALA A 44 ? 0.48343 0.59027 0.38912 0.14228  0.00625  -0.06561 23 ALA A CA  
152 C C   . ALA A 44 ? 0.46843 0.58071 0.41212 0.13546  0.01412  -0.04892 23 ALA A C   
153 O O   . ALA A 44 ? 0.50720 0.66014 0.46389 0.13429  0.03081  -0.03974 23 ALA A O   
154 C CB  . ALA A 44 ? 0.49587 0.60164 0.38258 0.13222  0.00297  -0.04119 23 ALA A CB  
155 N N   . ILE A 45 ? 0.47381 0.54879 0.43549 0.12894  0.00285  -0.04582 24 ILE A N   
156 C CA  . ILE A 45 ? 0.51106 0.59071 0.50926 0.12009  0.00727  -0.03643 24 ILE A CA  
157 C C   . ILE A 45 ? 0.50779 0.61213 0.52753 0.13034  0.00885  -0.05361 24 ILE A C   
158 O O   . ILE A 45 ? 0.50443 0.63882 0.55553 0.12422  0.01931  -0.04528 24 ILE A O   
159 C CB  . ILE A 45 ? 0.46301 0.50004 0.46866 0.11027  -0.00555 -0.03499 24 ILE A CB  
160 C CG1 . ILE A 45 ? 0.49454 0.51534 0.49277 0.10139  -0.00212 -0.01513 24 ILE A CG1 
161 C CG2 . ILE A 45 ? 0.44567 0.48790 0.48705 0.09983  -0.00497 -0.03402 24 ILE A CG2 
162 C CD1 . ILE A 45 ? 0.51207 0.49312 0.51343 0.09397  -0.01144 -0.01840 24 ILE A CD1 
163 N N   . LYS A 46 ? 0.51842 0.61158 0.52777 0.14614  -0.00113 -0.07672 25 LYS A N   
164 C CA  . LYS A 46 ? 0.53824 0.65867 0.57302 0.16096  0.00197  -0.09298 25 LYS A CA  
165 C C   . LYS A 46 ? 0.56178 0.73638 0.60177 0.16453  0.02560  -0.09229 25 LYS A C   
166 O O   . LYS A 46 ? 0.58786 0.79978 0.66422 0.16685  0.03508  -0.09205 25 LYS A O   
167 C CB  . LYS A 46 ? 0.54038 0.63535 0.56448 0.17920  -0.01012 -0.11716 25 LYS A CB  
168 C CG  . LYS A 46 ? 0.48376 0.53387 0.51011 0.17784  -0.03269 -0.11578 25 LYS A CG  
169 C CD  . LYS A 46 ? 0.55611 0.59138 0.59417 0.19910  -0.04228 -0.13555 25 LYS A CD  
170 N N   . LYS A 47 ? 0.53703 0.72242 0.54082 0.16449  0.03532  -0.09192 26 LYS A N   
171 C CA  . LYS A 47 ? 0.56693 0.80997 0.56786 0.16685  0.05950  -0.09041 26 LYS A CA  
172 C C   . LYS A 47 ? 0.56925 0.83968 0.59211 0.14832  0.07328  -0.05592 26 LYS A C   
173 O O   . LYS A 47 ? 0.56102 0.88346 0.60323 0.14823  0.09394  -0.05139 26 LYS A O   
174 C CB  . LYS A 47 ? 0.58602 0.83872 0.53663 0.16951  0.06389  -0.09860 26 LYS A CB  
175 N N   . ILE A 48 ? 0.53614 0.77233 0.56074 0.13229  0.06376  -0.03207 27 ILE A N   
176 C CA  . ILE A 48 ? 0.55638 0.80802 0.61219 0.11356  0.07550  -0.00093 27 ILE A CA  
177 C C   . ILE A 48 ? 0.53721 0.80285 0.64337 0.11030  0.07557  -0.00848 27 ILE A C   
178 O O   . ILE A 48 ? 0.59391 0.90081 0.73208 0.10024  0.09309  0.00696  27 ILE A O   
179 C CB  . ILE A 48 ? 0.58485 0.79061 0.63747 0.09972  0.06526  0.02056  27 ILE A CB  
180 C CG1 . ILE A 48 ? 0.50995 0.71677 0.52066 0.10183  0.06634  0.03577  27 ILE A CG1 
181 C CG2 . ILE A 48 ? 0.49166 0.70173 0.58749 0.07964  0.07576  0.04781  27 ILE A CG2 
182 C CD1 . ILE A 48 ? 0.58829 0.74946 0.59893 0.09367  0.05482  0.05319  27 ILE A CD1 
183 N N   . ALA A 49 ? 0.47338 0.70944 0.58849 0.11777  0.05535  -0.03020 28 ALA A N   
184 C CA  . ALA A 49 ? 0.52938 0.78394 0.69189 0.11516  0.05046  -0.03717 28 ALA A CA  
185 C C   . ALA A 49 ? 0.57070 0.88377 0.75760 0.12906  0.06647  -0.04745 28 ALA A C   
186 O O   . ALA A 49 ? 0.51680 0.86729 0.75176 0.12155  0.07211  -0.04307 28 ALA A O   
187 C CB  . ALA A 49 ? 0.50223 0.71818 0.66215 0.12246  0.02388  -0.05481 28 ALA A CB  
188 N N   . GLN A 50 ? 0.50817 0.83245 0.66558 0.14872  0.07468  -0.06376 29 GLN A N   
189 C CA  . GLN A 50 ? 0.53020 0.91316 0.71023 0.16373  0.09466  -0.07756 29 GLN A CA  
190 C C   . GLN A 50 ? 0.54000 0.97708 0.72864 0.14812  0.12336  -0.05349 29 GLN A C   
191 O O   . GLN A 50 ? 0.54536 1.03724 0.77833 0.14846  0.13966  -0.05312 29 GLN A O   
192 C CB  . GLN A 50 ? 0.57415 0.95108 0.71847 0.18761  0.09704  -0.10710 29 GLN A CB  
193 N N   . GLN A 51 ? 0.54243 0.96807 0.69270 0.13421  0.12982  -0.03014 30 GLN A N   
194 C CA  . GLN A 51 ? 0.60455 1.07826 0.76000 0.11768  0.15620  0.00108  30 GLN A CA  
195 C C   . GLN A 51 ? 0.65734 1.13623 0.86854 0.09375  0.15865  0.02729  30 GLN A C   
196 O O   . GLN A 51 ? 0.64617 1.07612 0.87392 0.08369  0.13753  0.02872  30 GLN A O   
197 N N   . LYS A 58 ? 0.58218 0.91270 0.95027 0.03477  0.03691  -0.02210 37 LYS A N   
198 C CA  . LYS A 58 ? 0.53212 0.83231 0.84607 0.06011  0.03035  -0.03086 37 LYS A CA  
199 C C   . LYS A 58 ? 0.50183 0.77555 0.80131 0.06977  0.00114  -0.04977 37 LYS A C   
200 O O   . LYS A 58 ? 0.48819 0.72392 0.74371 0.08436  -0.00743 -0.05581 37 LYS A O   
201 N N   . ALA A 59 ? 0.49772 0.79520 0.83530 0.05990  -0.01493 -0.05717 38 ALA A N   
202 C CA  . ALA A 59 ? 0.46604 0.74583 0.78951 0.06681  -0.04452 -0.06995 38 ALA A CA  
203 C C   . ALA A 59 ? 0.48374 0.70495 0.76327 0.05453  -0.05392 -0.07308 38 ALA A C   
204 O O   . ALA A 59 ? 0.49255 0.68442 0.73604 0.06706  -0.06981 -0.07827 38 ALA A O   
205 C CB  . ALA A 59 ? 0.53932 0.86427 0.91245 0.05451  -0.06143 -0.07529 38 ALA A CB  
206 N N   . ALA A 60 ? 0.42843 0.63201 0.71453 0.03017  -0.04289 -0.06945 39 ALA A N   
207 C CA  . ALA A 60 ? 0.45625 0.60653 0.70651 0.02031  -0.04759 -0.07478 39 ALA A CA  
208 C C   . ALA A 60 ? 0.50282 0.61890 0.71092 0.03710  -0.03724 -0.06587 39 ALA A C   
209 O O   . ALA A 60 ? 0.49693 0.57647 0.66787 0.04121  -0.04695 -0.07190 39 ALA A O   
210 C CB  . ALA A 60 ? 0.47560 0.61389 0.75411 -0.00834 -0.03703 -0.07516 39 ALA A CB  
211 N N   . ILE A 61 ? 0.46730 0.59946 0.68025 0.04529  -0.01761 -0.05136 40 ILE A N   
212 C CA  . ILE A 61 ? 0.48318 0.59088 0.65638 0.05950  -0.00993 -0.04386 40 ILE A CA  
213 C C   . ILE A 61 ? 0.47022 0.57072 0.61409 0.08167  -0.02407 -0.05616 40 ILE A C   
214 O O   . ILE A 61 ? 0.47528 0.54180 0.58306 0.08843  -0.02842 -0.05755 40 ILE A O   
215 C CB  . ILE A 61 ? 0.47681 0.61362 0.65852 0.06170  0.01321  -0.02540 40 ILE A CB  
216 C CG1 . ILE A 61 ? 0.55575 0.69081 0.76944 0.03851  0.02722  -0.00689 40 ILE A CG1 
217 C CG2 . ILE A 61 ? 0.47321 0.59417 0.61105 0.07628  0.01770  -0.02007 40 ILE A CG2 
218 C CD1 . ILE A 61 ? 0.55419 0.72213 0.77592 0.03785  0.05061  0.01881  40 ILE A CD1 
219 N N   . GLU A 62 ? 0.44416 0.57651 0.60888 0.09337  -0.03134 -0.06425 41 GLU A N   
220 C CA  . GLU A 62 ? 0.47083 0.59097 0.61683 0.11481  -0.04580 -0.07439 41 GLU A CA  
221 C C   . GLU A 62 ? 0.51044 0.59345 0.63329 0.10886  -0.06700 -0.07741 41 GLU A C   
222 O O   . GLU A 62 ? 0.50891 0.56143 0.60241 0.12016  -0.07511 -0.07981 41 GLU A O   
223 C CB  . GLU A 62 ? 0.47536 0.63886 0.65947 0.12995  -0.04957 -0.08038 41 GLU A CB  
224 N N   . GLU A 63 ? 0.45155 0.53883 0.58712 0.08947  -0.07565 -0.07840 42 GLU A N   
225 C CA  . GLU A 63 ? 0.46489 0.52281 0.57242 0.08144  -0.09295 -0.08229 42 GLU A CA  
226 C C   . GLU A 63 ? 0.45938 0.47458 0.53171 0.07706  -0.08358 -0.08076 42 GLU A C   
227 O O   . GLU A 63 ? 0.45460 0.44288 0.49606 0.08060  -0.09356 -0.08123 42 GLU A O   
228 C CB  . GLU A 63 ? 0.53092 0.60594 0.65654 0.05867  -0.10198 -0.08944 42 GLU A CB  
229 N N   . ILE A 64 ? 0.39496 0.40607 0.47519 0.06929  -0.06446 -0.07589 43 ILE A N   
230 C CA  . ILE A 64 ? 0.46693 0.44341 0.52158 0.06750  -0.05608 -0.07189 43 ILE A CA  
231 C C   . ILE A 64 ? 0.43675 0.40201 0.46504 0.08567  -0.05819 -0.06930 43 ILE A C   
232 O O   . ILE A 64 ? 0.45005 0.38690 0.45232 0.08608  -0.06278 -0.07009 43 ILE A O   
233 C CB  . ILE A 64 ? 0.43813 0.41594 0.51340 0.05786  -0.03669 -0.06116 43 ILE A CB  
234 C CG1 . ILE A 64 ? 0.44928 0.42900 0.55456 0.03684  -0.03505 -0.06811 43 ILE A CG1 
235 C CG2 . ILE A 64 ? 0.39261 0.34076 0.44717 0.06002  -0.02961 -0.05350 43 ILE A CG2 
236 C CD1 . ILE A 64 ? 0.45287 0.43402 0.59042 0.02616  -0.01635 -0.05419 43 ILE A CD1 
237 N N   . ALA A 65 ? 0.41168 0.40077 0.44835 0.09985  -0.05384 -0.06867 44 ALA A N   
238 C CA  . ALA A 65 ? 0.48724 0.46527 0.50089 0.11561  -0.05525 -0.07234 44 ALA A CA  
239 C C   . ALA A 65 ? 0.46231 0.41679 0.46320 0.12305  -0.07356 -0.07869 44 ALA A C   
240 O O   . ALA A 65 ? 0.45171 0.37938 0.42953 0.12654  -0.07741 -0.08032 44 ALA A O   
241 C CB  . ALA A 65 ? 0.47772 0.48974 0.50385 0.12948  -0.04476 -0.07648 44 ALA A CB  
242 N N   . GLN A 66 ? 0.48255 0.44875 0.50047 0.12448  -0.08606 -0.07968 45 GLN A N   
243 C CA  . GLN A 66 ? 0.44496 0.39023 0.45233 0.13137  -0.10475 -0.07843 45 GLN A CA  
244 C C   . GLN A 66 ? 0.47485 0.39188 0.45324 0.11567  -0.11020 -0.07338 45 GLN A C   
245 O O   . GLN A 66 ? 0.49221 0.38221 0.45164 0.11881  -0.11864 -0.06930 45 GLN A O   
246 C CB  . GLN A 66 ? 0.49762 0.47038 0.53283 0.13737  -0.11906 -0.07622 45 GLN A CB  
247 N N   . ALA A 67 ? 0.43428 0.35715 0.41188 0.09818  -0.10374 -0.07465 46 ALA A N   
248 C CA  . ALA A 67 ? 0.51135 0.41115 0.46331 0.08413  -0.10364 -0.07436 46 ALA A CA  
249 C C   . ALA A 67 ? 0.47302 0.34891 0.41009 0.08621  -0.09315 -0.07209 46 ALA A C   
250 O O   . ALA A 67 ? 0.44500 0.30012 0.36076 0.08164  -0.09623 -0.06931 46 ALA A O   
251 C CB  . ALA A 67 ? 0.50000 0.40985 0.46136 0.06616  -0.09622 -0.08215 46 ALA A CB  
252 N N   . ILE A 68 ? 0.43013 0.31367 0.37858 0.09146  -0.08079 -0.07158 47 ILE A N   
253 C CA  . ILE A 68 ? 0.45130 0.32001 0.38727 0.09297  -0.07392 -0.06839 47 ILE A CA  
254 C C   . ILE A 68 ? 0.50347 0.35668 0.42522 0.10256  -0.08410 -0.07061 47 ILE A C   
255 O O   . ILE A 68 ? 0.45727 0.29206 0.36540 0.09844  -0.08507 -0.06863 47 ILE A O   
256 C CB  . ILE A 68 ? 0.44560 0.33301 0.39430 0.09578  -0.06055 -0.06349 47 ILE A CB  
257 C CG1 . ILE A 68 ? 0.46967 0.35935 0.43648 0.08338  -0.04973 -0.05836 47 ILE A CG1 
258 C CG2 . ILE A 68 ? 0.42358 0.30567 0.35807 0.09988  -0.05830 -0.05987 47 ILE A CG2 
259 C CD1 . ILE A 68 ? 0.52052 0.43012 0.50519 0.08414  -0.03680 -0.04674 47 ILE A CD1 
260 N N   . GLU A 69 ? 0.46329 0.32318 0.39356 0.11519  -0.09162 -0.07537 48 GLU A N   
261 C CA  . GLU A 69 ? 0.51545 0.35348 0.43948 0.12444  -0.10177 -0.07906 48 GLU A CA  
262 C C   . GLU A 69 ? 0.53790 0.35082 0.44921 0.11610  -0.11302 -0.06911 48 GLU A C   
263 O O   . GLU A 69 ? 0.49498 0.28300 0.39754 0.11475  -0.11730 -0.06791 48 GLU A O   
264 C CB  . GLU A 69 ? 0.51566 0.36511 0.46009 0.14216  -0.10650 -0.08662 48 GLU A CB  
265 C CG  . GLU A 69 ? 0.64617 0.46816 0.59172 0.15334  -0.11470 -0.09412 48 GLU A CG  
266 N N   . GLU A 70 ? 0.46292 0.28483 0.37282 0.10895  -0.11835 -0.06184 49 GLU A N   
267 C CA  . GLU A 70 ? 0.52422 0.32972 0.41548 0.09903  -0.12754 -0.04999 49 GLU A CA  
268 C C   . GLU A 70 ? 0.48250 0.27688 0.35643 0.08452  -0.11644 -0.04963 49 GLU A C   
269 O O   . GLU A 70 ? 0.48952 0.26552 0.34983 0.07788  -0.12006 -0.04026 49 GLU A O   
270 C CB  . GLU A 70 ? 0.53405 0.36058 0.42258 0.09256  -0.13610 -0.04529 49 GLU A CB  
271 N N   . ILE A 71 ? 0.45400 0.26045 0.33313 0.07973  -0.10230 -0.05755 50 ILE A N   
272 C CA  . ILE A 71 ? 0.49375 0.29315 0.36595 0.06955  -0.09081 -0.05733 50 ILE A CA  
273 C C   . ILE A 71 ? 0.50009 0.28580 0.37262 0.07310  -0.09234 -0.05517 50 ILE A C   
274 O O   . ILE A 71 ? 0.47523 0.25066 0.34068 0.06415  -0.09039 -0.05017 50 ILE A O   
275 C CB  . ILE A 71 ? 0.47950 0.29244 0.36653 0.06690  -0.07633 -0.06341 50 ILE A CB  
276 C CG1 . ILE A 71 ? 0.47110 0.29332 0.35819 0.05745  -0.07391 -0.07051 50 ILE A CG1 
277 C CG2 . ILE A 71 ? 0.45202 0.26020 0.34310 0.06242  -0.06467 -0.06140 50 ILE A CG2 
278 C CD1 . ILE A 71 ? 0.46657 0.29759 0.37784 0.05549  -0.06103 -0.07611 50 ILE A CD1 
279 N N   . ALA A 72 ? 0.46294 0.25199 0.34433 0.08473  -0.09525 -0.06094 51 ALA A N   
280 C CA  . ALA A 72 ? 0.49915 0.27718 0.37981 0.08632  -0.09893 -0.06459 51 ALA A CA  
281 C C   . ALA A 72 ? 0.56552 0.31618 0.44200 0.08295  -0.10993 -0.05980 51 ALA A C   
282 O O   . ALA A 72 ? 0.49278 0.23124 0.36845 0.07396  -0.11104 -0.05790 51 ALA A O   
283 C CB  . ALA A 72 ? 0.50233 0.29240 0.38865 0.09930  -0.09940 -0.07657 51 ALA A CB  
284 N N   . LYS A 73 ? 0.50472 0.24695 0.38285 0.08972  -0.11895 -0.05525 52 LYS A N   
285 C CA  . LYS A 73 ? 0.60392 0.31825 0.48124 0.08684  -0.13014 -0.04331 52 LYS A CA  
286 C C   . LYS A 73 ? 0.52975 0.24088 0.39132 0.06858  -0.12636 -0.02763 52 LYS A C   
287 O O   . LYS A 73 ? 0.52952 0.21928 0.39199 0.05962  -0.12960 -0.01847 52 LYS A O   
288 C CB  . LYS A 73 ? 0.58088 0.29423 0.46585 0.09899  -0.14162 -0.03567 52 LYS A CB  
289 C CG  . LYS A 73 ? 0.71589 0.42532 0.62341 0.11877  -0.14536 -0.05100 52 LYS A CG  
290 N N   . ALA A 74 ? 0.51264 0.24554 0.36162 0.06181  -0.11824 -0.02588 53 ALA A N   
291 C CA  . ALA A 74 ? 0.57425 0.31036 0.40629 0.04500  -0.11086 -0.01533 53 ALA A CA  
292 C C   . ALA A 74 ? 0.50618 0.24361 0.34594 0.03660  -0.09874 -0.01984 53 ALA A C   
293 O O   . ALA A 74 ? 0.51338 0.24711 0.34748 0.02314  -0.09417 -0.00904 53 ALA A O   
294 C CB  . ALA A 74 ? 0.54090 0.30084 0.35919 0.04015  -0.10393 -0.02041 53 ALA A CB  
295 N N   . ILE A 75 ? 0.48098 0.22897 0.33507 0.04373  -0.09318 -0.03311 54 ILE A N   
296 C CA  . ILE A 75 ? 0.49812 0.25360 0.36438 0.03756  -0.08488 -0.03507 54 ILE A CA  
297 C C   . ILE A 75 ? 0.47999 0.21817 0.35351 0.03247  -0.09468 -0.03245 54 ILE A C   
298 O O   . ILE A 75 ? 0.48307 0.22464 0.36483 0.02010  -0.09014 -0.02720 54 ILE A O   
299 C CB  . ILE A 75 ? 0.46504 0.23881 0.34444 0.04720  -0.07938 -0.04420 54 ILE A CB  
300 C CG1 . ILE A 75 ? 0.49893 0.28508 0.37937 0.04697  -0.06645 -0.04633 54 ILE A CG1 
301 C CG2 . ILE A 75 ? 0.48713 0.27322 0.38291 0.04385  -0.07701 -0.04361 54 ILE A CG2 
302 C CD1 . ILE A 75 ? 0.56723 0.36750 0.46393 0.05578  -0.06054 -0.04940 54 ILE A CD1 
303 N N   . LYS A 76 ? 0.47170 0.19103 0.34661 0.04117  -0.10759 -0.03758 55 LYS A N   
304 C CA  . LYS A 76 ? 0.49631 0.19227 0.38178 0.03455  -0.11708 -0.03851 55 LYS A CA  
305 C C   . LYS A 76 ? 0.54552 0.22274 0.42827 0.02001  -0.11786 -0.01747 55 LYS A C   
306 O O   . LYS A 76 ? 0.56346 0.23100 0.45867 0.00547  -0.11882 -0.01305 55 LYS A O   
307 C CB  . LYS A 76 ? 0.51109 0.18837 0.40254 0.04909  -0.12829 -0.05274 55 LYS A CB  
308 C CG  . LYS A 76 ? 0.63200 0.27763 0.53924 0.04225  -0.13845 -0.05938 55 LYS A CG  
309 N N   . LYS A 77 ? 0.53271 0.20852 0.39930 0.02181  -0.11795 -0.00261 56 LYS A N   
310 C CA  . LYS A 77 ? 0.59292 0.25851 0.45049 0.00654  -0.11740 0.02251  56 LYS A CA  
311 C C   . LYS A 77 ? 0.56703 0.25607 0.42174 -0.01066 -0.10066 0.02643  56 LYS A C   
312 O O   . LYS A 77 ? 0.58031 0.26201 0.43916 -0.02755 -0.09785 0.04355  56 LYS A O   
313 C CB  . LYS A 77 ? 0.61620 0.28712 0.45151 0.01135  -0.12204 0.03737  56 LYS A CB  
314 N N   . ILE A 78 ? 0.55617 0.27396 0.40834 -0.00642 -0.08812 0.01181  57 ILE A N   
315 C CA  . ILE A 78 ? 0.52993 0.27250 0.38770 -0.01866 -0.07020 0.01222  57 ILE A CA  
316 C C   . ILE A 78 ? 0.52107 0.26356 0.40769 -0.02669 -0.07195 0.01056  57 ILE A C   
317 O O   . ILE A 78 ? 0.52689 0.27984 0.42337 -0.04306 -0.06241 0.02122  57 ILE A O   
318 C CB  . ILE A 78 ? 0.51434 0.28160 0.37236 -0.00919 -0.05731 -0.00419 57 ILE A CB  
319 C CG1 . ILE A 78 ? 0.50899 0.28285 0.33843 -0.00957 -0.05249 -0.00430 57 ILE A CG1 
320 C CG2 . ILE A 78 ? 0.50718 0.29924 0.38638 -0.01595 -0.03967 -0.00746 57 ILE A CG2 
321 C CD1 . ILE A 78 ? 0.52291 0.31065 0.35681 0.00098  -0.04414 -0.02368 57 ILE A CD1 
322 N N   . ALA A 79 ? 0.52434 0.25977 0.42478 -0.01677 -0.08412 -0.00359 58 ALA A N   
323 C CA  . ALA A 79 ? 0.52536 0.26484 0.45170 -0.02619 -0.08964 -0.00849 58 ALA A CA  
324 C C   . ALA A 79 ? 0.55810 0.27187 0.49351 -0.04445 -0.09567 0.00474  58 ALA A C   
325 O O   . ALA A 79 ? 0.54678 0.27319 0.50452 -0.06163 -0.09185 0.00973  58 ALA A O   
326 C CB  . ALA A 79 ? 0.53009 0.26763 0.46071 -0.01336 -0.10313 -0.02805 58 ALA A CB  
327 N N   . TRP A 80 ? 0.57862 0.25691 0.50238 -0.04130 -0.10527 0.01284  59 TRP A N   
328 C CA  . TRP A 80 ? 0.64585 0.29347 0.58333 -0.05858 -0.11132 0.02976  59 TRP A CA  
329 C C   . TRP A 80 ? 0.70711 0.37025 0.63767 -0.07737 -0.09600 0.05735  59 TRP A C   
330 O O   . TRP A 80 ? 0.67899 0.33737 0.63108 -0.09878 -0.09376 0.07039  59 TRP A O   
331 C CB  . TRP A 80 ? 0.67598 0.28102 0.60895 -0.04680 -0.12576 0.03442  59 TRP A CB  
332 C CG  . TRP A 80 ? 0.86304 0.44589 0.81617 -0.03867 -0.13920 0.00640  59 TRP A CG  
333 C CD1 . TRP A 80 ? 0.90070 0.48935 0.84690 -0.01726 -0.14398 -0.01912 59 TRP A CD1 
334 C CD2 . TRP A 80 ? 0.87999 0.43629 0.86329 -0.05419 -0.14791 -0.00249 59 TRP A CD2 
335 N NE1 . TRP A 80 ? 0.95859 0.52726 0.92423 -0.01733 -0.15448 -0.04498 59 TRP A NE1 
336 C CE2 . TRP A 80 ? 0.94497 0.49179 0.93447 -0.04020 -0.15808 -0.03730 59 TRP A CE2 
337 C CE3 . TRP A 80 ? 0.82319 0.36429 0.83010 -0.08037 -0.14734 0.01472  59 TRP A CE3 
338 C CZ2 . TRP A 80 ? 0.99879 0.53172 1.01490 -0.05021 -0.16429 -0.05845 59 TRP A CZ2 
339 C CZ3 . TRP A 80 ? 0.93414 0.44706 0.97316 -0.09259 -0.15882 -0.00484 59 TRP A CZ3 
340 C CH2 . TRP A 80 ? 0.95843 0.47481 0.99977 -0.07597 -0.16458 -0.04301 59 TRP A CH2 
341 N N   . ALA A 81 ? 0.67383 0.35930 0.57513 -0.07158 -0.08409 0.06460  60 ALA A N   
342 C CA  . ALA A 81 ? 0.72195 0.42902 0.61095 -0.08972 -0.06664 0.08721  60 ALA A CA  
343 C C   . ALA A 81 ? 0.64969 0.39280 0.56397 -0.10160 -0.04971 0.07948  60 ALA A C   
344 O O   . ALA A 81 ? 0.70593 0.46136 0.62977 -0.12288 -0.03774 0.09847  60 ALA A O   
345 C CB  . ALA A 81 ? 0.69687 0.42314 0.54621 -0.08135 -0.05827 0.08930  60 ALA A CB  
346 N N   . ILE A 82 ? 0.59844 0.36153 0.52752 -0.08804 -0.04852 0.05462  61 ILE A N   
347 C CA  . ILE A 82 ? 0.64596 0.44546 0.60833 -0.09614 -0.03611 0.04879  61 ILE A CA  
348 C C   . ILE A 82 ? 0.66941 0.45926 0.66603 -0.11455 -0.04766 0.05395  61 ILE A C   
349 O O   . ILE A 82 ? 0.70165 0.51912 0.72629 -0.13245 -0.03587 0.06258  61 ILE A O   
350 C CB  . ILE A 82 ? 0.61349 0.43410 0.58617 -0.07560 -0.03591 0.02666  61 ILE A CB  
351 C CG1 . ILE A 82 ? 0.55676 0.39109 0.50574 -0.06400 -0.01836 0.02132  61 ILE A CG1 
352 C CG2 . ILE A 82 ? 0.57519 0.43261 0.59164 -0.08094 -0.03112 0.02264  61 ILE A CG2 
353 C CD1 . ILE A 82 ? 0.57670 0.41798 0.53106 -0.04262 -0.02022 0.00391  61 ILE A CD1 
354 N N   . LYS A 83 ? 0.65911 0.41064 0.65707 -0.11152 -0.06992 0.04680  62 LYS A N   
355 C CA  . LYS A 83 ? 0.72939 0.46400 0.76018 -0.13188 -0.08207 0.04810  62 LYS A CA  
356 C C   . LYS A 83 ? 0.82200 0.54500 0.85886 -0.15661 -0.07241 0.07904  62 LYS A C   
357 O O   . LYS A 83 ? 0.83257 0.56848 0.90519 -0.18033 -0.06956 0.08592  62 LYS A O   
358 C CB  . LYS A 83 ? 0.74828 0.43801 0.77680 -0.12267 -0.10488 0.03121  62 LYS A CB  
359 C CG  . LYS A 83 ? 0.73914 0.44638 0.77573 -0.11092 -0.11732 0.00000  62 LYS A CG  
360 N N   . LYS A 84 ? 0.80874 0.51099 0.81198 -0.15283 -0.06802 0.10043  63 LYS A N   
361 C CA  . LYS A 84 ? 0.88091 0.57410 0.88467 -0.17669 -0.05893 0.13660  63 LYS A CA  
362 C C   . LYS A 84 ? 0.88978 0.63759 0.89872 -0.19256 -0.03189 0.14724  63 LYS A C   
363 O O   . LYS A 84 ? 0.95038 0.70353 0.97937 -0.21934 -0.02244 0.17246  63 LYS A O   
364 C CB  . LYS A 84 ? 0.88958 0.55665 0.85243 -0.16728 -0.06272 0.15973  63 LYS A CB  
365 N N   . ILE A 85 ? 0.86869 0.65713 0.86451 -0.17665 -0.01779 0.12812  64 ILE A N   
366 C CA  . ILE A 85 ? 0.91276 0.75595 0.92090 -0.18710 0.01018  0.13075  64 ILE A CA  
367 C C   . ILE A 85 ? 0.92864 0.79551 0.99496 -0.20157 0.00915  0.12433  64 ILE A C   
368 O O   . ILE A 85 ? 1.04187 0.90759 1.13438 -0.22862 0.01157  0.14504  64 ILE A O   
369 C CB  . ILE A 85 ? 0.82838 0.70192 0.81680 -0.16380 0.02426  0.10747  64 ILE A CB  
370 C CG1 . ILE A 85 ? 0.82625 0.68824 0.75772 -0.15636 0.02831  0.11451  64 ILE A CG1 
371 C CG2 . ILE A 85 ? 0.86832 0.79864 0.88518 -0.17030 0.05300  0.10270  64 ILE A CG2 
372 C CD1 . ILE A 85 ? 0.77377 0.63569 0.68661 -0.12974 0.02525  0.08698  64 ILE A CD1 
# 
